data_2UUZ
# 
_entry.id   2UUZ 
# 
_audit_conform.dict_name       mmcif_pdbx.dic 
_audit_conform.dict_version    5.391 
_audit_conform.dict_location   http://mmcif.pdb.org/dictionaries/ascii/mmcif_pdbx.dic 
# 
loop_
_database_2.database_id 
_database_2.database_code 
_database_2.pdbx_database_accession 
_database_2.pdbx_DOI 
PDB   2UUZ         pdb_00002uuz 10.2210/pdb2uuz/pdb 
PDBE  EBI-31803    ?            ?                   
WWPDB D_1290031803 ?            ?                   
# 
loop_
_pdbx_audit_revision_history.ordinal 
_pdbx_audit_revision_history.data_content_type 
_pdbx_audit_revision_history.major_revision 
_pdbx_audit_revision_history.minor_revision 
_pdbx_audit_revision_history.revision_date 
1 'Structure model' 1 0 2007-06-12 
2 'Structure model' 1 1 2011-05-08 
3 'Structure model' 1 2 2011-07-13 
4 'Structure model' 1 3 2024-05-08 
# 
_pdbx_audit_revision_details.ordinal             1 
_pdbx_audit_revision_details.revision_ordinal    1 
_pdbx_audit_revision_details.data_content_type   'Structure model' 
_pdbx_audit_revision_details.provider            repository 
_pdbx_audit_revision_details.type                'Initial release' 
_pdbx_audit_revision_details.description         ? 
_pdbx_audit_revision_details.details             ? 
# 
loop_
_pdbx_audit_revision_group.ordinal 
_pdbx_audit_revision_group.revision_ordinal 
_pdbx_audit_revision_group.data_content_type 
_pdbx_audit_revision_group.group 
1 2 'Structure model' 'Version format compliance' 
2 3 'Structure model' 'Version format compliance' 
3 4 'Structure model' 'Data collection'           
4 4 'Structure model' 'Database references'       
5 4 'Structure model' Other                       
# 
loop_
_pdbx_audit_revision_category.ordinal 
_pdbx_audit_revision_category.revision_ordinal 
_pdbx_audit_revision_category.data_content_type 
_pdbx_audit_revision_category.category 
1 4 'Structure model' chem_comp_atom       
2 4 'Structure model' chem_comp_bond       
3 4 'Structure model' database_2           
4 4 'Structure model' pdbx_database_status 
# 
loop_
_pdbx_audit_revision_item.ordinal 
_pdbx_audit_revision_item.revision_ordinal 
_pdbx_audit_revision_item.data_content_type 
_pdbx_audit_revision_item.item 
1 4 'Structure model' '_database_2.pdbx_DOI'                 
2 4 'Structure model' '_database_2.pdbx_database_accession'  
3 4 'Structure model' '_pdbx_database_status.status_code_sf' 
# 
_pdbx_database_status.status_code                     REL 
_pdbx_database_status.entry_id                        2UUZ 
_pdbx_database_status.deposit_site                    PDBE 
_pdbx_database_status.process_site                    PDBE 
_pdbx_database_status.SG_entry                        . 
_pdbx_database_status.recvd_initial_deposition_date   2007-03-08 
_pdbx_database_status.pdb_format_compatible           Y 
_pdbx_database_status.status_code_sf                  REL 
_pdbx_database_status.status_code_mr                  ? 
_pdbx_database_status.status_code_cs                  ? 
_pdbx_database_status.methods_development_category    ? 
_pdbx_database_status.status_code_nmr_data            ? 
# 
_pdbx_database_related.db_name        PDB 
_pdbx_database_related.db_id          2UV1 
_pdbx_database_related.content_type   unspecified 
_pdbx_database_related.details        'HEXGAONAL CRYSTAL FORM OF GAMS FROM BACTERIOPHAGE LAMBDA.' 
# 
loop_
_audit_author.name 
_audit_author.pdbx_ordinal 
'Court, R.I.'     1 
'Cook, N.'        2 
'Saikrishnan, K.' 3 
'Wigley, D.B.'    4 
# 
_citation.id                        primary 
_citation.title                     'The Crystal Structure of Lambda-Gam Protein Suggests a Model for Recbcd Inhibition.' 
_citation.journal_abbrev            J.Mol.Biol. 
_citation.journal_volume            371 
_citation.page_first                25 
_citation.page_last                 ? 
_citation.year                      2007 
_citation.journal_id_ASTM           JMOBAK 
_citation.country                   UK 
_citation.journal_id_ISSN           0022-2836 
_citation.journal_id_CSD            0070 
_citation.book_publisher            ? 
_citation.pdbx_database_id_PubMed   17544443 
_citation.pdbx_database_id_DOI      10.1016/J.JMB.2007.05.037 
# 
loop_
_citation_author.citation_id 
_citation_author.name 
_citation_author.ordinal 
_citation_author.identifier_ORCID 
primary 'Court, R.I.'     1 ? 
primary 'Cook, N.'        2 ? 
primary 'Saikrishnan, K.' 3 ? 
primary 'Wigley, D.B.'    4 ? 
# 
loop_
_entity.id 
_entity.type 
_entity.src_method 
_entity.pdbx_description 
_entity.formula_weight 
_entity.pdbx_number_of_molecules 
_entity.pdbx_ec 
_entity.pdbx_mutation 
_entity.pdbx_fragment 
_entity.details 
1 polymer man 'HOST-NUCLEASE INHIBITOR PROTEIN GAM' 11733.002 2  ? ? 'RESIDUES 40-138' ? 
2 water   nat water                                 18.015    91 ? ? ?                 ? 
# 
_entity_name_com.entity_id   1 
_entity_name_com.name        GAMS 
# 
_entity_poly.entity_id                      1 
_entity_poly.type                           'polypeptide(L)' 
_entity_poly.nstd_linkage                   no 
_entity_poly.nstd_monomer                   no 
_entity_poly.pdbx_seq_one_letter_code       
;AMNAYYIQDRLEAQSWARHYQQLAREEKEAELADDMEKGIPQHLFESLCIDHLQRHGASKKSITRAFDDDVEFQERMAEH
IRYMVETIAHHQVDIDSEV
;
_entity_poly.pdbx_seq_one_letter_code_can   
;AMNAYYIQDRLEAQSWARHYQQLAREEKEAELADDMEKGIPQHLFESLCIDHLQRHGASKKSITRAFDDDVEFQERMAEH
IRYMVETIAHHQVDIDSEV
;
_entity_poly.pdbx_strand_id                 A,B 
_entity_poly.pdbx_target_identifier         ? 
# 
_pdbx_entity_nonpoly.entity_id   2 
_pdbx_entity_nonpoly.name        water 
_pdbx_entity_nonpoly.comp_id     HOH 
# 
loop_
_entity_poly_seq.entity_id 
_entity_poly_seq.num 
_entity_poly_seq.mon_id 
_entity_poly_seq.hetero 
1 1  ALA n 
1 2  MET n 
1 3  ASN n 
1 4  ALA n 
1 5  TYR n 
1 6  TYR n 
1 7  ILE n 
1 8  GLN n 
1 9  ASP n 
1 10 ARG n 
1 11 LEU n 
1 12 GLU n 
1 13 ALA n 
1 14 GLN n 
1 15 SER n 
1 16 TRP n 
1 17 ALA n 
1 18 ARG n 
1 19 HIS n 
1 20 TYR n 
1 21 GLN n 
1 22 GLN n 
1 23 LEU n 
1 24 ALA n 
1 25 ARG n 
1 26 GLU n 
1 27 GLU n 
1 28 LYS n 
1 29 GLU n 
1 30 ALA n 
1 31 GLU n 
1 32 LEU n 
1 33 ALA n 
1 34 ASP n 
1 35 ASP n 
1 36 MET n 
1 37 GLU n 
1 38 LYS n 
1 39 GLY n 
1 40 ILE n 
1 41 PRO n 
1 42 GLN n 
1 43 HIS n 
1 44 LEU n 
1 45 PHE n 
1 46 GLU n 
1 47 SER n 
1 48 LEU n 
1 49 CYS n 
1 50 ILE n 
1 51 ASP n 
1 52 HIS n 
1 53 LEU n 
1 54 GLN n 
1 55 ARG n 
1 56 HIS n 
1 57 GLY n 
1 58 ALA n 
1 59 SER n 
1 60 LYS n 
1 61 LYS n 
1 62 SER n 
1 63 ILE n 
1 64 THR n 
1 65 ARG n 
1 66 ALA n 
1 67 PHE n 
1 68 ASP n 
1 69 ASP n 
1 70 ASP n 
1 71 VAL n 
1 72 GLU n 
1 73 PHE n 
1 74 GLN n 
1 75 GLU n 
1 76 ARG n 
1 77 MET n 
1 78 ALA n 
1 79 GLU n 
1 80 HIS n 
1 81 ILE n 
1 82 ARG n 
1 83 TYR n 
1 84 MET n 
1 85 VAL n 
1 86 GLU n 
1 87 THR n 
1 88 ILE n 
1 89 ALA n 
1 90 HIS n 
1 91 HIS n 
1 92 GLN n 
1 93 VAL n 
1 94 ASP n 
1 95 ILE n 
1 96 ASP n 
1 97 SER n 
1 98 GLU n 
1 99 VAL n 
# 
_entity_src_gen.entity_id                          1 
_entity_src_gen.pdbx_src_id                        1 
_entity_src_gen.pdbx_alt_source_flag               sample 
_entity_src_gen.pdbx_seq_type                      ? 
_entity_src_gen.pdbx_beg_seq_num                   ? 
_entity_src_gen.pdbx_end_seq_num                   ? 
_entity_src_gen.gene_src_common_name               ? 
_entity_src_gen.gene_src_genus                     ? 
_entity_src_gen.pdbx_gene_src_gene                 ? 
_entity_src_gen.gene_src_species                   ? 
_entity_src_gen.gene_src_strain                    ? 
_entity_src_gen.gene_src_tissue                    ? 
_entity_src_gen.gene_src_tissue_fraction           ? 
_entity_src_gen.gene_src_details                   ? 
_entity_src_gen.pdbx_gene_src_fragment             ? 
_entity_src_gen.pdbx_gene_src_scientific_name      'BACTERIOPHAGE LAMBDA' 
_entity_src_gen.pdbx_gene_src_ncbi_taxonomy_id     10710 
_entity_src_gen.pdbx_gene_src_variant              ? 
_entity_src_gen.pdbx_gene_src_cell_line            ? 
_entity_src_gen.pdbx_gene_src_atcc                 ? 
_entity_src_gen.pdbx_gene_src_organ                ? 
_entity_src_gen.pdbx_gene_src_organelle            ? 
_entity_src_gen.pdbx_gene_src_cell                 ? 
_entity_src_gen.pdbx_gene_src_cellular_location    ? 
_entity_src_gen.host_org_common_name               ? 
_entity_src_gen.pdbx_host_org_scientific_name      'ESCHERICHIA COLI' 
_entity_src_gen.pdbx_host_org_ncbi_taxonomy_id     562 
_entity_src_gen.host_org_genus                     ? 
_entity_src_gen.pdbx_host_org_gene                 ? 
_entity_src_gen.pdbx_host_org_organ                ? 
_entity_src_gen.host_org_species                   ? 
_entity_src_gen.pdbx_host_org_tissue               ? 
_entity_src_gen.pdbx_host_org_tissue_fraction      ? 
_entity_src_gen.pdbx_host_org_strain               'B834 (DE3)' 
_entity_src_gen.pdbx_host_org_variant              ? 
_entity_src_gen.pdbx_host_org_cell_line            ? 
_entity_src_gen.pdbx_host_org_atcc                 ? 
_entity_src_gen.pdbx_host_org_culture_collection   ? 
_entity_src_gen.pdbx_host_org_cell                 ? 
_entity_src_gen.pdbx_host_org_organelle            ? 
_entity_src_gen.pdbx_host_org_cellular_location    ? 
_entity_src_gen.pdbx_host_org_vector_type          ? 
_entity_src_gen.pdbx_host_org_vector               ? 
_entity_src_gen.host_org_details                   ? 
_entity_src_gen.expression_system_id               ? 
_entity_src_gen.plasmid_name                       PKM574 
_entity_src_gen.plasmid_details                    ? 
_entity_src_gen.pdbx_description                   ? 
# 
loop_
_chem_comp.id 
_chem_comp.type 
_chem_comp.mon_nstd_flag 
_chem_comp.name 
_chem_comp.pdbx_synonyms 
_chem_comp.formula 
_chem_comp.formula_weight 
ALA 'L-peptide linking' y ALANINE         ? 'C3 H7 N O2'     89.093  
ARG 'L-peptide linking' y ARGININE        ? 'C6 H15 N4 O2 1' 175.209 
ASN 'L-peptide linking' y ASPARAGINE      ? 'C4 H8 N2 O3'    132.118 
ASP 'L-peptide linking' y 'ASPARTIC ACID' ? 'C4 H7 N O4'     133.103 
CYS 'L-peptide linking' y CYSTEINE        ? 'C3 H7 N O2 S'   121.158 
GLN 'L-peptide linking' y GLUTAMINE       ? 'C5 H10 N2 O3'   146.144 
GLU 'L-peptide linking' y 'GLUTAMIC ACID' ? 'C5 H9 N O4'     147.129 
GLY 'peptide linking'   y GLYCINE         ? 'C2 H5 N O2'     75.067  
HIS 'L-peptide linking' y HISTIDINE       ? 'C6 H10 N3 O2 1' 156.162 
HOH non-polymer         . WATER           ? 'H2 O'           18.015  
ILE 'L-peptide linking' y ISOLEUCINE      ? 'C6 H13 N O2'    131.173 
LEU 'L-peptide linking' y LEUCINE         ? 'C6 H13 N O2'    131.173 
LYS 'L-peptide linking' y LYSINE          ? 'C6 H15 N2 O2 1' 147.195 
MET 'L-peptide linking' y METHIONINE      ? 'C5 H11 N O2 S'  149.211 
PHE 'L-peptide linking' y PHENYLALANINE   ? 'C9 H11 N O2'    165.189 
PRO 'L-peptide linking' y PROLINE         ? 'C5 H9 N O2'     115.130 
SER 'L-peptide linking' y SERINE          ? 'C3 H7 N O3'     105.093 
THR 'L-peptide linking' y THREONINE       ? 'C4 H9 N O3'     119.119 
TRP 'L-peptide linking' y TRYPTOPHAN      ? 'C11 H12 N2 O2'  204.225 
TYR 'L-peptide linking' y TYROSINE        ? 'C9 H11 N O3'    181.189 
VAL 'L-peptide linking' y VALINE          ? 'C5 H11 N O2'    117.146 
# 
loop_
_pdbx_poly_seq_scheme.asym_id 
_pdbx_poly_seq_scheme.entity_id 
_pdbx_poly_seq_scheme.seq_id 
_pdbx_poly_seq_scheme.mon_id 
_pdbx_poly_seq_scheme.ndb_seq_num 
_pdbx_poly_seq_scheme.pdb_seq_num 
_pdbx_poly_seq_scheme.auth_seq_num 
_pdbx_poly_seq_scheme.pdb_mon_id 
_pdbx_poly_seq_scheme.auth_mon_id 
_pdbx_poly_seq_scheme.pdb_strand_id 
_pdbx_poly_seq_scheme.pdb_ins_code 
_pdbx_poly_seq_scheme.hetero 
A 1 1  ALA 1  40  ?   ?   ?   A . n 
A 1 2  MET 2  41  ?   ?   ?   A . n 
A 1 3  ASN 3  42  ?   ?   ?   A . n 
A 1 4  ALA 4  43  ?   ?   ?   A . n 
A 1 5  TYR 5  44  ?   ?   ?   A . n 
A 1 6  TYR 6  45  ?   ?   ?   A . n 
A 1 7  ILE 7  46  ?   ?   ?   A . n 
A 1 8  GLN 8  47  ?   ?   ?   A . n 
A 1 9  ASP 9  48  ?   ?   ?   A . n 
A 1 10 ARG 10 49  49  ARG ARG A . n 
A 1 11 LEU 11 50  50  LEU LEU A . n 
A 1 12 GLU 12 51  51  GLU GLU A . n 
A 1 13 ALA 13 52  52  ALA ALA A . n 
A 1 14 GLN 14 53  53  GLN GLN A . n 
A 1 15 SER 15 54  54  SER SER A . n 
A 1 16 TRP 16 55  55  TRP TRP A . n 
A 1 17 ALA 17 56  56  ALA ALA A . n 
A 1 18 ARG 18 57  57  ARG ARG A . n 
A 1 19 HIS 19 58  58  HIS HIS A . n 
A 1 20 TYR 20 59  59  TYR TYR A . n 
A 1 21 GLN 21 60  60  GLN GLN A . n 
A 1 22 GLN 22 61  61  GLN GLN A . n 
A 1 23 LEU 23 62  62  LEU LEU A . n 
A 1 24 ALA 24 63  63  ALA ALA A . n 
A 1 25 ARG 25 64  64  ARG ARG A . n 
A 1 26 GLU 26 65  65  GLU GLU A . n 
A 1 27 GLU 27 66  66  GLU GLU A . n 
A 1 28 LYS 28 67  67  LYS LYS A . n 
A 1 29 GLU 29 68  68  GLU GLU A . n 
A 1 30 ALA 30 69  69  ALA ALA A . n 
A 1 31 GLU 31 70  70  GLU GLU A . n 
A 1 32 LEU 32 71  71  LEU LEU A . n 
A 1 33 ALA 33 72  72  ALA ALA A . n 
A 1 34 ASP 34 73  73  ASP ASP A . n 
A 1 35 ASP 35 74  74  ASP ASP A . n 
A 1 36 MET 36 75  75  MET MET A . n 
A 1 37 GLU 37 76  76  GLU GLU A . n 
A 1 38 LYS 38 77  77  LYS LYS A . n 
A 1 39 GLY 39 78  78  GLY GLY A . n 
A 1 40 ILE 40 79  79  ILE ILE A . n 
A 1 41 PRO 41 80  80  PRO PRO A . n 
A 1 42 GLN 42 81  81  GLN GLN A . n 
A 1 43 HIS 43 82  82  HIS HIS A . n 
A 1 44 LEU 44 83  83  LEU LEU A . n 
A 1 45 PHE 45 84  84  PHE PHE A . n 
A 1 46 GLU 46 85  85  GLU GLU A . n 
A 1 47 SER 47 86  86  SER SER A . n 
A 1 48 LEU 48 87  87  LEU LEU A . n 
A 1 49 CYS 49 88  88  CYS CYS A . n 
A 1 50 ILE 50 89  89  ILE ILE A . n 
A 1 51 ASP 51 90  90  ASP ASP A . n 
A 1 52 HIS 52 91  91  HIS HIS A . n 
A 1 53 LEU 53 92  92  LEU LEU A . n 
A 1 54 GLN 54 93  93  GLN GLN A . n 
A 1 55 ARG 55 94  94  ARG ARG A . n 
A 1 56 HIS 56 95  95  HIS HIS A . n 
A 1 57 GLY 57 96  96  GLY GLY A . n 
A 1 58 ALA 58 97  97  ALA ALA A . n 
A 1 59 SER 59 98  98  SER SER A . n 
A 1 60 LYS 60 99  99  LYS LYS A . n 
A 1 61 LYS 61 100 100 LYS LYS A . n 
A 1 62 SER 62 101 101 SER SER A . n 
A 1 63 ILE 63 102 102 ILE ILE A . n 
A 1 64 THR 64 103 103 THR THR A . n 
A 1 65 ARG 65 104 104 ARG ARG A . n 
A 1 66 ALA 66 105 105 ALA ALA A . n 
A 1 67 PHE 67 106 106 PHE PHE A . n 
A 1 68 ASP 68 107 107 ASP ASP A . n 
A 1 69 ASP 69 108 108 ASP ASP A . n 
A 1 70 ASP 70 109 109 ASP ASP A . n 
A 1 71 VAL 71 110 110 VAL VAL A . n 
A 1 72 GLU 72 111 111 GLU GLU A . n 
A 1 73 PHE 73 112 112 PHE PHE A . n 
A 1 74 GLN 74 113 113 GLN GLN A . n 
A 1 75 GLU 75 114 114 GLU GLU A . n 
A 1 76 ARG 76 115 115 ARG ARG A . n 
A 1 77 MET 77 116 116 MET MET A . n 
A 1 78 ALA 78 117 117 ALA ALA A . n 
A 1 79 GLU 79 118 118 GLU GLU A . n 
A 1 80 HIS 80 119 119 HIS HIS A . n 
A 1 81 ILE 81 120 120 ILE ILE A . n 
A 1 82 ARG 82 121 121 ARG ARG A . n 
A 1 83 TYR 83 122 122 TYR TYR A . n 
A 1 84 MET 84 123 123 MET MET A . n 
A 1 85 VAL 85 124 124 VAL VAL A . n 
A 1 86 GLU 86 125 125 GLU GLU A . n 
A 1 87 THR 87 126 126 THR THR A . n 
A 1 88 ILE 88 127 127 ILE ILE A . n 
A 1 89 ALA 89 128 128 ALA ALA A . n 
A 1 90 HIS 90 129 129 HIS HIS A . n 
A 1 91 HIS 91 130 130 HIS HIS A . n 
A 1 92 GLN 92 131 131 GLN GLN A . n 
A 1 93 VAL 93 132 132 VAL VAL A . n 
A 1 94 ASP 94 133 133 ASP ASP A . n 
A 1 95 ILE 95 134 134 ILE ILE A . n 
A 1 96 ASP 96 135 135 ASP ASP A . n 
A 1 97 SER 97 136 136 SER SER A . n 
A 1 98 GLU 98 137 137 GLU GLU A . n 
A 1 99 VAL 99 138 138 VAL VAL A . n 
B 1 1  ALA 1  40  ?   ?   ?   B . n 
B 1 2  MET 2  41  ?   ?   ?   B . n 
B 1 3  ASN 3  42  ?   ?   ?   B . n 
B 1 4  ALA 4  43  ?   ?   ?   B . n 
B 1 5  TYR 5  44  ?   ?   ?   B . n 
B 1 6  TYR 6  45  ?   ?   ?   B . n 
B 1 7  ILE 7  46  ?   ?   ?   B . n 
B 1 8  GLN 8  47  ?   ?   ?   B . n 
B 1 9  ASP 9  48  ?   ?   ?   B . n 
B 1 10 ARG 10 49  ?   ?   ?   B . n 
B 1 11 LEU 11 50  ?   ?   ?   B . n 
B 1 12 GLU 12 51  ?   ?   ?   B . n 
B 1 13 ALA 13 52  ?   ?   ?   B . n 
B 1 14 GLN 14 53  53  GLN GLN B . n 
B 1 15 SER 15 54  54  SER SER B . n 
B 1 16 TRP 16 55  55  TRP TRP B . n 
B 1 17 ALA 17 56  56  ALA ALA B . n 
B 1 18 ARG 18 57  57  ARG ARG B . n 
B 1 19 HIS 19 58  58  HIS HIS B . n 
B 1 20 TYR 20 59  59  TYR TYR B . n 
B 1 21 GLN 21 60  60  GLN GLN B . n 
B 1 22 GLN 22 61  61  GLN GLN B . n 
B 1 23 LEU 23 62  62  LEU LEU B . n 
B 1 24 ALA 24 63  63  ALA ALA B . n 
B 1 25 ARG 25 64  64  ARG ARG B . n 
B 1 26 GLU 26 65  65  GLU GLU B . n 
B 1 27 GLU 27 66  66  GLU GLU B . n 
B 1 28 LYS 28 67  67  LYS LYS B . n 
B 1 29 GLU 29 68  68  GLU GLU B . n 
B 1 30 ALA 30 69  69  ALA ALA B . n 
B 1 31 GLU 31 70  70  GLU GLU B . n 
B 1 32 LEU 32 71  71  LEU LEU B . n 
B 1 33 ALA 33 72  72  ALA ALA B . n 
B 1 34 ASP 34 73  73  ASP ASP B . n 
B 1 35 ASP 35 74  74  ASP ASP B . n 
B 1 36 MET 36 75  75  MET MET B . n 
B 1 37 GLU 37 76  76  GLU GLU B . n 
B 1 38 LYS 38 77  77  LYS LYS B . n 
B 1 39 GLY 39 78  78  GLY GLY B . n 
B 1 40 ILE 40 79  79  ILE ILE B . n 
B 1 41 PRO 41 80  80  PRO PRO B . n 
B 1 42 GLN 42 81  81  GLN GLN B . n 
B 1 43 HIS 43 82  82  HIS HIS B . n 
B 1 44 LEU 44 83  83  LEU LEU B . n 
B 1 45 PHE 45 84  84  PHE PHE B . n 
B 1 46 GLU 46 85  85  GLU GLU B . n 
B 1 47 SER 47 86  86  SER SER B . n 
B 1 48 LEU 48 87  87  LEU LEU B . n 
B 1 49 CYS 49 88  88  CYS CYS B . n 
B 1 50 ILE 50 89  89  ILE ILE B . n 
B 1 51 ASP 51 90  90  ASP ASP B . n 
B 1 52 HIS 52 91  91  HIS HIS B . n 
B 1 53 LEU 53 92  92  LEU LEU B . n 
B 1 54 GLN 54 93  93  GLN GLN B . n 
B 1 55 ARG 55 94  94  ARG ARG B . n 
B 1 56 HIS 56 95  95  HIS HIS B . n 
B 1 57 GLY 57 96  96  GLY GLY B . n 
B 1 58 ALA 58 97  97  ALA ALA B . n 
B 1 59 SER 59 98  98  SER SER B . n 
B 1 60 LYS 60 99  99  LYS LYS B . n 
B 1 61 LYS 61 100 100 LYS LYS B . n 
B 1 62 SER 62 101 101 SER SER B . n 
B 1 63 ILE 63 102 102 ILE ILE B . n 
B 1 64 THR 64 103 103 THR THR B . n 
B 1 65 ARG 65 104 104 ARG ARG B . n 
B 1 66 ALA 66 105 105 ALA ALA B . n 
B 1 67 PHE 67 106 106 PHE PHE B . n 
B 1 68 ASP 68 107 107 ASP ASP B . n 
B 1 69 ASP 69 108 108 ASP ASP B . n 
B 1 70 ASP 70 109 109 ASP ASP B . n 
B 1 71 VAL 71 110 110 VAL VAL B . n 
B 1 72 GLU 72 111 111 GLU GLU B . n 
B 1 73 PHE 73 112 112 PHE PHE B . n 
B 1 74 GLN 74 113 113 GLN GLN B . n 
B 1 75 GLU 75 114 114 GLU GLU B . n 
B 1 76 ARG 76 115 115 ARG ARG B . n 
B 1 77 MET 77 116 116 MET MET B . n 
B 1 78 ALA 78 117 117 ALA ALA B . n 
B 1 79 GLU 79 118 118 GLU GLU B . n 
B 1 80 HIS 80 119 119 HIS HIS B . n 
B 1 81 ILE 81 120 120 ILE ILE B . n 
B 1 82 ARG 82 121 121 ARG ARG B . n 
B 1 83 TYR 83 122 122 TYR TYR B . n 
B 1 84 MET 84 123 123 MET MET B . n 
B 1 85 VAL 85 124 124 VAL VAL B . n 
B 1 86 GLU 86 125 125 GLU GLU B . n 
B 1 87 THR 87 126 126 THR THR B . n 
B 1 88 ILE 88 127 127 ILE ILE B . n 
B 1 89 ALA 89 128 128 ALA ALA B . n 
B 1 90 HIS 90 129 129 HIS HIS B . n 
B 1 91 HIS 91 130 130 HIS HIS B . n 
B 1 92 GLN 92 131 131 GLN GLN B . n 
B 1 93 VAL 93 132 132 VAL VAL B . n 
B 1 94 ASP 94 133 133 ASP ASP B . n 
B 1 95 ILE 95 134 134 ILE ILE B . n 
B 1 96 ASP 96 135 135 ASP ASP B . n 
B 1 97 SER 97 136 136 SER SER B . n 
B 1 98 GLU 98 137 137 GLU GLU B . n 
B 1 99 VAL 99 138 138 VAL VAL B . n 
# 
loop_
_pdbx_nonpoly_scheme.asym_id 
_pdbx_nonpoly_scheme.entity_id 
_pdbx_nonpoly_scheme.mon_id 
_pdbx_nonpoly_scheme.ndb_seq_num 
_pdbx_nonpoly_scheme.pdb_seq_num 
_pdbx_nonpoly_scheme.auth_seq_num 
_pdbx_nonpoly_scheme.pdb_mon_id 
_pdbx_nonpoly_scheme.auth_mon_id 
_pdbx_nonpoly_scheme.pdb_strand_id 
_pdbx_nonpoly_scheme.pdb_ins_code 
C 2 HOH 1  2001 2001 HOH HOH A . 
C 2 HOH 2  2002 2002 HOH HOH A . 
C 2 HOH 3  2003 2003 HOH HOH A . 
C 2 HOH 4  2004 2004 HOH HOH A . 
C 2 HOH 5  2005 2005 HOH HOH A . 
C 2 HOH 6  2006 2006 HOH HOH A . 
C 2 HOH 7  2007 2007 HOH HOH A . 
C 2 HOH 8  2008 2008 HOH HOH A . 
C 2 HOH 9  2009 2009 HOH HOH A . 
C 2 HOH 10 2010 2010 HOH HOH A . 
C 2 HOH 11 2011 2011 HOH HOH A . 
C 2 HOH 12 2012 2012 HOH HOH A . 
C 2 HOH 13 2013 2013 HOH HOH A . 
C 2 HOH 14 2014 2014 HOH HOH A . 
C 2 HOH 15 2015 2015 HOH HOH A . 
C 2 HOH 16 2016 2016 HOH HOH A . 
C 2 HOH 17 2017 2017 HOH HOH A . 
C 2 HOH 18 2018 2018 HOH HOH A . 
C 2 HOH 19 2019 2019 HOH HOH A . 
C 2 HOH 20 2020 2020 HOH HOH A . 
C 2 HOH 21 2021 2021 HOH HOH A . 
C 2 HOH 22 2022 2022 HOH HOH A . 
C 2 HOH 23 2023 2023 HOH HOH A . 
C 2 HOH 24 2024 2024 HOH HOH A . 
C 2 HOH 25 2025 2025 HOH HOH A . 
C 2 HOH 26 2026 2026 HOH HOH A . 
C 2 HOH 27 2027 2027 HOH HOH A . 
C 2 HOH 28 2028 2028 HOH HOH A . 
C 2 HOH 29 2029 2029 HOH HOH A . 
C 2 HOH 30 2030 2030 HOH HOH A . 
C 2 HOH 31 2031 2031 HOH HOH A . 
C 2 HOH 32 2032 2032 HOH HOH A . 
C 2 HOH 33 2033 2033 HOH HOH A . 
C 2 HOH 34 2034 2034 HOH HOH A . 
C 2 HOH 35 2035 2035 HOH HOH A . 
C 2 HOH 36 2036 2036 HOH HOH A . 
C 2 HOH 37 2037 2037 HOH HOH A . 
C 2 HOH 38 2038 2038 HOH HOH A . 
C 2 HOH 39 2039 2039 HOH HOH A . 
C 2 HOH 40 2040 2040 HOH HOH A . 
C 2 HOH 41 2041 2041 HOH HOH A . 
C 2 HOH 42 2042 2042 HOH HOH A . 
C 2 HOH 43 2043 2043 HOH HOH A . 
D 2 HOH 1  2001 2001 HOH HOH B . 
D 2 HOH 2  2002 2002 HOH HOH B . 
D 2 HOH 3  2003 2003 HOH HOH B . 
D 2 HOH 4  2004 2004 HOH HOH B . 
D 2 HOH 5  2005 2005 HOH HOH B . 
D 2 HOH 6  2006 2006 HOH HOH B . 
D 2 HOH 7  2007 2007 HOH HOH B . 
D 2 HOH 8  2008 2008 HOH HOH B . 
D 2 HOH 9  2009 2009 HOH HOH B . 
D 2 HOH 10 2010 2010 HOH HOH B . 
D 2 HOH 11 2011 2011 HOH HOH B . 
D 2 HOH 12 2012 2012 HOH HOH B . 
D 2 HOH 13 2013 2013 HOH HOH B . 
D 2 HOH 14 2014 2014 HOH HOH B . 
D 2 HOH 15 2015 2015 HOH HOH B . 
D 2 HOH 16 2016 2016 HOH HOH B . 
D 2 HOH 17 2017 2017 HOH HOH B . 
D 2 HOH 18 2018 2018 HOH HOH B . 
D 2 HOH 19 2019 2019 HOH HOH B . 
D 2 HOH 20 2020 2020 HOH HOH B . 
D 2 HOH 21 2021 2021 HOH HOH B . 
D 2 HOH 22 2022 2022 HOH HOH B . 
D 2 HOH 23 2023 2023 HOH HOH B . 
D 2 HOH 24 2024 2024 HOH HOH B . 
D 2 HOH 25 2025 2025 HOH HOH B . 
D 2 HOH 26 2026 2026 HOH HOH B . 
D 2 HOH 27 2027 2027 HOH HOH B . 
D 2 HOH 28 2028 2028 HOH HOH B . 
D 2 HOH 29 2029 2029 HOH HOH B . 
D 2 HOH 30 2030 2030 HOH HOH B . 
D 2 HOH 31 2031 2031 HOH HOH B . 
D 2 HOH 32 2032 2032 HOH HOH B . 
D 2 HOH 33 2033 2033 HOH HOH B . 
D 2 HOH 34 2034 2034 HOH HOH B . 
D 2 HOH 35 2035 2035 HOH HOH B . 
D 2 HOH 36 2036 2036 HOH HOH B . 
D 2 HOH 37 2037 2037 HOH HOH B . 
D 2 HOH 38 2038 2038 HOH HOH B . 
D 2 HOH 39 2039 2039 HOH HOH B . 
D 2 HOH 40 2040 2040 HOH HOH B . 
D 2 HOH 41 2041 2041 HOH HOH B . 
D 2 HOH 42 2042 2042 HOH HOH B . 
D 2 HOH 43 2043 2043 HOH HOH B . 
D 2 HOH 44 2044 2044 HOH HOH B . 
D 2 HOH 45 2045 2045 HOH HOH B . 
D 2 HOH 46 2046 2046 HOH HOH B . 
D 2 HOH 47 2047 2047 HOH HOH B . 
D 2 HOH 48 2048 2048 HOH HOH B . 
# 
loop_
_pdbx_unobs_or_zero_occ_atoms.id 
_pdbx_unobs_or_zero_occ_atoms.PDB_model_num 
_pdbx_unobs_or_zero_occ_atoms.polymer_flag 
_pdbx_unobs_or_zero_occ_atoms.occupancy_flag 
_pdbx_unobs_or_zero_occ_atoms.auth_asym_id 
_pdbx_unobs_or_zero_occ_atoms.auth_comp_id 
_pdbx_unobs_or_zero_occ_atoms.auth_seq_id 
_pdbx_unobs_or_zero_occ_atoms.PDB_ins_code 
_pdbx_unobs_or_zero_occ_atoms.auth_atom_id 
_pdbx_unobs_or_zero_occ_atoms.label_alt_id 
_pdbx_unobs_or_zero_occ_atoms.label_asym_id 
_pdbx_unobs_or_zero_occ_atoms.label_comp_id 
_pdbx_unobs_or_zero_occ_atoms.label_seq_id 
_pdbx_unobs_or_zero_occ_atoms.label_atom_id 
1  1 Y 1 A VAL 138 ? CA  ? A VAL 99 CA  
2  1 Y 1 A VAL 138 ? C   ? A VAL 99 C   
3  1 Y 1 A VAL 138 ? O   ? A VAL 99 O   
4  1 Y 1 A VAL 138 ? CB  ? A VAL 99 CB  
5  1 Y 1 A VAL 138 ? CG1 ? A VAL 99 CG1 
6  1 Y 1 A VAL 138 ? CG2 ? A VAL 99 CG2 
7  1 Y 1 B VAL 138 ? CA  ? B VAL 99 CA  
8  1 Y 1 B VAL 138 ? C   ? B VAL 99 C   
9  1 Y 1 B VAL 138 ? O   ? B VAL 99 O   
10 1 Y 1 B VAL 138 ? CB  ? B VAL 99 CB  
11 1 Y 1 B VAL 138 ? CG1 ? B VAL 99 CG1 
12 1 Y 1 B VAL 138 ? CG2 ? B VAL 99 CG2 
# 
loop_
_software.name 
_software.classification 
_software.version 
_software.citation_id 
_software.pdbx_ordinal 
MOSFLM  'data reduction' .   ? 1 
SCALA   'data scaling'   .   ? 2 
SOLVE   phasing          .   ? 3 
MLPHARE phasing          .   ? 4 
CNS     refinement       1.1 ? 5 
# 
_cell.entry_id           2UUZ 
_cell.length_a           142.358 
_cell.length_b           39.147 
_cell.length_c           44.195 
_cell.angle_alpha        90.00 
_cell.angle_beta         90.00 
_cell.angle_gamma        90.00 
_cell.Z_PDB              8 
_cell.pdbx_unique_axis   ? 
# 
_symmetry.entry_id                         2UUZ 
_symmetry.space_group_name_H-M             'P 21 21 2' 
_symmetry.pdbx_full_space_group_name_H-M   ? 
_symmetry.cell_setting                     ? 
_symmetry.Int_Tables_number                18 
# 
_exptl.entry_id          2UUZ 
_exptl.method            'X-RAY DIFFRACTION' 
_exptl.crystals_number   5 
# 
_exptl_crystal.id                    1 
_exptl_crystal.density_meas          ? 
_exptl_crystal.density_Matthews      2.86 
_exptl_crystal.density_percent_sol   48.5 
_exptl_crystal.description           ? 
# 
_exptl_crystal_grow.crystal_id      1 
_exptl_crystal_grow.method          ? 
_exptl_crystal_grow.temp            ? 
_exptl_crystal_grow.temp_details    ? 
_exptl_crystal_grow.pH              8.50 
_exptl_crystal_grow.pdbx_pH_range   ? 
_exptl_crystal_grow.pdbx_details    '100 MM TRIS/HCL, PH 8.5 32-34 % PEG 4000 700-850 MM LICL' 
# 
_diffrn.id                     1 
_diffrn.ambient_temp           100.0 
_diffrn.ambient_temp_details   ? 
_diffrn.crystal_id             1 
# 
_diffrn_detector.diffrn_id              1 
_diffrn_detector.detector               'IMAGE PLATE' 
_diffrn_detector.type                   MARRESEARCH 
_diffrn_detector.pdbx_collection_date   ? 
_diffrn_detector.details                MIRRORS 
# 
_diffrn_radiation.diffrn_id                        1 
_diffrn_radiation.wavelength_id                    1 
_diffrn_radiation.pdbx_monochromatic_or_laue_m_l   M 
_diffrn_radiation.monochromator                    ? 
_diffrn_radiation.pdbx_diffrn_protocol             'SINGLE WAVELENGTH' 
_diffrn_radiation.pdbx_scattering_type             x-ray 
# 
_diffrn_radiation_wavelength.id           1 
_diffrn_radiation_wavelength.wavelength   1.542 
_diffrn_radiation_wavelength.wt           1.0 
# 
_diffrn_source.diffrn_id                   1 
_diffrn_source.source                      'ROTATING ANODE' 
_diffrn_source.type                        'RIGAKU RUH3R' 
_diffrn_source.pdbx_synchrotron_site       ? 
_diffrn_source.pdbx_synchrotron_beamline   ? 
_diffrn_source.pdbx_wavelength             1.542 
_diffrn_source.pdbx_wavelength_list        ? 
# 
_reflns.pdbx_diffrn_id               1 
_reflns.pdbx_ordinal                 1 
_reflns.entry_id                     2UUZ 
_reflns.observed_criterion_sigma_I   2.000 
_reflns.observed_criterion_sigma_F   ? 
_reflns.d_resolution_low             32.000 
_reflns.d_resolution_high            2.300 
_reflns.number_obs                   19530 
_reflns.number_all                   ? 
_reflns.percent_possible_obs         94.6 
_reflns.pdbx_Rmerge_I_obs            0.06000 
_reflns.pdbx_Rsym_value              ? 
_reflns.pdbx_netI_over_sigmaI        7.3000 
_reflns.B_iso_Wilson_estimate        ? 
_reflns.pdbx_redundancy              4.700 
# 
_reflns_shell.pdbx_diffrn_id         1 
_reflns_shell.pdbx_ordinal           1 
_reflns_shell.d_res_high             2.30 
_reflns_shell.d_res_low              2.42 
_reflns_shell.percent_possible_all   94.6 
_reflns_shell.Rmerge_I_obs           0.25000 
_reflns_shell.pdbx_Rsym_value        ? 
_reflns_shell.meanI_over_sigI_obs    3.100 
_reflns_shell.pdbx_redundancy        5.00 
# 
_refine.pdbx_refine_id                           'X-RAY DIFFRACTION' 
_refine.entry_id                                 2UUZ 
_refine.pdbx_diffrn_id                           1 
_refine.pdbx_TLS_residual_ADP_flag               ? 
_refine.ls_number_reflns_obs                     19530 
_refine.ls_number_reflns_all                     ? 
_refine.pdbx_ls_sigma_I                          ? 
_refine.pdbx_ls_sigma_F                          2 
_refine.pdbx_data_cutoff_high_absF               10000 
_refine.pdbx_data_cutoff_low_absF                ? 
_refine.pdbx_data_cutoff_high_rms_absF           ? 
_refine.ls_d_res_low                             32 
_refine.ls_d_res_high                            2.3 
_refine.ls_percent_reflns_obs                    92.2 
_refine.ls_R_factor_obs                          0.2403 
_refine.ls_R_factor_all                          ? 
_refine.ls_R_factor_R_work                       0.2403 
_refine.ls_R_factor_R_free                       0.2792 
_refine.ls_R_factor_R_free_error                 ? 
_refine.ls_R_factor_R_free_error_details         ? 
_refine.ls_percent_reflns_R_free                 4.7 
_refine.ls_number_reflns_R_free                  1001 
_refine.ls_number_parameters                     ? 
_refine.ls_number_restraints                     ? 
_refine.occupancy_min                            ? 
_refine.occupancy_max                            ? 
_refine.correlation_coeff_Fo_to_Fc               ? 
_refine.correlation_coeff_Fo_to_Fc_free          ? 
_refine.B_iso_mean                               ? 
_refine.aniso_B[1][1]                            16.087 
_refine.aniso_B[2][2]                            -9.471 
_refine.aniso_B[3][3]                            -6.617 
_refine.aniso_B[1][2]                            0.000 
_refine.aniso_B[1][3]                            0.000 
_refine.aniso_B[2][3]                            0.000 
_refine.solvent_model_details                    ? 
_refine.solvent_model_param_ksol                 0.347938 
_refine.solvent_model_param_bsol                 52.0685 
_refine.pdbx_solvent_vdw_probe_radii             ? 
_refine.pdbx_solvent_ion_probe_radii             ? 
_refine.pdbx_solvent_shrinkage_radii             ? 
_refine.pdbx_ls_cross_valid_method               THROUGHOUT 
_refine.details                                  
;N-TERMINAL RESIDUES 40-48 OF CHAIN A AND 40-51 OF CHAIN B ARE DISORDERED. THE C-TERMINAL RESIDUE (VAL 138) IS DISORDERED IN BOTH CHAINS.
;
_refine.pdbx_starting_model                      ? 
_refine.pdbx_method_to_determine_struct          MIRAS 
_refine.pdbx_isotropic_thermal_model             ? 
_refine.pdbx_stereochemistry_target_values       ? 
_refine.pdbx_stereochem_target_val_spec_case     ? 
_refine.pdbx_R_Free_selection_details            RANDOM 
_refine.pdbx_overall_ESU_R                       ? 
_refine.pdbx_overall_ESU_R_Free                  ? 
_refine.overall_SU_ML                            ? 
_refine.pdbx_overall_phase_error                 ? 
_refine.overall_SU_B                             ? 
_refine.overall_SU_R_Cruickshank_DPI             ? 
_refine.pdbx_overall_SU_R_free_Cruickshank_DPI   ? 
_refine.pdbx_overall_SU_R_Blow_DPI               ? 
_refine.pdbx_overall_SU_R_free_Blow_DPI          ? 
# 
_refine_hist.pdbx_refine_id                   'X-RAY DIFFRACTION' 
_refine_hist.cycle_id                         LAST 
_refine_hist.pdbx_number_atoms_protein        1449 
_refine_hist.pdbx_number_atoms_nucleic_acid   0 
_refine_hist.pdbx_number_atoms_ligand         0 
_refine_hist.number_atoms_solvent             91 
_refine_hist.number_atoms_total               1540 
_refine_hist.d_res_high                       2.3 
_refine_hist.d_res_low                        32 
# 
loop_
_refine_ls_restr.type 
_refine_ls_restr.dev_ideal 
_refine_ls_restr.dev_ideal_target 
_refine_ls_restr.weight 
_refine_ls_restr.number 
_refine_ls_restr.pdbx_refine_id 
_refine_ls_restr.pdbx_restraint_function 
c_bond_d                0.007 ? ? ? 'X-RAY DIFFRACTION' ? 
c_bond_d_na             ?     ? ? ? 'X-RAY DIFFRACTION' ? 
c_bond_d_prot           ?     ? ? ? 'X-RAY DIFFRACTION' ? 
c_angle_d               ?     ? ? ? 'X-RAY DIFFRACTION' ? 
c_angle_d_na            ?     ? ? ? 'X-RAY DIFFRACTION' ? 
c_angle_d_prot          ?     ? ? ? 'X-RAY DIFFRACTION' ? 
c_angle_deg             1.20  ? ? ? 'X-RAY DIFFRACTION' ? 
c_angle_deg_na          ?     ? ? ? 'X-RAY DIFFRACTION' ? 
c_angle_deg_prot        ?     ? ? ? 'X-RAY DIFFRACTION' ? 
c_dihedral_angle_d      ?     ? ? ? 'X-RAY DIFFRACTION' ? 
c_dihedral_angle_d_na   ?     ? ? ? 'X-RAY DIFFRACTION' ? 
c_dihedral_angle_d_prot ?     ? ? ? 'X-RAY DIFFRACTION' ? 
c_improper_angle_d      ?     ? ? ? 'X-RAY DIFFRACTION' ? 
c_improper_angle_d_na   ?     ? ? ? 'X-RAY DIFFRACTION' ? 
c_improper_angle_d_prot ?     ? ? ? 'X-RAY DIFFRACTION' ? 
c_mcbond_it             ?     ? ? ? 'X-RAY DIFFRACTION' ? 
c_mcangle_it            ?     ? ? ? 'X-RAY DIFFRACTION' ? 
c_scbond_it             ?     ? ? ? 'X-RAY DIFFRACTION' ? 
c_scangle_it            ?     ? ? ? 'X-RAY DIFFRACTION' ? 
# 
_struct.entry_id                  2UUZ 
_struct.title                     'Orthorhombic crystal form of GamS from bacteriophage lambda.' 
_struct.pdbx_model_details        ? 
_struct.pdbx_CASP_flag            ? 
_struct.pdbx_model_type_details   ? 
# 
_struct_keywords.entry_id        2UUZ 
_struct_keywords.pdbx_keywords   INHIBITOR 
_struct_keywords.text            'BACTERIOPHAGE LAMBDA, NUCLEASE INHIBITOR, RECBCD INHIBITOR, PUTATIVE DNA MIMIC, INHIBITOR' 
# 
loop_
_struct_asym.id 
_struct_asym.pdbx_blank_PDB_chainid_flag 
_struct_asym.pdbx_modified 
_struct_asym.entity_id 
_struct_asym.details 
A N N 1 ? 
B N N 1 ? 
C N N 2 ? 
D N N 2 ? 
# 
_struct_ref.id                         1 
_struct_ref.db_name                    UNP 
_struct_ref.db_code                    VGAM_LAMBD 
_struct_ref.entity_id                  1 
_struct_ref.pdbx_seq_one_letter_code   ? 
_struct_ref.pdbx_align_begin           ? 
_struct_ref.pdbx_db_accession          P03702 
_struct_ref.pdbx_db_isoform            ? 
# 
loop_
_struct_ref_seq.align_id 
_struct_ref_seq.ref_id 
_struct_ref_seq.pdbx_PDB_id_code 
_struct_ref_seq.pdbx_strand_id 
_struct_ref_seq.seq_align_beg 
_struct_ref_seq.pdbx_seq_align_beg_ins_code 
_struct_ref_seq.seq_align_end 
_struct_ref_seq.pdbx_seq_align_end_ins_code 
_struct_ref_seq.pdbx_db_accession 
_struct_ref_seq.db_align_beg 
_struct_ref_seq.pdbx_db_align_beg_ins_code 
_struct_ref_seq.db_align_end 
_struct_ref_seq.pdbx_db_align_end_ins_code 
_struct_ref_seq.pdbx_auth_seq_align_beg 
_struct_ref_seq.pdbx_auth_seq_align_end 
1 1 2UUZ A 1 ? 99 ? P03702 40 ? 138 ? 40 138 
2 1 2UUZ B 1 ? 99 ? P03702 40 ? 138 ? 40 138 
# 
loop_
_struct_ref_seq_dif.align_id 
_struct_ref_seq_dif.pdbx_pdb_id_code 
_struct_ref_seq_dif.mon_id 
_struct_ref_seq_dif.pdbx_pdb_strand_id 
_struct_ref_seq_dif.seq_num 
_struct_ref_seq_dif.pdbx_pdb_ins_code 
_struct_ref_seq_dif.pdbx_seq_db_name 
_struct_ref_seq_dif.pdbx_seq_db_accession_code 
_struct_ref_seq_dif.db_mon_id 
_struct_ref_seq_dif.pdbx_seq_db_seq_num 
_struct_ref_seq_dif.details 
_struct_ref_seq_dif.pdbx_auth_seq_num 
_struct_ref_seq_dif.pdbx_ordinal 
1 2UUZ ILE A 40 ? UNP P03702 LEU 79 conflict 79 1 
2 2UUZ ILE B 40 ? UNP P03702 LEU 79 conflict 79 2 
# 
_pdbx_struct_assembly.id                   1 
_pdbx_struct_assembly.details              author_and_software_defined_assembly 
_pdbx_struct_assembly.method_details       PQS 
_pdbx_struct_assembly.oligomeric_details   dimeric 
_pdbx_struct_assembly.oligomeric_count     2 
# 
_pdbx_struct_assembly_gen.assembly_id       1 
_pdbx_struct_assembly_gen.oper_expression   1 
_pdbx_struct_assembly_gen.asym_id_list      A,B,C,D 
# 
_pdbx_struct_oper_list.id                   1 
_pdbx_struct_oper_list.type                 'identity operation' 
_pdbx_struct_oper_list.name                 1_555 
_pdbx_struct_oper_list.symmetry_operation   x,y,z 
_pdbx_struct_oper_list.matrix[1][1]         1.0000000000 
_pdbx_struct_oper_list.matrix[1][2]         0.0000000000 
_pdbx_struct_oper_list.matrix[1][3]         0.0000000000 
_pdbx_struct_oper_list.vector[1]            0.0000000000 
_pdbx_struct_oper_list.matrix[2][1]         0.0000000000 
_pdbx_struct_oper_list.matrix[2][2]         1.0000000000 
_pdbx_struct_oper_list.matrix[2][3]         0.0000000000 
_pdbx_struct_oper_list.vector[2]            0.0000000000 
_pdbx_struct_oper_list.matrix[3][1]         0.0000000000 
_pdbx_struct_oper_list.matrix[3][2]         0.0000000000 
_pdbx_struct_oper_list.matrix[3][3]         1.0000000000 
_pdbx_struct_oper_list.vector[3]            0.0000000000 
# 
_struct_biol.id   1 
# 
loop_
_struct_conf.conf_type_id 
_struct_conf.id 
_struct_conf.pdbx_PDB_helix_id 
_struct_conf.beg_label_comp_id 
_struct_conf.beg_label_asym_id 
_struct_conf.beg_label_seq_id 
_struct_conf.pdbx_beg_PDB_ins_code 
_struct_conf.end_label_comp_id 
_struct_conf.end_label_asym_id 
_struct_conf.end_label_seq_id 
_struct_conf.pdbx_end_PDB_ins_code 
_struct_conf.beg_auth_comp_id 
_struct_conf.beg_auth_asym_id 
_struct_conf.beg_auth_seq_id 
_struct_conf.end_auth_comp_id 
_struct_conf.end_auth_asym_id 
_struct_conf.end_auth_seq_id 
_struct_conf.pdbx_PDB_helix_class 
_struct_conf.details 
_struct_conf.pdbx_PDB_helix_length 
HELX_P HELX_P1  1  ARG A 10 ? LYS A 38 ? ARG A 49  LYS A 77  1 ? 29 
HELX_P HELX_P2  2  PRO A 41 ? GLN A 54 ? PRO A 80  GLN A 93  1 ? 14 
HELX_P HELX_P3  3  ARG A 55 ? GLY A 57 ? ARG A 94  GLY A 96  5 ? 3  
HELX_P HELX_P4  4  SER A 59 ? ASP A 69 ? SER A 98  ASP A 108 1 ? 11 
HELX_P HELX_P5  5  ASP A 70 ? SER A 97 ? ASP A 109 SER A 136 1 ? 28 
HELX_P HELX_P6  6  SER B 15 ? LYS B 38 ? SER B 54  LYS B 77  1 ? 24 
HELX_P HELX_P7  7  PRO B 41 ? LEU B 53 ? PRO B 80  LEU B 92  1 ? 13 
HELX_P HELX_P8  8  GLN B 54 ? GLY B 57 ? GLN B 93  GLY B 96  5 ? 4  
HELX_P HELX_P9  9  SER B 59 ? ASP B 69 ? SER B 98  ASP B 108 1 ? 11 
HELX_P HELX_P10 10 ASP B 70 ? SER B 97 ? ASP B 109 SER B 136 1 ? 28 
# 
_struct_conf_type.id          HELX_P 
_struct_conf_type.criteria    ? 
_struct_conf_type.reference   ? 
# 
_pdbx_validate_close_contact.id               1 
_pdbx_validate_close_contact.PDB_model_num    1 
_pdbx_validate_close_contact.auth_atom_id_1   OE1 
_pdbx_validate_close_contact.auth_asym_id_1   B 
_pdbx_validate_close_contact.auth_comp_id_1   GLU 
_pdbx_validate_close_contact.auth_seq_id_1    70 
_pdbx_validate_close_contact.PDB_ins_code_1   ? 
_pdbx_validate_close_contact.label_alt_id_1   ? 
_pdbx_validate_close_contact.auth_atom_id_2   O 
_pdbx_validate_close_contact.auth_asym_id_2   B 
_pdbx_validate_close_contact.auth_comp_id_2   HOH 
_pdbx_validate_close_contact.auth_seq_id_2    2009 
_pdbx_validate_close_contact.PDB_ins_code_2   ? 
_pdbx_validate_close_contact.label_alt_id_2   ? 
_pdbx_validate_close_contact.dist             1.79 
# 
_pdbx_validate_torsion.id              1 
_pdbx_validate_torsion.PDB_model_num   1 
_pdbx_validate_torsion.auth_comp_id    GLU 
_pdbx_validate_torsion.auth_asym_id    B 
_pdbx_validate_torsion.auth_seq_id     137 
_pdbx_validate_torsion.PDB_ins_code    ? 
_pdbx_validate_torsion.label_alt_id    ? 
_pdbx_validate_torsion.phi             -97.97 
_pdbx_validate_torsion.psi             -67.71 
# 
_pdbx_entry_details.entry_id                 2UUZ 
_pdbx_entry_details.compound_details         ? 
_pdbx_entry_details.source_details           ? 
_pdbx_entry_details.nonpolymer_details       ? 
_pdbx_entry_details.sequence_details         'CONSTRUCT STARTS AT RESIDUE 40 OF REPORTED SEQUENCE.' 
_pdbx_entry_details.has_ligand_of_interest   ? 
# 
loop_
_pdbx_unobs_or_zero_occ_residues.id 
_pdbx_unobs_or_zero_occ_residues.PDB_model_num 
_pdbx_unobs_or_zero_occ_residues.polymer_flag 
_pdbx_unobs_or_zero_occ_residues.occupancy_flag 
_pdbx_unobs_or_zero_occ_residues.auth_asym_id 
_pdbx_unobs_or_zero_occ_residues.auth_comp_id 
_pdbx_unobs_or_zero_occ_residues.auth_seq_id 
_pdbx_unobs_or_zero_occ_residues.PDB_ins_code 
_pdbx_unobs_or_zero_occ_residues.label_asym_id 
_pdbx_unobs_or_zero_occ_residues.label_comp_id 
_pdbx_unobs_or_zero_occ_residues.label_seq_id 
1  1 Y 1 A ALA 40 ? A ALA 1  
2  1 Y 1 A MET 41 ? A MET 2  
3  1 Y 1 A ASN 42 ? A ASN 3  
4  1 Y 1 A ALA 43 ? A ALA 4  
5  1 Y 1 A TYR 44 ? A TYR 5  
6  1 Y 1 A TYR 45 ? A TYR 6  
7  1 Y 1 A ILE 46 ? A ILE 7  
8  1 Y 1 A GLN 47 ? A GLN 8  
9  1 Y 1 A ASP 48 ? A ASP 9  
10 1 Y 1 B ALA 40 ? B ALA 1  
11 1 Y 1 B MET 41 ? B MET 2  
12 1 Y 1 B ASN 42 ? B ASN 3  
13 1 Y 1 B ALA 43 ? B ALA 4  
14 1 Y 1 B TYR 44 ? B TYR 5  
15 1 Y 1 B TYR 45 ? B TYR 6  
16 1 Y 1 B ILE 46 ? B ILE 7  
17 1 Y 1 B GLN 47 ? B GLN 8  
18 1 Y 1 B ASP 48 ? B ASP 9  
19 1 Y 1 B ARG 49 ? B ARG 10 
20 1 Y 1 B LEU 50 ? B LEU 11 
21 1 Y 1 B GLU 51 ? B GLU 12 
22 1 Y 1 B ALA 52 ? B ALA 13 
# 
loop_
_chem_comp_atom.comp_id 
_chem_comp_atom.atom_id 
_chem_comp_atom.type_symbol 
_chem_comp_atom.pdbx_aromatic_flag 
_chem_comp_atom.pdbx_stereo_config 
_chem_comp_atom.pdbx_ordinal 
ALA N    N N N 1   
ALA CA   C N S 2   
ALA C    C N N 3   
ALA O    O N N 4   
ALA CB   C N N 5   
ALA OXT  O N N 6   
ALA H    H N N 7   
ALA H2   H N N 8   
ALA HA   H N N 9   
ALA HB1  H N N 10  
ALA HB2  H N N 11  
ALA HB3  H N N 12  
ALA HXT  H N N 13  
ARG N    N N N 14  
ARG CA   C N S 15  
ARG C    C N N 16  
ARG O    O N N 17  
ARG CB   C N N 18  
ARG CG   C N N 19  
ARG CD   C N N 20  
ARG NE   N N N 21  
ARG CZ   C N N 22  
ARG NH1  N N N 23  
ARG NH2  N N N 24  
ARG OXT  O N N 25  
ARG H    H N N 26  
ARG H2   H N N 27  
ARG HA   H N N 28  
ARG HB2  H N N 29  
ARG HB3  H N N 30  
ARG HG2  H N N 31  
ARG HG3  H N N 32  
ARG HD2  H N N 33  
ARG HD3  H N N 34  
ARG HE   H N N 35  
ARG HH11 H N N 36  
ARG HH12 H N N 37  
ARG HH21 H N N 38  
ARG HH22 H N N 39  
ARG HXT  H N N 40  
ASN N    N N N 41  
ASN CA   C N S 42  
ASN C    C N N 43  
ASN O    O N N 44  
ASN CB   C N N 45  
ASN CG   C N N 46  
ASN OD1  O N N 47  
ASN ND2  N N N 48  
ASN OXT  O N N 49  
ASN H    H N N 50  
ASN H2   H N N 51  
ASN HA   H N N 52  
ASN HB2  H N N 53  
ASN HB3  H N N 54  
ASN HD21 H N N 55  
ASN HD22 H N N 56  
ASN HXT  H N N 57  
ASP N    N N N 58  
ASP CA   C N S 59  
ASP C    C N N 60  
ASP O    O N N 61  
ASP CB   C N N 62  
ASP CG   C N N 63  
ASP OD1  O N N 64  
ASP OD2  O N N 65  
ASP OXT  O N N 66  
ASP H    H N N 67  
ASP H2   H N N 68  
ASP HA   H N N 69  
ASP HB2  H N N 70  
ASP HB3  H N N 71  
ASP HD2  H N N 72  
ASP HXT  H N N 73  
CYS N    N N N 74  
CYS CA   C N R 75  
CYS C    C N N 76  
CYS O    O N N 77  
CYS CB   C N N 78  
CYS SG   S N N 79  
CYS OXT  O N N 80  
CYS H    H N N 81  
CYS H2   H N N 82  
CYS HA   H N N 83  
CYS HB2  H N N 84  
CYS HB3  H N N 85  
CYS HG   H N N 86  
CYS HXT  H N N 87  
GLN N    N N N 88  
GLN CA   C N S 89  
GLN C    C N N 90  
GLN O    O N N 91  
GLN CB   C N N 92  
GLN CG   C N N 93  
GLN CD   C N N 94  
GLN OE1  O N N 95  
GLN NE2  N N N 96  
GLN OXT  O N N 97  
GLN H    H N N 98  
GLN H2   H N N 99  
GLN HA   H N N 100 
GLN HB2  H N N 101 
GLN HB3  H N N 102 
GLN HG2  H N N 103 
GLN HG3  H N N 104 
GLN HE21 H N N 105 
GLN HE22 H N N 106 
GLN HXT  H N N 107 
GLU N    N N N 108 
GLU CA   C N S 109 
GLU C    C N N 110 
GLU O    O N N 111 
GLU CB   C N N 112 
GLU CG   C N N 113 
GLU CD   C N N 114 
GLU OE1  O N N 115 
GLU OE2  O N N 116 
GLU OXT  O N N 117 
GLU H    H N N 118 
GLU H2   H N N 119 
GLU HA   H N N 120 
GLU HB2  H N N 121 
GLU HB3  H N N 122 
GLU HG2  H N N 123 
GLU HG3  H N N 124 
GLU HE2  H N N 125 
GLU HXT  H N N 126 
GLY N    N N N 127 
GLY CA   C N N 128 
GLY C    C N N 129 
GLY O    O N N 130 
GLY OXT  O N N 131 
GLY H    H N N 132 
GLY H2   H N N 133 
GLY HA2  H N N 134 
GLY HA3  H N N 135 
GLY HXT  H N N 136 
HIS N    N N N 137 
HIS CA   C N S 138 
HIS C    C N N 139 
HIS O    O N N 140 
HIS CB   C N N 141 
HIS CG   C Y N 142 
HIS ND1  N Y N 143 
HIS CD2  C Y N 144 
HIS CE1  C Y N 145 
HIS NE2  N Y N 146 
HIS OXT  O N N 147 
HIS H    H N N 148 
HIS H2   H N N 149 
HIS HA   H N N 150 
HIS HB2  H N N 151 
HIS HB3  H N N 152 
HIS HD1  H N N 153 
HIS HD2  H N N 154 
HIS HE1  H N N 155 
HIS HE2  H N N 156 
HIS HXT  H N N 157 
HOH O    O N N 158 
HOH H1   H N N 159 
HOH H2   H N N 160 
ILE N    N N N 161 
ILE CA   C N S 162 
ILE C    C N N 163 
ILE O    O N N 164 
ILE CB   C N S 165 
ILE CG1  C N N 166 
ILE CG2  C N N 167 
ILE CD1  C N N 168 
ILE OXT  O N N 169 
ILE H    H N N 170 
ILE H2   H N N 171 
ILE HA   H N N 172 
ILE HB   H N N 173 
ILE HG12 H N N 174 
ILE HG13 H N N 175 
ILE HG21 H N N 176 
ILE HG22 H N N 177 
ILE HG23 H N N 178 
ILE HD11 H N N 179 
ILE HD12 H N N 180 
ILE HD13 H N N 181 
ILE HXT  H N N 182 
LEU N    N N N 183 
LEU CA   C N S 184 
LEU C    C N N 185 
LEU O    O N N 186 
LEU CB   C N N 187 
LEU CG   C N N 188 
LEU CD1  C N N 189 
LEU CD2  C N N 190 
LEU OXT  O N N 191 
LEU H    H N N 192 
LEU H2   H N N 193 
LEU HA   H N N 194 
LEU HB2  H N N 195 
LEU HB3  H N N 196 
LEU HG   H N N 197 
LEU HD11 H N N 198 
LEU HD12 H N N 199 
LEU HD13 H N N 200 
LEU HD21 H N N 201 
LEU HD22 H N N 202 
LEU HD23 H N N 203 
LEU HXT  H N N 204 
LYS N    N N N 205 
LYS CA   C N S 206 
LYS C    C N N 207 
LYS O    O N N 208 
LYS CB   C N N 209 
LYS CG   C N N 210 
LYS CD   C N N 211 
LYS CE   C N N 212 
LYS NZ   N N N 213 
LYS OXT  O N N 214 
LYS H    H N N 215 
LYS H2   H N N 216 
LYS HA   H N N 217 
LYS HB2  H N N 218 
LYS HB3  H N N 219 
LYS HG2  H N N 220 
LYS HG3  H N N 221 
LYS HD2  H N N 222 
LYS HD3  H N N 223 
LYS HE2  H N N 224 
LYS HE3  H N N 225 
LYS HZ1  H N N 226 
LYS HZ2  H N N 227 
LYS HZ3  H N N 228 
LYS HXT  H N N 229 
MET N    N N N 230 
MET CA   C N S 231 
MET C    C N N 232 
MET O    O N N 233 
MET CB   C N N 234 
MET CG   C N N 235 
MET SD   S N N 236 
MET CE   C N N 237 
MET OXT  O N N 238 
MET H    H N N 239 
MET H2   H N N 240 
MET HA   H N N 241 
MET HB2  H N N 242 
MET HB3  H N N 243 
MET HG2  H N N 244 
MET HG3  H N N 245 
MET HE1  H N N 246 
MET HE2  H N N 247 
MET HE3  H N N 248 
MET HXT  H N N 249 
PHE N    N N N 250 
PHE CA   C N S 251 
PHE C    C N N 252 
PHE O    O N N 253 
PHE CB   C N N 254 
PHE CG   C Y N 255 
PHE CD1  C Y N 256 
PHE CD2  C Y N 257 
PHE CE1  C Y N 258 
PHE CE2  C Y N 259 
PHE CZ   C Y N 260 
PHE OXT  O N N 261 
PHE H    H N N 262 
PHE H2   H N N 263 
PHE HA   H N N 264 
PHE HB2  H N N 265 
PHE HB3  H N N 266 
PHE HD1  H N N 267 
PHE HD2  H N N 268 
PHE HE1  H N N 269 
PHE HE2  H N N 270 
PHE HZ   H N N 271 
PHE HXT  H N N 272 
PRO N    N N N 273 
PRO CA   C N S 274 
PRO C    C N N 275 
PRO O    O N N 276 
PRO CB   C N N 277 
PRO CG   C N N 278 
PRO CD   C N N 279 
PRO OXT  O N N 280 
PRO H    H N N 281 
PRO HA   H N N 282 
PRO HB2  H N N 283 
PRO HB3  H N N 284 
PRO HG2  H N N 285 
PRO HG3  H N N 286 
PRO HD2  H N N 287 
PRO HD3  H N N 288 
PRO HXT  H N N 289 
SER N    N N N 290 
SER CA   C N S 291 
SER C    C N N 292 
SER O    O N N 293 
SER CB   C N N 294 
SER OG   O N N 295 
SER OXT  O N N 296 
SER H    H N N 297 
SER H2   H N N 298 
SER HA   H N N 299 
SER HB2  H N N 300 
SER HB3  H N N 301 
SER HG   H N N 302 
SER HXT  H N N 303 
THR N    N N N 304 
THR CA   C N S 305 
THR C    C N N 306 
THR O    O N N 307 
THR CB   C N R 308 
THR OG1  O N N 309 
THR CG2  C N N 310 
THR OXT  O N N 311 
THR H    H N N 312 
THR H2   H N N 313 
THR HA   H N N 314 
THR HB   H N N 315 
THR HG1  H N N 316 
THR HG21 H N N 317 
THR HG22 H N N 318 
THR HG23 H N N 319 
THR HXT  H N N 320 
TRP N    N N N 321 
TRP CA   C N S 322 
TRP C    C N N 323 
TRP O    O N N 324 
TRP CB   C N N 325 
TRP CG   C Y N 326 
TRP CD1  C Y N 327 
TRP CD2  C Y N 328 
TRP NE1  N Y N 329 
TRP CE2  C Y N 330 
TRP CE3  C Y N 331 
TRP CZ2  C Y N 332 
TRP CZ3  C Y N 333 
TRP CH2  C Y N 334 
TRP OXT  O N N 335 
TRP H    H N N 336 
TRP H2   H N N 337 
TRP HA   H N N 338 
TRP HB2  H N N 339 
TRP HB3  H N N 340 
TRP HD1  H N N 341 
TRP HE1  H N N 342 
TRP HE3  H N N 343 
TRP HZ2  H N N 344 
TRP HZ3  H N N 345 
TRP HH2  H N N 346 
TRP HXT  H N N 347 
TYR N    N N N 348 
TYR CA   C N S 349 
TYR C    C N N 350 
TYR O    O N N 351 
TYR CB   C N N 352 
TYR CG   C Y N 353 
TYR CD1  C Y N 354 
TYR CD2  C Y N 355 
TYR CE1  C Y N 356 
TYR CE2  C Y N 357 
TYR CZ   C Y N 358 
TYR OH   O N N 359 
TYR OXT  O N N 360 
TYR H    H N N 361 
TYR H2   H N N 362 
TYR HA   H N N 363 
TYR HB2  H N N 364 
TYR HB3  H N N 365 
TYR HD1  H N N 366 
TYR HD2  H N N 367 
TYR HE1  H N N 368 
TYR HE2  H N N 369 
TYR HH   H N N 370 
TYR HXT  H N N 371 
VAL N    N N N 372 
VAL CA   C N S 373 
VAL C    C N N 374 
VAL O    O N N 375 
VAL CB   C N N 376 
VAL CG1  C N N 377 
VAL CG2  C N N 378 
VAL OXT  O N N 379 
VAL H    H N N 380 
VAL H2   H N N 381 
VAL HA   H N N 382 
VAL HB   H N N 383 
VAL HG11 H N N 384 
VAL HG12 H N N 385 
VAL HG13 H N N 386 
VAL HG21 H N N 387 
VAL HG22 H N N 388 
VAL HG23 H N N 389 
VAL HXT  H N N 390 
# 
loop_
_chem_comp_bond.comp_id 
_chem_comp_bond.atom_id_1 
_chem_comp_bond.atom_id_2 
_chem_comp_bond.value_order 
_chem_comp_bond.pdbx_aromatic_flag 
_chem_comp_bond.pdbx_stereo_config 
_chem_comp_bond.pdbx_ordinal 
ALA N   CA   sing N N 1   
ALA N   H    sing N N 2   
ALA N   H2   sing N N 3   
ALA CA  C    sing N N 4   
ALA CA  CB   sing N N 5   
ALA CA  HA   sing N N 6   
ALA C   O    doub N N 7   
ALA C   OXT  sing N N 8   
ALA CB  HB1  sing N N 9   
ALA CB  HB2  sing N N 10  
ALA CB  HB3  sing N N 11  
ALA OXT HXT  sing N N 12  
ARG N   CA   sing N N 13  
ARG N   H    sing N N 14  
ARG N   H2   sing N N 15  
ARG CA  C    sing N N 16  
ARG CA  CB   sing N N 17  
ARG CA  HA   sing N N 18  
ARG C   O    doub N N 19  
ARG C   OXT  sing N N 20  
ARG CB  CG   sing N N 21  
ARG CB  HB2  sing N N 22  
ARG CB  HB3  sing N N 23  
ARG CG  CD   sing N N 24  
ARG CG  HG2  sing N N 25  
ARG CG  HG3  sing N N 26  
ARG CD  NE   sing N N 27  
ARG CD  HD2  sing N N 28  
ARG CD  HD3  sing N N 29  
ARG NE  CZ   sing N N 30  
ARG NE  HE   sing N N 31  
ARG CZ  NH1  sing N N 32  
ARG CZ  NH2  doub N N 33  
ARG NH1 HH11 sing N N 34  
ARG NH1 HH12 sing N N 35  
ARG NH2 HH21 sing N N 36  
ARG NH2 HH22 sing N N 37  
ARG OXT HXT  sing N N 38  
ASN N   CA   sing N N 39  
ASN N   H    sing N N 40  
ASN N   H2   sing N N 41  
ASN CA  C    sing N N 42  
ASN CA  CB   sing N N 43  
ASN CA  HA   sing N N 44  
ASN C   O    doub N N 45  
ASN C   OXT  sing N N 46  
ASN CB  CG   sing N N 47  
ASN CB  HB2  sing N N 48  
ASN CB  HB3  sing N N 49  
ASN CG  OD1  doub N N 50  
ASN CG  ND2  sing N N 51  
ASN ND2 HD21 sing N N 52  
ASN ND2 HD22 sing N N 53  
ASN OXT HXT  sing N N 54  
ASP N   CA   sing N N 55  
ASP N   H    sing N N 56  
ASP N   H2   sing N N 57  
ASP CA  C    sing N N 58  
ASP CA  CB   sing N N 59  
ASP CA  HA   sing N N 60  
ASP C   O    doub N N 61  
ASP C   OXT  sing N N 62  
ASP CB  CG   sing N N 63  
ASP CB  HB2  sing N N 64  
ASP CB  HB3  sing N N 65  
ASP CG  OD1  doub N N 66  
ASP CG  OD2  sing N N 67  
ASP OD2 HD2  sing N N 68  
ASP OXT HXT  sing N N 69  
CYS N   CA   sing N N 70  
CYS N   H    sing N N 71  
CYS N   H2   sing N N 72  
CYS CA  C    sing N N 73  
CYS CA  CB   sing N N 74  
CYS CA  HA   sing N N 75  
CYS C   O    doub N N 76  
CYS C   OXT  sing N N 77  
CYS CB  SG   sing N N 78  
CYS CB  HB2  sing N N 79  
CYS CB  HB3  sing N N 80  
CYS SG  HG   sing N N 81  
CYS OXT HXT  sing N N 82  
GLN N   CA   sing N N 83  
GLN N   H    sing N N 84  
GLN N   H2   sing N N 85  
GLN CA  C    sing N N 86  
GLN CA  CB   sing N N 87  
GLN CA  HA   sing N N 88  
GLN C   O    doub N N 89  
GLN C   OXT  sing N N 90  
GLN CB  CG   sing N N 91  
GLN CB  HB2  sing N N 92  
GLN CB  HB3  sing N N 93  
GLN CG  CD   sing N N 94  
GLN CG  HG2  sing N N 95  
GLN CG  HG3  sing N N 96  
GLN CD  OE1  doub N N 97  
GLN CD  NE2  sing N N 98  
GLN NE2 HE21 sing N N 99  
GLN NE2 HE22 sing N N 100 
GLN OXT HXT  sing N N 101 
GLU N   CA   sing N N 102 
GLU N   H    sing N N 103 
GLU N   H2   sing N N 104 
GLU CA  C    sing N N 105 
GLU CA  CB   sing N N 106 
GLU CA  HA   sing N N 107 
GLU C   O    doub N N 108 
GLU C   OXT  sing N N 109 
GLU CB  CG   sing N N 110 
GLU CB  HB2  sing N N 111 
GLU CB  HB3  sing N N 112 
GLU CG  CD   sing N N 113 
GLU CG  HG2  sing N N 114 
GLU CG  HG3  sing N N 115 
GLU CD  OE1  doub N N 116 
GLU CD  OE2  sing N N 117 
GLU OE2 HE2  sing N N 118 
GLU OXT HXT  sing N N 119 
GLY N   CA   sing N N 120 
GLY N   H    sing N N 121 
GLY N   H2   sing N N 122 
GLY CA  C    sing N N 123 
GLY CA  HA2  sing N N 124 
GLY CA  HA3  sing N N 125 
GLY C   O    doub N N 126 
GLY C   OXT  sing N N 127 
GLY OXT HXT  sing N N 128 
HIS N   CA   sing N N 129 
HIS N   H    sing N N 130 
HIS N   H2   sing N N 131 
HIS CA  C    sing N N 132 
HIS CA  CB   sing N N 133 
HIS CA  HA   sing N N 134 
HIS C   O    doub N N 135 
HIS C   OXT  sing N N 136 
HIS CB  CG   sing N N 137 
HIS CB  HB2  sing N N 138 
HIS CB  HB3  sing N N 139 
HIS CG  ND1  sing Y N 140 
HIS CG  CD2  doub Y N 141 
HIS ND1 CE1  doub Y N 142 
HIS ND1 HD1  sing N N 143 
HIS CD2 NE2  sing Y N 144 
HIS CD2 HD2  sing N N 145 
HIS CE1 NE2  sing Y N 146 
HIS CE1 HE1  sing N N 147 
HIS NE2 HE2  sing N N 148 
HIS OXT HXT  sing N N 149 
HOH O   H1   sing N N 150 
HOH O   H2   sing N N 151 
ILE N   CA   sing N N 152 
ILE N   H    sing N N 153 
ILE N   H2   sing N N 154 
ILE CA  C    sing N N 155 
ILE CA  CB   sing N N 156 
ILE CA  HA   sing N N 157 
ILE C   O    doub N N 158 
ILE C   OXT  sing N N 159 
ILE CB  CG1  sing N N 160 
ILE CB  CG2  sing N N 161 
ILE CB  HB   sing N N 162 
ILE CG1 CD1  sing N N 163 
ILE CG1 HG12 sing N N 164 
ILE CG1 HG13 sing N N 165 
ILE CG2 HG21 sing N N 166 
ILE CG2 HG22 sing N N 167 
ILE CG2 HG23 sing N N 168 
ILE CD1 HD11 sing N N 169 
ILE CD1 HD12 sing N N 170 
ILE CD1 HD13 sing N N 171 
ILE OXT HXT  sing N N 172 
LEU N   CA   sing N N 173 
LEU N   H    sing N N 174 
LEU N   H2   sing N N 175 
LEU CA  C    sing N N 176 
LEU CA  CB   sing N N 177 
LEU CA  HA   sing N N 178 
LEU C   O    doub N N 179 
LEU C   OXT  sing N N 180 
LEU CB  CG   sing N N 181 
LEU CB  HB2  sing N N 182 
LEU CB  HB3  sing N N 183 
LEU CG  CD1  sing N N 184 
LEU CG  CD2  sing N N 185 
LEU CG  HG   sing N N 186 
LEU CD1 HD11 sing N N 187 
LEU CD1 HD12 sing N N 188 
LEU CD1 HD13 sing N N 189 
LEU CD2 HD21 sing N N 190 
LEU CD2 HD22 sing N N 191 
LEU CD2 HD23 sing N N 192 
LEU OXT HXT  sing N N 193 
LYS N   CA   sing N N 194 
LYS N   H    sing N N 195 
LYS N   H2   sing N N 196 
LYS CA  C    sing N N 197 
LYS CA  CB   sing N N 198 
LYS CA  HA   sing N N 199 
LYS C   O    doub N N 200 
LYS C   OXT  sing N N 201 
LYS CB  CG   sing N N 202 
LYS CB  HB2  sing N N 203 
LYS CB  HB3  sing N N 204 
LYS CG  CD   sing N N 205 
LYS CG  HG2  sing N N 206 
LYS CG  HG3  sing N N 207 
LYS CD  CE   sing N N 208 
LYS CD  HD2  sing N N 209 
LYS CD  HD3  sing N N 210 
LYS CE  NZ   sing N N 211 
LYS CE  HE2  sing N N 212 
LYS CE  HE3  sing N N 213 
LYS NZ  HZ1  sing N N 214 
LYS NZ  HZ2  sing N N 215 
LYS NZ  HZ3  sing N N 216 
LYS OXT HXT  sing N N 217 
MET N   CA   sing N N 218 
MET N   H    sing N N 219 
MET N   H2   sing N N 220 
MET CA  C    sing N N 221 
MET CA  CB   sing N N 222 
MET CA  HA   sing N N 223 
MET C   O    doub N N 224 
MET C   OXT  sing N N 225 
MET CB  CG   sing N N 226 
MET CB  HB2  sing N N 227 
MET CB  HB3  sing N N 228 
MET CG  SD   sing N N 229 
MET CG  HG2  sing N N 230 
MET CG  HG3  sing N N 231 
MET SD  CE   sing N N 232 
MET CE  HE1  sing N N 233 
MET CE  HE2  sing N N 234 
MET CE  HE3  sing N N 235 
MET OXT HXT  sing N N 236 
PHE N   CA   sing N N 237 
PHE N   H    sing N N 238 
PHE N   H2   sing N N 239 
PHE CA  C    sing N N 240 
PHE CA  CB   sing N N 241 
PHE CA  HA   sing N N 242 
PHE C   O    doub N N 243 
PHE C   OXT  sing N N 244 
PHE CB  CG   sing N N 245 
PHE CB  HB2  sing N N 246 
PHE CB  HB3  sing N N 247 
PHE CG  CD1  doub Y N 248 
PHE CG  CD2  sing Y N 249 
PHE CD1 CE1  sing Y N 250 
PHE CD1 HD1  sing N N 251 
PHE CD2 CE2  doub Y N 252 
PHE CD2 HD2  sing N N 253 
PHE CE1 CZ   doub Y N 254 
PHE CE1 HE1  sing N N 255 
PHE CE2 CZ   sing Y N 256 
PHE CE2 HE2  sing N N 257 
PHE CZ  HZ   sing N N 258 
PHE OXT HXT  sing N N 259 
PRO N   CA   sing N N 260 
PRO N   CD   sing N N 261 
PRO N   H    sing N N 262 
PRO CA  C    sing N N 263 
PRO CA  CB   sing N N 264 
PRO CA  HA   sing N N 265 
PRO C   O    doub N N 266 
PRO C   OXT  sing N N 267 
PRO CB  CG   sing N N 268 
PRO CB  HB2  sing N N 269 
PRO CB  HB3  sing N N 270 
PRO CG  CD   sing N N 271 
PRO CG  HG2  sing N N 272 
PRO CG  HG3  sing N N 273 
PRO CD  HD2  sing N N 274 
PRO CD  HD3  sing N N 275 
PRO OXT HXT  sing N N 276 
SER N   CA   sing N N 277 
SER N   H    sing N N 278 
SER N   H2   sing N N 279 
SER CA  C    sing N N 280 
SER CA  CB   sing N N 281 
SER CA  HA   sing N N 282 
SER C   O    doub N N 283 
SER C   OXT  sing N N 284 
SER CB  OG   sing N N 285 
SER CB  HB2  sing N N 286 
SER CB  HB3  sing N N 287 
SER OG  HG   sing N N 288 
SER OXT HXT  sing N N 289 
THR N   CA   sing N N 290 
THR N   H    sing N N 291 
THR N   H2   sing N N 292 
THR CA  C    sing N N 293 
THR CA  CB   sing N N 294 
THR CA  HA   sing N N 295 
THR C   O    doub N N 296 
THR C   OXT  sing N N 297 
THR CB  OG1  sing N N 298 
THR CB  CG2  sing N N 299 
THR CB  HB   sing N N 300 
THR OG1 HG1  sing N N 301 
THR CG2 HG21 sing N N 302 
THR CG2 HG22 sing N N 303 
THR CG2 HG23 sing N N 304 
THR OXT HXT  sing N N 305 
TRP N   CA   sing N N 306 
TRP N   H    sing N N 307 
TRP N   H2   sing N N 308 
TRP CA  C    sing N N 309 
TRP CA  CB   sing N N 310 
TRP CA  HA   sing N N 311 
TRP C   O    doub N N 312 
TRP C   OXT  sing N N 313 
TRP CB  CG   sing N N 314 
TRP CB  HB2  sing N N 315 
TRP CB  HB3  sing N N 316 
TRP CG  CD1  doub Y N 317 
TRP CG  CD2  sing Y N 318 
TRP CD1 NE1  sing Y N 319 
TRP CD1 HD1  sing N N 320 
TRP CD2 CE2  doub Y N 321 
TRP CD2 CE3  sing Y N 322 
TRP NE1 CE2  sing Y N 323 
TRP NE1 HE1  sing N N 324 
TRP CE2 CZ2  sing Y N 325 
TRP CE3 CZ3  doub Y N 326 
TRP CE3 HE3  sing N N 327 
TRP CZ2 CH2  doub Y N 328 
TRP CZ2 HZ2  sing N N 329 
TRP CZ3 CH2  sing Y N 330 
TRP CZ3 HZ3  sing N N 331 
TRP CH2 HH2  sing N N 332 
TRP OXT HXT  sing N N 333 
TYR N   CA   sing N N 334 
TYR N   H    sing N N 335 
TYR N   H2   sing N N 336 
TYR CA  C    sing N N 337 
TYR CA  CB   sing N N 338 
TYR CA  HA   sing N N 339 
TYR C   O    doub N N 340 
TYR C   OXT  sing N N 341 
TYR CB  CG   sing N N 342 
TYR CB  HB2  sing N N 343 
TYR CB  HB3  sing N N 344 
TYR CG  CD1  doub Y N 345 
TYR CG  CD2  sing Y N 346 
TYR CD1 CE1  sing Y N 347 
TYR CD1 HD1  sing N N 348 
TYR CD2 CE2  doub Y N 349 
TYR CD2 HD2  sing N N 350 
TYR CE1 CZ   doub Y N 351 
TYR CE1 HE1  sing N N 352 
TYR CE2 CZ   sing Y N 353 
TYR CE2 HE2  sing N N 354 
TYR CZ  OH   sing N N 355 
TYR OH  HH   sing N N 356 
TYR OXT HXT  sing N N 357 
VAL N   CA   sing N N 358 
VAL N   H    sing N N 359 
VAL N   H2   sing N N 360 
VAL CA  C    sing N N 361 
VAL CA  CB   sing N N 362 
VAL CA  HA   sing N N 363 
VAL C   O    doub N N 364 
VAL C   OXT  sing N N 365 
VAL CB  CG1  sing N N 366 
VAL CB  CG2  sing N N 367 
VAL CB  HB   sing N N 368 
VAL CG1 HG11 sing N N 369 
VAL CG1 HG12 sing N N 370 
VAL CG1 HG13 sing N N 371 
VAL CG2 HG21 sing N N 372 
VAL CG2 HG22 sing N N 373 
VAL CG2 HG23 sing N N 374 
VAL OXT HXT  sing N N 375 
# 
_atom_sites.entry_id                    2UUZ 
_atom_sites.fract_transf_matrix[1][1]   -0.00100506 
_atom_sites.fract_transf_matrix[1][2]   -0.00487241 
_atom_sites.fract_transf_matrix[1][3]   -0.00495985 
_atom_sites.fract_transf_matrix[2][1]   -0.00413173 
_atom_sites.fract_transf_matrix[2][2]   -0.01755941 
_atom_sites.fract_transf_matrix[2][3]   0.01808710 
_atom_sites.fract_transf_matrix[3][1]   -0.02209316 
_atom_sites.fract_transf_matrix[3][2]   0.00487602 
_atom_sites.fract_transf_matrix[3][3]   -0.00031310 
_atom_sites.fract_transf_vector[1]      0.232175 
_atom_sites.fract_transf_vector[2]      0.170152 
_atom_sites.fract_transf_vector[3]      0.259217 
# 
loop_
_atom_type.symbol 
C 
N 
O 
S 
# 
loop_
_atom_site.group_PDB 
_atom_site.id 
_atom_site.type_symbol 
_atom_site.label_atom_id 
_atom_site.label_alt_id 
_atom_site.label_comp_id 
_atom_site.label_asym_id 
_atom_site.label_entity_id 
_atom_site.label_seq_id 
_atom_site.pdbx_PDB_ins_code 
_atom_site.Cartn_x 
_atom_site.Cartn_y 
_atom_site.Cartn_z 
_atom_site.occupancy 
_atom_site.B_iso_or_equiv 
_atom_site.pdbx_formal_charge 
_atom_site.auth_seq_id 
_atom_site.auth_comp_id 
_atom_site.auth_asym_id 
_atom_site.auth_atom_id 
_atom_site.pdbx_PDB_model_num 
ATOM   1    N N   . ARG A 1 10 ? -20.180 31.985  25.905  1.00 96.07  ? 49   ARG A N   1 
ATOM   2    C CA  . ARG A 1 10 ? -19.028 31.111  26.270  1.00 95.93  ? 49   ARG A CA  1 
ATOM   3    C C   . ARG A 1 10 ? -19.035 29.774  25.529  1.00 193.90 ? 49   ARG A C   1 
ATOM   4    O O   . ARG A 1 10 ? -18.021 29.375  24.955  1.00 194.01 ? 49   ARG A O   1 
ATOM   5    C CB  . ARG A 1 10 ? -19.011 30.850  27.781  1.00 145.83 ? 49   ARG A CB  1 
ATOM   6    C CG  . ARG A 1 10 ? -18.556 32.035  28.630  1.00 145.61 ? 49   ARG A CG  1 
ATOM   7    C CD  . ARG A 1 10 ? -18.468 31.655  30.109  1.00 145.56 ? 49   ARG A CD  1 
ATOM   8    N NE  . ARG A 1 10 ? -17.935 32.736  30.937  1.00 145.62 ? 49   ARG A NE  1 
ATOM   9    C CZ  . ARG A 1 10 ? -17.773 32.661  32.256  1.00 145.94 ? 49   ARG A CZ  1 
ATOM   10   N NH1 . ARG A 1 10 ? -18.104 31.553  32.907  1.00 145.54 ? 49   ARG A NH1 1 
ATOM   11   N NH2 . ARG A 1 10 ? -17.279 33.694  32.926  1.00 145.17 ? 49   ARG A NH2 1 
ATOM   12   N N   . LEU A 1 11 ? -20.172 29.084  25.541  1.00 114.50 ? 50   LEU A N   1 
ATOM   13   C CA  . LEU A 1 11 ? -20.278 27.790  24.873  1.00 115.38 ? 50   LEU A CA  1 
ATOM   14   C C   . LEU A 1 11 ? -20.157 27.899  23.352  1.00 115.28 ? 50   LEU A C   1 
ATOM   15   O O   . LEU A 1 11 ? -19.938 26.898  22.668  1.00 115.22 ? 50   LEU A O   1 
ATOM   16   C CB  . LEU A 1 11 ? -21.595 27.102  25.255  1.00 108.59 ? 50   LEU A CB  1 
ATOM   17   C CG  . LEU A 1 11 ? -22.925 27.777  24.909  1.00 108.54 ? 50   LEU A CG  1 
ATOM   18   C CD1 . LEU A 1 11 ? -23.191 27.688  23.413  1.00 108.55 ? 50   LEU A CD1 1 
ATOM   19   C CD2 . LEU A 1 11 ? -24.041 27.089  25.674  1.00 107.97 ? 50   LEU A CD2 1 
ATOM   20   N N   . GLU A 1 12 ? -20.299 29.114  22.830  1.00 88.87  ? 51   GLU A N   1 
ATOM   21   C CA  . GLU A 1 12 ? -20.197 29.354  21.394  1.00 84.19  ? 51   GLU A CA  1 
ATOM   22   C C   . GLU A 1 12 ? -18.749 29.758  21.079  1.00 80.38  ? 51   GLU A C   1 
ATOM   23   O O   . GLU A 1 12 ? -18.236 29.521  19.977  1.00 79.47  ? 51   GLU A O   1 
ATOM   24   C CB  . GLU A 1 12 ? -21.175 30.461  20.986  1.00 123.33 ? 51   GLU A CB  1 
ATOM   25   C CG  . GLU A 1 12 ? -21.751 30.303  19.587  1.00 123.18 ? 51   GLU A CG  1 
ATOM   26   C CD  . GLU A 1 12 ? -22.954 31.204  19.340  1.00 122.77 ? 51   GLU A CD  1 
ATOM   27   O OE1 . GLU A 1 12 ? -23.911 31.151  20.144  1.00 122.51 ? 51   GLU A OE1 1 
ATOM   28   O OE2 . GLU A 1 12 ? -22.948 31.957  18.342  1.00 123.31 ? 51   GLU A OE2 1 
ATOM   29   N N   . ALA A 1 13 ? -18.100 30.361  22.071  1.00 61.99  ? 52   ALA A N   1 
ATOM   30   C CA  . ALA A 1 13 ? -16.710 30.793  21.959  1.00 56.96  ? 52   ALA A CA  1 
ATOM   31   C C   . ALA A 1 13 ? -15.778 29.575  22.058  1.00 53.37  ? 52   ALA A C   1 
ATOM   32   O O   . ALA A 1 13 ? -14.673 29.572  21.513  1.00 51.17  ? 52   ALA A O   1 
ATOM   33   C CB  . ALA A 1 13 ? -16.389 31.792  23.077  1.00 47.49  ? 52   ALA A CB  1 
ATOM   34   N N   . GLN A 1 14 ? -16.235 28.544  22.758  1.00 59.06  ? 53   GLN A N   1 
ATOM   35   C CA  . GLN A 1 14 ? -15.447 27.336  22.927  1.00 57.04  ? 53   GLN A CA  1 
ATOM   36   C C   . GLN A 1 14 ? -15.632 26.385  21.752  1.00 54.17  ? 53   GLN A C   1 
ATOM   37   O O   . GLN A 1 14 ? -14.702 25.685  21.371  1.00 53.51  ? 53   GLN A O   1 
ATOM   38   C CB  . GLN A 1 14 ? -15.815 26.638  24.237  1.00 200.00 ? 53   GLN A CB  1 
ATOM   39   C CG  . GLN A 1 14 ? -17.297 26.408  24.411  1.00 200.00 ? 53   GLN A CG  1 
ATOM   40   C CD  . GLN A 1 14 ? -17.620 25.700  25.708  1.00 109.32 ? 53   GLN A CD  1 
ATOM   41   O OE1 . GLN A 1 14 ? -17.239 24.547  25.908  1.00 108.76 ? 53   GLN A OE1 1 
ATOM   42   N NE2 . GLN A 1 14 ? -18.322 26.392  26.601  1.00 108.95 ? 53   GLN A NE2 1 
ATOM   43   N N   . SER A 1 15 ? -16.829 26.345  21.180  1.00 71.45  ? 54   SER A N   1 
ATOM   44   C CA  . SER A 1 15 ? -17.041 25.472  20.038  1.00 69.59  ? 54   SER A CA  1 
ATOM   45   C C   . SER A 1 15 ? -16.169 26.049  18.920  1.00 66.74  ? 54   SER A C   1 
ATOM   46   O O   . SER A 1 15 ? -15.579 25.318  18.123  1.00 67.12  ? 54   SER A O   1 
ATOM   47   C CB  . SER A 1 15 ? -18.524 25.448  19.634  1.00 50.48  ? 54   SER A CB  1 
ATOM   48   O OG  . SER A 1 15 ? -18.996 26.737  19.289  1.00 51.20  ? 54   SER A OG  1 
ATOM   49   N N   . TRP A 1 16 ? -16.069 27.373  18.888  1.00 45.22  ? 55   TRP A N   1 
ATOM   50   C CA  . TRP A 1 16 ? -15.255 28.045  17.894  1.00 41.59  ? 55   TRP A CA  1 
ATOM   51   C C   . TRP A 1 16 ? -13.771 27.693  18.074  1.00 36.44  ? 55   TRP A C   1 
ATOM   52   O O   . TRP A 1 16 ? -13.092 27.318  17.105  1.00 31.63  ? 55   TRP A O   1 
ATOM   53   C CB  . TRP A 1 16 ? -15.416 29.549  18.001  1.00 90.12  ? 55   TRP A CB  1 
ATOM   54   C CG  . TRP A 1 16 ? -14.736 30.228  16.891  1.00 98.38  ? 55   TRP A CG  1 
ATOM   55   C CD1 . TRP A 1 16 ? -15.304 30.671  15.738  1.00 102.08 ? 55   TRP A CD1 1 
ATOM   56   C CD2 . TRP A 1 16 ? -13.333 30.491  16.775  1.00 102.08 ? 55   TRP A CD2 1 
ATOM   57   N NE1 . TRP A 1 16 ? -14.342 31.194  14.906  1.00 103.85 ? 55   TRP A NE1 1 
ATOM   58   C CE2 . TRP A 1 16 ? -13.122 31.097  15.521  1.00 103.24 ? 55   TRP A CE2 1 
ATOM   59   C CE3 . TRP A 1 16 ? -12.233 30.268  17.608  1.00 103.52 ? 55   TRP A CE3 1 
ATOM   60   C CZ2 . TRP A 1 16 ? -11.854 31.489  15.078  1.00 103.85 ? 55   TRP A CZ2 1 
ATOM   61   C CZ3 . TRP A 1 16 ? -10.966 30.655  17.166  1.00 102.30 ? 55   TRP A CZ3 1 
ATOM   62   C CH2 . TRP A 1 16 ? -10.792 31.259  15.914  1.00 103.74 ? 55   TRP A CH2 1 
ATOM   63   N N   . ALA A 1 17 ? -13.272 27.836  19.309  1.00 37.36  ? 56   ALA A N   1 
ATOM   64   C CA  . ALA A 1 17 ? -11.879 27.527  19.620  1.00 35.15  ? 56   ALA A CA  1 
ATOM   65   C C   . ALA A 1 17 ? -11.576 26.084  19.274  1.00 33.68  ? 56   ALA A C   1 
ATOM   66   O O   . ALA A 1 17 ? -10.510 25.783  18.752  1.00 31.77  ? 56   ALA A O   1 
ATOM   67   C CB  . ALA A 1 17 ? -11.588 27.773  21.093  1.00 31.34  ? 56   ALA A CB  1 
ATOM   68   N N   . ARG A 1 18 ? -12.515 25.192  19.576  1.00 37.97  ? 57   ARG A N   1 
ATOM   69   C CA  . ARG A 1 18 ? -12.358 23.770  19.274  1.00 39.12  ? 57   ARG A CA  1 
ATOM   70   C C   . ARG A 1 18 ? -12.312 23.579  17.763  1.00 36.19  ? 57   ARG A C   1 
ATOM   71   O O   . ARG A 1 18 ? -11.599 22.726  17.264  1.00 36.69  ? 57   ARG A O   1 
ATOM   72   C CB  . ARG A 1 18 ? -13.533 22.964  19.824  1.00 75.53  ? 57   ARG A CB  1 
ATOM   73   C CG  . ARG A 1 18 ? -13.653 22.942  21.326  1.00 82.10  ? 57   ARG A CG  1 
ATOM   74   C CD  . ARG A 1 18 ? -15.084 22.607  21.702  1.00 89.04  ? 57   ARG A CD  1 
ATOM   75   N NE  . ARG A 1 18 ? -15.288 22.493  23.141  1.00 93.69  ? 57   ARG A NE  1 
ATOM   76   C CZ  . ARG A 1 18 ? -16.485 22.462  23.720  1.00 97.73  ? 57   ARG A CZ  1 
ATOM   77   N NH1 . ARG A 1 18 ? -17.584 22.541  22.980  1.00 99.12  ? 57   ARG A NH1 1 
ATOM   78   N NH2 . ARG A 1 18 ? -16.587 22.339  25.037  1.00 99.98  ? 57   ARG A NH2 1 
ATOM   79   N N   . HIS A 1 19 ? -13.088 24.380  17.043  1.00 34.24  ? 58   HIS A N   1 
ATOM   80   C CA  . HIS A 1 19 ? -13.132 24.285  15.596  1.00 33.04  ? 58   HIS A CA  1 
ATOM   81   C C   . HIS A 1 19 ? -11.795 24.716  15.007  1.00 32.76  ? 58   HIS A C   1 
ATOM   82   O O   . HIS A 1 19 ? -11.193 24.005  14.206  1.00 33.90  ? 58   HIS A O   1 
ATOM   83   C CB  . HIS A 1 19 ? -14.239 25.178  15.033  1.00 42.18  ? 58   HIS A CB  1 
ATOM   84   C CG  . HIS A 1 19 ? -14.511 24.950  13.577  1.00 42.33  ? 58   HIS A CG  1 
ATOM   85   N ND1 . HIS A 1 19 ? -15.006 25.931  12.746  1.00 41.57  ? 58   HIS A ND1 1 
ATOM   86   C CD2 . HIS A 1 19 ? -14.398 23.833  12.817  1.00 42.41  ? 58   HIS A CD2 1 
ATOM   87   C CE1 . HIS A 1 19 ? -15.191 25.429  11.537  1.00 42.44  ? 58   HIS A CE1 1 
ATOM   88   N NE2 . HIS A 1 19 ? -14.830 24.157  11.553  1.00 43.42  ? 58   HIS A NE2 1 
ATOM   89   N N   . TYR A 1 20 ? -11.342 25.896  15.411  1.00 34.82  ? 59   TYR A N   1 
ATOM   90   C CA  . TYR A 1 20 ? -10.084 26.445  14.947  1.00 33.93  ? 59   TYR A CA  1 
ATOM   91   C C   . TYR A 1 20 ? -8.970  25.430  15.167  1.00 34.89  ? 59   TYR A C   1 
ATOM   92   O O   . TYR A 1 20 ? -8.209  25.122  14.252  1.00 33.14  ? 59   TYR A O   1 
ATOM   93   C CB  . TYR A 1 20 ? -9.762  27.725  15.716  1.00 31.99  ? 59   TYR A CB  1 
ATOM   94   C CG  . TYR A 1 20 ? -8.518  28.451  15.243  1.00 29.86  ? 59   TYR A CG  1 
ATOM   95   C CD1 . TYR A 1 20 ? -7.905  29.414  16.053  1.00 31.70  ? 59   TYR A CD1 1 
ATOM   96   C CD2 . TYR A 1 20 ? -7.956  28.188  13.991  1.00 30.53  ? 59   TYR A CD2 1 
ATOM   97   C CE1 . TYR A 1 20 ? -6.771  30.090  15.633  1.00 29.17  ? 59   TYR A CE1 1 
ATOM   98   C CE2 . TYR A 1 20 ? -6.816  28.858  13.562  1.00 31.04  ? 59   TYR A CE2 1 
ATOM   99   C CZ  . TYR A 1 20 ? -6.230  29.810  14.394  1.00 30.47  ? 59   TYR A CZ  1 
ATOM   100  O OH  . TYR A 1 20 ? -5.099  30.471  13.992  1.00 30.39  ? 59   TYR A OH  1 
ATOM   101  N N   . GLN A 1 21 ? -8.878  24.900  16.383  1.00 28.33  ? 60   GLN A N   1 
ATOM   102  C CA  . GLN A 1 21 ? -7.834  23.937  16.678  1.00 32.43  ? 60   GLN A CA  1 
ATOM   103  C C   . GLN A 1 21 ? -7.960  22.676  15.812  1.00 33.72  ? 60   GLN A C   1 
ATOM   104  O O   . GLN A 1 21 ? -6.959  22.130  15.357  1.00 32.01  ? 60   GLN A O   1 
ATOM   105  C CB  . GLN A 1 21 ? -7.851  23.568  18.158  1.00 38.91  ? 60   GLN A CB  1 
ATOM   106  C CG  . GLN A 1 21 ? -6.638  22.766  18.568  1.00 42.42  ? 60   GLN A CG  1 
ATOM   107  C CD  . GLN A 1 21 ? -6.563  22.503  20.058  1.00 46.13  ? 60   GLN A CD  1 
ATOM   108  O OE1 . GLN A 1 21 ? -5.674  21.789  20.522  1.00 49.80  ? 60   GLN A OE1 1 
ATOM   109  N NE2 . GLN A 1 21 ? -7.488  23.076  20.817  1.00 46.61  ? 60   GLN A NE2 1 
ATOM   110  N N   . GLN A 1 22 ? -9.189  22.226  15.583  1.00 34.64  ? 61   GLN A N   1 
ATOM   111  C CA  . GLN A 1 22 ? -9.418  21.046  14.763  1.00 37.32  ? 61   GLN A CA  1 
ATOM   112  C C   . GLN A 1 22 ? -8.885  21.293  13.345  1.00 37.31  ? 61   GLN A C   1 
ATOM   113  O O   . GLN A 1 22 ? -8.146  20.471  12.796  1.00 38.17  ? 61   GLN A O   1 
ATOM   114  C CB  . GLN A 1 22 ? -10.918 20.729  14.703  1.00 58.86  ? 61   GLN A CB  1 
ATOM   115  C CG  . GLN A 1 22 ? -11.286 19.640  13.696  1.00 66.67  ? 61   GLN A CG  1 
ATOM   116  C CD  . GLN A 1 22 ? -12.764 19.657  13.305  1.00 71.68  ? 61   GLN A CD  1 
ATOM   117  O OE1 . GLN A 1 22 ? -13.184 18.936  12.398  1.00 75.29  ? 61   GLN A OE1 1 
ATOM   118  N NE2 . GLN A 1 22 ? -13.555 20.481  13.988  1.00 72.81  ? 61   GLN A NE2 1 
ATOM   119  N N   . LEU A 1 23 ? -9.272  22.433  12.772  1.00 41.24  ? 62   LEU A N   1 
ATOM   120  C CA  . LEU A 1 23 ? -8.864  22.831  11.430  1.00 40.46  ? 62   LEU A CA  1 
ATOM   121  C C   . LEU A 1 23 ? -7.359  23.038  11.263  1.00 40.18  ? 62   LEU A C   1 
ATOM   122  O O   . LEU A 1 23 ? -6.801  22.716  10.215  1.00 38.05  ? 62   LEU A O   1 
ATOM   123  C CB  . LEU A 1 23 ? -9.608  24.109  11.024  1.00 49.50  ? 62   LEU A CB  1 
ATOM   124  C CG  . LEU A 1 23 ? -11.003 23.923  10.423  1.00 53.25  ? 62   LEU A CG  1 
ATOM   125  C CD1 . LEU A 1 23 ? -11.777 22.923  11.237  1.00 51.92  ? 62   LEU A CD1 1 
ATOM   126  C CD2 . LEU A 1 23 ? -11.736 25.250  10.363  1.00 49.51  ? 62   LEU A CD2 1 
ATOM   127  N N   . ALA A 1 24 ? -6.703  23.578  12.285  1.00 37.21  ? 63   ALA A N   1 
ATOM   128  C CA  . ALA A 1 24 ? -5.263  23.807  12.210  1.00 39.03  ? 63   ALA A CA  1 
ATOM   129  C C   . ALA A 1 24 ? -4.519  22.483  12.291  1.00 39.20  ? 63   ALA A C   1 
ATOM   130  O O   . ALA A 1 24 ? -3.415  22.344  11.779  1.00 37.12  ? 63   ALA A O   1 
ATOM   131  C CB  . ALA A 1 24 ? -4.797  24.722  13.351  1.00 19.99  ? 63   ALA A CB  1 
ATOM   132  N N   . ARG A 1 25 ? -5.131  21.521  12.965  1.00 45.37  ? 64   ARG A N   1 
ATOM   133  C CA  . ARG A 1 25 ? -4.538  20.212  13.143  1.00 47.74  ? 64   ARG A CA  1 
ATOM   134  C C   . ARG A 1 25 ? -4.550  19.489  11.804  1.00 47.08  ? 64   ARG A C   1 
ATOM   135  O O   . ARG A 1 25 ? -3.567  18.874  11.412  1.00 45.97  ? 64   ARG A O   1 
ATOM   136  C CB  . ARG A 1 25 ? -5.354  19.426  14.162  1.00 59.78  ? 64   ARG A CB  1 
ATOM   137  C CG  . ARG A 1 25 ? -4.719  18.149  14.645  1.00 66.79  ? 64   ARG A CG  1 
ATOM   138  C CD  . ARG A 1 25 ? -5.707  17.399  15.522  1.00 72.29  ? 64   ARG A CD  1 
ATOM   139  N NE  . ARG A 1 25 ? -5.052  16.578  16.535  1.00 76.91  ? 64   ARG A NE  1 
ATOM   140  C CZ  . ARG A 1 25 ? -4.282  15.528  16.278  1.00 78.65  ? 64   ARG A CZ  1 
ATOM   141  N NH1 . ARG A 1 25 ? -4.058  15.146  15.025  1.00 78.56  ? 64   ARG A NH1 1 
ATOM   142  N NH2 . ARG A 1 25 ? -3.730  14.864  17.281  1.00 78.02  ? 64   ARG A NH2 1 
ATOM   143  N N   . GLU A 1 26 ? -5.674  19.572  11.108  1.00 40.81  ? 65   GLU A N   1 
ATOM   144  C CA  . GLU A 1 26 ? -5.817  18.920  9.815   1.00 42.65  ? 65   GLU A CA  1 
ATOM   145  C C   . GLU A 1 26 ? -4.875  19.534  8.799   1.00 42.28  ? 65   GLU A C   1 
ATOM   146  O O   . GLU A 1 26 ? -4.258  18.830  8.016   1.00 42.08  ? 65   GLU A O   1 
ATOM   147  C CB  . GLU A 1 26 ? -7.261  19.026  9.334   1.00 46.02  ? 65   GLU A CB  1 
ATOM   148  C CG  . GLU A 1 26 ? -8.242  18.306  10.240  1.00 48.66  ? 65   GLU A CG  1 
ATOM   149  C CD  . GLU A 1 26 ? -9.674  18.663  9.931   1.00 50.73  ? 65   GLU A CD  1 
ATOM   150  O OE1 . GLU A 1 26 ? -10.591 18.039  10.500  1.00 54.34  ? 65   GLU A OE1 1 
ATOM   151  O OE2 . GLU A 1 26 ? -9.885  19.578  9.113   1.00 54.15  ? 65   GLU A OE2 1 
ATOM   152  N N   . GLU A 1 27 ? -4.766  20.854  8.815   1.00 45.73  ? 66   GLU A N   1 
ATOM   153  C CA  . GLU A 1 27 ? -3.871  21.521  7.892   1.00 46.26  ? 66   GLU A CA  1 
ATOM   154  C C   . GLU A 1 27 ? -2.472  20.996  8.174   1.00 46.63  ? 66   GLU A C   1 
ATOM   155  O O   . GLU A 1 27 ? -1.757  20.597  7.262   1.00 44.61  ? 66   GLU A O   1 
ATOM   156  C CB  . GLU A 1 27 ? -3.916  23.029  8.102   1.00 45.84  ? 66   GLU A CB  1 
ATOM   157  C CG  . GLU A 1 27 ? -2.870  23.802  7.312   1.00 48.43  ? 66   GLU A CG  1 
ATOM   158  C CD  . GLU A 1 27 ? -2.830  25.272  7.702   1.00 51.57  ? 66   GLU A CD  1 
ATOM   159  O OE1 . GLU A 1 27 ? -2.695  25.555  8.912   1.00 51.37  ? 66   GLU A OE1 1 
ATOM   160  O OE2 . GLU A 1 27 ? -2.933  26.139  6.805   1.00 52.55  ? 66   GLU A OE2 1 
ATOM   161  N N   . LYS A 1 28 ? -2.082  20.986  9.444   1.00 48.21  ? 67   LYS A N   1 
ATOM   162  C CA  . LYS A 1 28 ? -0.761  20.496  9.796   1.00 49.89  ? 67   LYS A CA  1 
ATOM   163  C C   . LYS A 1 28 ? -0.571  19.085  9.233   1.00 51.15  ? 67   LYS A C   1 
ATOM   164  O O   . LYS A 1 28 ? 0.454   18.787  8.617   1.00 51.61  ? 67   LYS A O   1 
ATOM   165  C CB  . LYS A 1 28 ? -0.579  20.480  11.308  1.00 51.37  ? 67   LYS A CB  1 
ATOM   166  C CG  . LYS A 1 28 ? 0.811   20.060  11.745  1.00 54.89  ? 67   LYS A CG  1 
ATOM   167  C CD  . LYS A 1 28 ? 0.986   20.131  13.259  1.00 56.82  ? 67   LYS A CD  1 
ATOM   168  C CE  . LYS A 1 28 ? 0.827   21.562  13.786  1.00 60.14  ? 67   LYS A CE  1 
ATOM   169  N NZ  . LYS A 1 28 ? 1.189   21.684  15.240  1.00 61.29  ? 67   LYS A NZ  1 
ATOM   170  N N   . GLU A 1 29 ? -1.575  18.234  9.431   1.00 52.22  ? 68   GLU A N   1 
ATOM   171  C CA  . GLU A 1 29 ? -1.528  16.861  8.951   1.00 51.73  ? 68   GLU A CA  1 
ATOM   172  C C   . GLU A 1 29 ? -1.412  16.761  7.433   1.00 52.77  ? 68   GLU A C   1 
ATOM   173  O O   . GLU A 1 29 ? -0.523  16.071  6.923   1.00 53.24  ? 68   GLU A O   1 
ATOM   174  C CB  . GLU A 1 29 ? -2.763  16.094  9.423   1.00 50.38  ? 68   GLU A CB  1 
ATOM   175  C CG  . GLU A 1 29 ? -2.606  15.431  10.781  1.00 50.11  ? 68   GLU A CG  1 
ATOM   176  C CD  . GLU A 1 29 ? -3.849  14.657  11.198  1.00 53.65  ? 68   GLU A CD  1 
ATOM   177  O OE1 . GLU A 1 29 ? -4.557  14.138  10.309  1.00 53.74  ? 68   GLU A OE1 1 
ATOM   178  O OE2 . GLU A 1 29 ? -4.114  14.555  12.411  1.00 53.20  ? 68   GLU A OE2 1 
ATOM   179  N N   . ALA A 1 30 ? -2.310  17.440  6.721   1.00 47.49  ? 69   ALA A N   1 
ATOM   180  C CA  . ALA A 1 30 ? -2.312  17.434  5.261   1.00 48.27  ? 69   ALA A CA  1 
ATOM   181  C C   . ALA A 1 30 ? -0.979  17.917  4.695   1.00 49.20  ? 69   ALA A C   1 
ATOM   182  O O   . ALA A 1 30 ? -0.516  17.421  3.666   1.00 48.53  ? 69   ALA A O   1 
ATOM   183  C CB  . ALA A 1 30 ? -3.450  18.305  4.724   1.00 45.19  ? 69   ALA A CB  1 
ATOM   184  N N   . GLU A 1 31 ? -0.361  18.885  5.360   1.00 47.50  ? 70   GLU A N   1 
ATOM   185  C CA  . GLU A 1 31 ? 0.911   19.392  4.889   1.00 49.92  ? 70   GLU A CA  1 
ATOM   186  C C   . GLU A 1 31 ? 1.999   18.395  5.230   1.00 49.43  ? 70   GLU A C   1 
ATOM   187  O O   . GLU A 1 31 ? 2.960   18.226  4.475   1.00 50.30  ? 70   GLU A O   1 
ATOM   188  C CB  . GLU A 1 31 ? 1.210   20.760  5.500   1.00 72.12  ? 70   GLU A CB  1 
ATOM   189  C CG  . GLU A 1 31 ? 0.248   21.835  5.014   1.00 79.86  ? 70   GLU A CG  1 
ATOM   190  C CD  . GLU A 1 31 ? 0.727   23.239  5.309   1.00 83.93  ? 70   GLU A CD  1 
ATOM   191  O OE1 . GLU A 1 31 ? 0.025   24.196  4.922   1.00 86.42  ? 70   GLU A OE1 1 
ATOM   192  O OE2 . GLU A 1 31 ? 1.803   23.386  5.924   1.00 87.21  ? 70   GLU A OE2 1 
ATOM   193  N N   . LEU A 1 32 ? 1.849   17.722  6.361   1.00 46.42  ? 71   LEU A N   1 
ATOM   194  C CA  . LEU A 1 32 ? 2.837   16.734  6.751   1.00 46.10  ? 71   LEU A CA  1 
ATOM   195  C C   . LEU A 1 32 ? 2.741   15.556  5.775   1.00 47.35  ? 71   LEU A C   1 
ATOM   196  O O   . LEU A 1 32 ? 3.759   14.991  5.371   1.00 47.49  ? 71   LEU A O   1 
ATOM   197  C CB  . LEU A 1 32 ? 2.590   16.254  8.177   1.00 46.96  ? 71   LEU A CB  1 
ATOM   198  C CG  . LEU A 1 32 ? 3.664   15.308  8.714   1.00 47.93  ? 71   LEU A CG  1 
ATOM   199  C CD1 . LEU A 1 32 ? 5.016   16.012  8.707   1.00 47.44  ? 71   LEU A CD1 1 
ATOM   200  C CD2 . LEU A 1 32 ? 3.303   14.867  10.114  1.00 45.48  ? 71   LEU A CD2 1 
ATOM   201  N N   . ALA A 1 33 ? 1.515   15.209  5.390   1.00 44.81  ? 72   ALA A N   1 
ATOM   202  C CA  . ALA A 1 33 ? 1.276   14.110  4.461   1.00 45.35  ? 72   ALA A CA  1 
ATOM   203  C C   . ALA A 1 33 ? 1.814   14.413  3.063   1.00 47.12  ? 72   ALA A C   1 
ATOM   204  O O   . ALA A 1 33 ? 2.095   13.494  2.293   1.00 46.88  ? 72   ALA A O   1 
ATOM   205  C CB  . ALA A 1 33 ? -0.220  13.793  4.385   1.00 40.83  ? 72   ALA A CB  1 
ATOM   206  N N   . ASP A 1 34 ? 1.957   15.692  2.729   1.00 60.35  ? 73   ASP A N   1 
ATOM   207  C CA  . ASP A 1 34 ? 2.471   16.056  1.414   1.00 62.09  ? 73   ASP A CA  1 
ATOM   208  C C   . ASP A 1 34 ? 3.980   15.907  1.368   1.00 62.81  ? 73   ASP A C   1 
ATOM   209  O O   . ASP A 1 34 ? 4.549   15.622  0.316   1.00 63.30  ? 73   ASP A O   1 
ATOM   210  C CB  . ASP A 1 34 ? 2.089   17.491  1.052   1.00 54.24  ? 73   ASP A CB  1 
ATOM   211  C CG  . ASP A 1 34 ? 0.603   17.661  0.867   1.00 56.07  ? 73   ASP A CG  1 
ATOM   212  O OD1 . ASP A 1 34 ? -0.059  16.665  0.511   1.00 55.22  ? 73   ASP A OD1 1 
ATOM   213  O OD2 . ASP A 1 34 ? 0.102   18.791  1.064   1.00 57.90  ? 73   ASP A OD2 1 
ATOM   214  N N   . ASP A 1 35 ? 4.624   16.108  2.512   1.00 56.25  ? 74   ASP A N   1 
ATOM   215  C CA  . ASP A 1 35 ? 6.072   15.980  2.607   1.00 58.51  ? 74   ASP A CA  1 
ATOM   216  C C   . ASP A 1 35 ? 6.453   14.505  2.493   1.00 58.28  ? 74   ASP A C   1 
ATOM   217  O O   . ASP A 1 35 ? 7.273   14.121  1.651   1.00 58.03  ? 74   ASP A O   1 
ATOM   218  C CB  . ASP A 1 35 ? 6.579   16.509  3.952   1.00 90.14  ? 74   ASP A CB  1 
ATOM   219  C CG  . ASP A 1 35 ? 6.240   17.964  4.180   1.00 95.51  ? 74   ASP A CG  1 
ATOM   220  O OD1 . ASP A 1 35 ? 6.585   18.480  5.265   1.00 97.06  ? 74   ASP A OD1 1 
ATOM   221  O OD2 . ASP A 1 35 ? 5.632   18.587  3.281   1.00 95.74  ? 74   ASP A OD2 1 
ATOM   222  N N   . MET A 1 36 ? 5.845   13.689  3.353   1.00 61.00  ? 75   MET A N   1 
ATOM   223  C CA  . MET A 1 36 ? 6.106   12.255  3.392   1.00 61.46  ? 75   MET A CA  1 
ATOM   224  C C   . MET A 1 36 ? 5.801   11.523  2.089   1.00 61.08  ? 75   MET A C   1 
ATOM   225  O O   . MET A 1 36 ? 6.498   10.573  1.738   1.00 61.65  ? 75   MET A O   1 
ATOM   226  C CB  . MET A 1 36 ? 5.307   11.602  4.519   1.00 58.05  ? 75   MET A CB  1 
ATOM   227  C CG  . MET A 1 36 ? 5.735   11.992  5.908   1.00 57.86  ? 75   MET A CG  1 
ATOM   228  S SD  . MET A 1 36 ? 4.717   11.167  7.120   1.00 56.82  ? 75   MET A SD  1 
ATOM   229  C CE  . MET A 1 36 ? 3.469   12.351  7.313   1.00 59.01  ? 75   MET A CE  1 
ATOM   230  N N   . GLU A 1 37 ? 4.764   11.953  1.379   1.00 50.43  ? 76   GLU A N   1 
ATOM   231  C CA  . GLU A 1 37 ? 4.391   11.305  0.131   1.00 51.20  ? 76   GLU A CA  1 
ATOM   232  C C   . GLU A 1 37 ? 5.544   11.294  -0.872  1.00 52.84  ? 76   GLU A C   1 
ATOM   233  O O   . GLU A 1 37 ? 5.692   10.353  -1.660  1.00 51.75  ? 76   GLU A O   1 
ATOM   234  C CB  . GLU A 1 37 ? 3.184   11.998  -0.491  1.00 51.01  ? 76   GLU A CB  1 
ATOM   235  C CG  . GLU A 1 37 ? 2.520   11.191  -1.598  1.00 49.76  ? 76   GLU A CG  1 
ATOM   236  C CD  . GLU A 1 37 ? 1.372   11.932  -2.238  1.00 50.97  ? 76   GLU A CD  1 
ATOM   237  O OE1 . GLU A 1 37 ? 0.641   11.321  -3.047  1.00 52.67  ? 76   GLU A OE1 1 
ATOM   238  O OE2 . GLU A 1 37 ? 1.198   13.130  -1.940  1.00 51.89  ? 76   GLU A OE2 1 
ATOM   239  N N   . LYS A 1 38 ? 6.361   12.341  -0.843  1.00 69.84  ? 77   LYS A N   1 
ATOM   240  C CA  . LYS A 1 38 ? 7.487   12.427  -1.759  1.00 70.09  ? 77   LYS A CA  1 
ATOM   241  C C   . LYS A 1 38 ? 8.586   11.466  -1.329  1.00 68.26  ? 77   LYS A C   1 
ATOM   242  O O   . LYS A 1 38 ? 9.495   11.158  -2.097  1.00 67.85  ? 77   LYS A O   1 
ATOM   243  C CB  . LYS A 1 38 ? 8.008   13.865  -1.815  1.00 85.75  ? 77   LYS A CB  1 
ATOM   244  C CG  . LYS A 1 38 ? 6.968   14.886  -2.280  1.00 87.66  ? 77   LYS A CG  1 
ATOM   245  C CD  . LYS A 1 38 ? 6.350   14.522  -3.634  1.00 89.92  ? 77   LYS A CD  1 
ATOM   246  C CE  . LYS A 1 38 ? 5.263   13.450  -3.517  1.00 90.71  ? 77   LYS A CE  1 
ATOM   247  N NZ  . LYS A 1 38 ? 4.722   13.038  -4.843  1.00 90.90  ? 77   LYS A NZ  1 
ATOM   248  N N   . GLY A 1 39 ? 8.484   10.985  -0.098  1.00 50.94  ? 78   GLY A N   1 
ATOM   249  C CA  . GLY A 1 39 ? 9.465   10.048  0.419   1.00 45.99  ? 78   GLY A CA  1 
ATOM   250  C C   . GLY A 1 39 ? 9.220   8.619   -0.044  1.00 44.24  ? 78   GLY A C   1 
ATOM   251  O O   . GLY A 1 39 ? 10.094  7.764   0.084   1.00 44.71  ? 78   GLY A O   1 
ATOM   252  N N   . ILE A 1 40 ? 8.033   8.329   -0.564  1.00 38.93  ? 79   ILE A N   1 
ATOM   253  C CA  . ILE A 1 40 ? 7.799   6.978   -1.034  1.00 38.23  ? 79   ILE A CA  1 
ATOM   254  C C   . ILE A 1 40 ? 7.199   6.880   -2.417  1.00 35.95  ? 79   ILE A C   1 
ATOM   255  O O   . ILE A 1 40 ? 5.997   6.694   -2.582  1.00 35.85  ? 79   ILE A O   1 
ATOM   256  C CB  . ILE A 1 40 ? 6.961   6.090   -0.030  1.00 46.28  ? 79   ILE A CB  1 
ATOM   257  C CG1 . ILE A 1 40 ? 5.890   6.887   0.688   1.00 48.35  ? 79   ILE A CG1 1 
ATOM   258  C CG2 . ILE A 1 40 ? 7.884   5.458   1.012   1.00 48.39  ? 79   ILE A CG2 1 
ATOM   259  C CD1 . ILE A 1 40 ? 5.167   6.052   1.748   1.00 50.03  ? 79   ILE A CD1 1 
ATOM   260  N N   . PRO A 1 41 ? 8.049   7.023   -3.443  1.00 35.82  ? 80   PRO A N   1 
ATOM   261  C CA  . PRO A 1 41 ? 7.598   6.934   -4.831  1.00 35.24  ? 80   PRO A CA  1 
ATOM   262  C C   . PRO A 1 41 ? 7.309   5.467   -5.161  1.00 33.92  ? 80   PRO A C   1 
ATOM   263  O O   . PRO A 1 41 ? 7.814   4.562   -4.503  1.00 33.05  ? 80   PRO A O   1 
ATOM   264  C CB  . PRO A 1 41 ? 8.779   7.501   -5.615  1.00 32.13  ? 80   PRO A CB  1 
ATOM   265  C CG  . PRO A 1 41 ? 9.970   7.152   -4.739  1.00 33.39  ? 80   PRO A CG  1 
ATOM   266  C CD  . PRO A 1 41 ? 9.450   7.483   -3.370  1.00 32.67  ? 80   PRO A CD  1 
ATOM   267  N N   . GLN A 1 42 ? 6.492   5.239   -6.173  1.00 36.86  ? 81   GLN A N   1 
ATOM   268  C CA  . GLN A 1 42 ? 6.133   3.884   -6.546  1.00 37.82  ? 81   GLN A CA  1 
ATOM   269  C C   . GLN A 1 42 ? 7.276   2.936   -6.888  1.00 36.51  ? 81   GLN A C   1 
ATOM   270  O O   . GLN A 1 42 ? 7.175   1.739   -6.623  1.00 35.77  ? 81   GLN A O   1 
ATOM   271  C CB  . GLN A 1 42 ? 5.160   3.913   -7.717  1.00 36.87  ? 81   GLN A CB  1 
ATOM   272  C CG  . GLN A 1 42 ? 3.735   4.108   -7.297  1.00 40.06  ? 81   GLN A CG  1 
ATOM   273  C CD  . GLN A 1 42 ? 2.798   4.124   -8.476  1.00 40.15  ? 81   GLN A CD  1 
ATOM   274  O OE1 . GLN A 1 42 ? 2.803   3.208   -9.298  1.00 40.57  ? 81   GLN A OE1 1 
ATOM   275  N NE2 . GLN A 1 42 ? 1.983   5.168   -8.568  1.00 39.81  ? 81   GLN A NE2 1 
ATOM   276  N N   . HIS A 1 43 ? 8.358   3.451   -7.461  1.00 33.19  ? 82   HIS A N   1 
ATOM   277  C CA  . HIS A 1 43 ? 9.447   2.568   -7.851  1.00 32.72  ? 82   HIS A CA  1 
ATOM   278  C C   . HIS A 1 43 ? 9.998   1.776   -6.684  1.00 33.80  ? 82   HIS A C   1 
ATOM   279  O O   . HIS A 1 43 ? 10.573  0.703   -6.872  1.00 34.88  ? 82   HIS A O   1 
ATOM   280  C CB  . HIS A 1 43 ? 10.557  3.336   -8.603  1.00 34.79  ? 82   HIS A CB  1 
ATOM   281  C CG  . HIS A 1 43 ? 11.418  4.203   -7.741  1.00 32.26  ? 82   HIS A CG  1 
ATOM   282  N ND1 . HIS A 1 43 ? 12.282  3.692   -6.794  1.00 34.54  ? 82   HIS A ND1 1 
ATOM   283  C CD2 . HIS A 1 43 ? 11.591  5.547   -7.724  1.00 31.59  ? 82   HIS A CD2 1 
ATOM   284  C CE1 . HIS A 1 43 ? 12.953  4.683   -6.233  1.00 33.20  ? 82   HIS A CE1 1 
ATOM   285  N NE2 . HIS A 1 43 ? 12.551  5.820   -6.781  1.00 34.08  ? 82   HIS A NE2 1 
ATOM   286  N N   . LEU A 1 44 ? 9.802   2.277   -5.469  1.00 38.51  ? 83   LEU A N   1 
ATOM   287  C CA  . LEU A 1 44 ? 10.267  1.541   -4.295  1.00 37.91  ? 83   LEU A CA  1 
ATOM   288  C C   . LEU A 1 44 ? 9.385   0.305   -4.133  1.00 37.99  ? 83   LEU A C   1 
ATOM   289  O O   . LEU A 1 44 ? 9.851   -0.758  -3.721  1.00 36.37  ? 83   LEU A O   1 
ATOM   290  C CB  . LEU A 1 44 ? 10.183  2.413   -3.044  1.00 38.59  ? 83   LEU A CB  1 
ATOM   291  C CG  . LEU A 1 44 ? 11.173  3.586   -3.015  1.00 41.56  ? 83   LEU A CG  1 
ATOM   292  C CD1 . LEU A 1 44 ? 10.806  4.547   -1.882  1.00 42.73  ? 83   LEU A CD1 1 
ATOM   293  C CD2 . LEU A 1 44 ? 12.597  3.067   -2.828  1.00 37.24  ? 83   LEU A CD2 1 
ATOM   294  N N   . PHE A 1 45 ? 8.107   0.443   -4.470  1.00 36.60  ? 84   PHE A N   1 
ATOM   295  C CA  . PHE A 1 45 ? 7.178   -0.677  -4.346  1.00 36.76  ? 84   PHE A CA  1 
ATOM   296  C C   . PHE A 1 45 ? 7.416   -1.668  -5.476  1.00 35.56  ? 84   PHE A C   1 
ATOM   297  O O   . PHE A 1 45 ? 7.230   -2.866  -5.301  1.00 33.26  ? 84   PHE A O   1 
ATOM   298  C CB  . PHE A 1 45 ? 5.730   -0.161  -4.334  1.00 34.57  ? 84   PHE A CB  1 
ATOM   299  C CG  . PHE A 1 45 ? 5.391   0.601   -3.088  1.00 36.65  ? 84   PHE A CG  1 
ATOM   300  C CD1 . PHE A 1 45 ? 4.863   -0.053  -1.976  1.00 36.16  ? 84   PHE A CD1 1 
ATOM   301  C CD2 . PHE A 1 45 ? 5.706   1.950   -2.980  1.00 34.78  ? 84   PHE A CD2 1 
ATOM   302  C CE1 . PHE A 1 45 ? 4.663   0.626   -0.768  1.00 37.09  ? 84   PHE A CE1 1 
ATOM   303  C CE2 . PHE A 1 45 ? 5.517   2.632   -1.784  1.00 36.70  ? 84   PHE A CE2 1 
ATOM   304  C CZ  . PHE A 1 45 ? 4.996   1.971   -0.675  1.00 34.62  ? 84   PHE A CZ  1 
ATOM   305  N N   . GLU A 1 46 ? 7.843   -1.166  -6.627  1.00 30.84  ? 85   GLU A N   1 
ATOM   306  C CA  . GLU A 1 46 ? 8.144   -2.038  -7.750  1.00 31.78  ? 85   GLU A CA  1 
ATOM   307  C C   . GLU A 1 46 ? 9.383   -2.865  -7.367  1.00 31.27  ? 85   GLU A C   1 
ATOM   308  O O   . GLU A 1 46 ? 9.429   -4.073  -7.595  1.00 31.14  ? 85   GLU A O   1 
ATOM   309  C CB  . GLU A 1 46 ? 8.405   -1.211  -9.016  1.00 37.95  ? 85   GLU A CB  1 
ATOM   310  C CG  . GLU A 1 46 ? 8.890   -2.035  -10.215 1.00 40.56  ? 85   GLU A CG  1 
ATOM   311  C CD  . GLU A 1 46 ? 8.703   -1.328  -11.548 1.00 42.33  ? 85   GLU A CD  1 
ATOM   312  O OE1 . GLU A 1 46 ? 8.404   -0.117  -11.561 1.00 44.79  ? 85   GLU A OE1 1 
ATOM   313  O OE2 . GLU A 1 46 ? 8.862   -1.993  -12.593 1.00 43.61  ? 85   GLU A OE2 1 
ATOM   314  N N   . SER A 1 47 ? 10.378  -2.223  -6.766  1.00 35.08  ? 86   SER A N   1 
ATOM   315  C CA  . SER A 1 47 ? 11.579  -2.948  -6.357  1.00 34.87  ? 86   SER A CA  1 
ATOM   316  C C   . SER A 1 47 ? 11.206  -3.996  -5.311  1.00 34.67  ? 86   SER A C   1 
ATOM   317  O O   . SER A 1 47 ? 11.694  -5.140  -5.329  1.00 33.93  ? 86   SER A O   1 
ATOM   318  C CB  . SER A 1 47 ? 12.628  -1.977  -5.787  1.00 29.38  ? 86   SER A CB  1 
ATOM   319  O OG  . SER A 1 47 ? 13.181  -1.156  -6.811  1.00 33.17  ? 86   SER A OG  1 
ATOM   320  N N   . LEU A 1 48 ? 10.328  -3.610  -4.395  1.00 32.05  ? 87   LEU A N   1 
ATOM   321  C CA  . LEU A 1 48 ? 9.905   -4.536  -3.360  1.00 31.95  ? 87   LEU A CA  1 
ATOM   322  C C   . LEU A 1 48 ? 9.353   -5.794  -4.031  1.00 33.19  ? 87   LEU A C   1 
ATOM   323  O O   . LEU A 1 48 ? 9.711   -6.919  -3.661  1.00 35.18  ? 87   LEU A O   1 
ATOM   324  C CB  . LEU A 1 48 ? 8.825   -3.900  -2.485  1.00 34.42  ? 87   LEU A CB  1 
ATOM   325  C CG  . LEU A 1 48 ? 8.575   -4.582  -1.142  1.00 37.25  ? 87   LEU A CG  1 
ATOM   326  C CD1 . LEU A 1 48 ? 9.779   -4.355  -0.212  1.00 35.38  ? 87   LEU A CD1 1 
ATOM   327  C CD2 . LEU A 1 48 ? 7.317   -4.012  -0.519  1.00 38.40  ? 87   LEU A CD2 1 
ATOM   328  N N   . CYS A 1 49 ? 8.488   -5.605  -5.025  1.00 29.23  ? 88   CYS A N   1 
ATOM   329  C CA  . CYS A 1 49 ? 7.894   -6.739  -5.725  1.00 31.67  ? 88   CYS A CA  1 
ATOM   330  C C   . CYS A 1 49 ? 8.934   -7.510  -6.531  1.00 32.00  ? 88   CYS A C   1 
ATOM   331  O O   . CYS A 1 49 ? 8.849   -8.727  -6.649  1.00 31.70  ? 88   CYS A O   1 
ATOM   332  C CB  . CYS A 1 49 ? 6.768   -6.269  -6.648  1.00 30.02  ? 88   CYS A CB  1 
ATOM   333  S SG  . CYS A 1 49 ? 5.340   -5.628  -5.770  1.00 34.76  ? 88   CYS A SG  1 
ATOM   334  N N   . ILE A 1 50 ? 9.902   -6.797  -7.095  1.00 38.18  ? 89   ILE A N   1 
ATOM   335  C CA  . ILE A 1 50 ? 10.952  -7.439  -7.867  1.00 41.23  ? 89   ILE A CA  1 
ATOM   336  C C   . ILE A 1 50 ? 11.727  -8.355  -6.931  1.00 42.22  ? 89   ILE A C   1 
ATOM   337  O O   . ILE A 1 50 ? 11.948  -9.527  -7.231  1.00 40.90  ? 89   ILE A O   1 
ATOM   338  C CB  . ILE A 1 50 ? 11.937  -6.407  -8.463  1.00 34.99  ? 89   ILE A CB  1 
ATOM   339  C CG1 . ILE A 1 50 ? 11.269  -5.641  -9.607  1.00 36.20  ? 89   ILE A CG1 1 
ATOM   340  C CG2 . ILE A 1 50 ? 13.212  -7.111  -8.933  1.00 34.95  ? 89   ILE A CG2 1 
ATOM   341  C CD1 . ILE A 1 50 ? 12.136  -4.575  -10.197 1.00 46.06  ? 89   ILE A CD1 1 
ATOM   342  N N   . ASP A 1 51 ? 12.127  -7.802  -5.790  1.00 44.28  ? 90   ASP A N   1 
ATOM   343  C CA  . ASP A 1 51 ? 12.884  -8.533  -4.783  1.00 44.79  ? 90   ASP A CA  1 
ATOM   344  C C   . ASP A 1 51 ? 12.136  -9.665  -4.095  1.00 45.83  ? 90   ASP A C   1 
ATOM   345  O O   . ASP A 1 51 ? 12.768  -10.597 -3.590  1.00 46.06  ? 90   ASP A O   1 
ATOM   346  C CB  . ASP A 1 51 ? 13.356  -7.590  -3.676  1.00 42.26  ? 90   ASP A CB  1 
ATOM   347  C CG  . ASP A 1 51 ? 14.330  -6.556  -4.160  1.00 44.43  ? 90   ASP A CG  1 
ATOM   348  O OD1 . ASP A 1 51 ? 14.635  -5.632  -3.378  1.00 45.35  ? 90   ASP A OD1 1 
ATOM   349  O OD2 . ASP A 1 51 ? 14.793  -6.664  -5.312  1.00 44.43  ? 90   ASP A OD2 1 
ATOM   350  N N   . HIS A 1 52 ? 10.807  -9.620  -4.067  1.00 36.93  ? 91   HIS A N   1 
ATOM   351  C CA  . HIS A 1 52 ? 10.113  -10.654 -3.304  1.00 36.88  ? 91   HIS A CA  1 
ATOM   352  C C   . HIS A 1 52 ? 9.066   -11.539 -3.922  1.00 36.37  ? 91   HIS A C   1 
ATOM   353  O O   . HIS A 1 52 ? 8.776   -12.612 -3.381  1.00 39.91  ? 91   HIS A O   1 
ATOM   354  C CB  . HIS A 1 52 ? 9.522   -10.026 -2.038  1.00 37.67  ? 91   HIS A CB  1 
ATOM   355  C CG  . HIS A 1 52 ? 10.559  -9.453  -1.125  1.00 38.26  ? 91   HIS A CG  1 
ATOM   356  N ND1 . HIS A 1 52 ? 10.907  -8.120  -1.137  1.00 40.05  ? 91   HIS A ND1 1 
ATOM   357  C CD2 . HIS A 1 52 ? 11.365  -10.046 -0.213  1.00 37.65  ? 91   HIS A CD2 1 
ATOM   358  C CE1 . HIS A 1 52 ? 11.886  -7.917  -0.272  1.00 40.38  ? 91   HIS A CE1 1 
ATOM   359  N NE2 . HIS A 1 52 ? 12.183  -9.070  0.301   1.00 37.38  ? 91   HIS A NE2 1 
ATOM   360  N N   . LEU A 1 53 ? 8.492   -11.115 -5.038  1.00 29.32  ? 92   LEU A N   1 
ATOM   361  C CA  . LEU A 1 53 ? 7.450   -11.909 -5.658  1.00 29.88  ? 92   LEU A CA  1 
ATOM   362  C C   . LEU A 1 53 ? 7.950   -12.937 -6.673  1.00 31.76  ? 92   LEU A C   1 
ATOM   363  O O   . LEU A 1 53 ? 7.254   -13.908 -6.953  1.00 31.11  ? 92   LEU A O   1 
ATOM   364  C CB  . LEU A 1 53 ? 6.414   -10.978 -6.293  1.00 39.53  ? 92   LEU A CB  1 
ATOM   365  C CG  . LEU A 1 53 ? 5.704   -10.025 -5.315  1.00 39.73  ? 92   LEU A CG  1 
ATOM   366  C CD1 . LEU A 1 53 ? 4.736   -9.136  -6.068  1.00 36.20  ? 92   LEU A CD1 1 
ATOM   367  C CD2 . LEU A 1 53 ? 4.967   -10.822 -4.232  1.00 37.75  ? 92   LEU A CD2 1 
ATOM   368  N N   . GLN A 1 54 ? 9.152   -12.745 -7.209  1.00 48.06  ? 93   GLN A N   1 
ATOM   369  C CA  . GLN A 1 54 ? 9.693   -13.680 -8.196  1.00 51.70  ? 93   GLN A CA  1 
ATOM   370  C C   . GLN A 1 54 ? 9.853   -15.097 -7.646  1.00 54.23  ? 93   GLN A C   1 
ATOM   371  O O   . GLN A 1 54 ? 9.508   -16.070 -8.314  1.00 53.90  ? 93   GLN A O   1 
ATOM   372  C CB  . GLN A 1 54 ? 11.036  -13.172 -8.738  1.00 44.58  ? 93   GLN A CB  1 
ATOM   373  C CG  . GLN A 1 54 ? 10.889  -11.994 -9.708  1.00 47.56  ? 93   GLN A CG  1 
ATOM   374  C CD  . GLN A 1 54 ? 12.188  -11.600 -10.397 1.00 48.44  ? 93   GLN A CD  1 
ATOM   375  O OE1 . GLN A 1 54 ? 13.030  -10.885 -9.836  1.00 48.61  ? 93   GLN A OE1 1 
ATOM   376  N NE2 . GLN A 1 54 ? 12.357  -12.072 -11.624 1.00 51.08  ? 93   GLN A NE2 1 
ATOM   377  N N   . ARG A 1 55 ? 10.361  -15.216 -6.425  1.00 58.24  ? 94   ARG A N   1 
ATOM   378  C CA  . ARG A 1 55 ? 10.551  -16.524 -5.826  1.00 59.53  ? 94   ARG A CA  1 
ATOM   379  C C   . ARG A 1 55 ? 9.212   -17.198 -5.557  1.00 59.70  ? 94   ARG A C   1 
ATOM   380  O O   . ARG A 1 55 ? 9.165   -18.342 -5.114  1.00 60.19  ? 94   ARG A O   1 
ATOM   381  C CB  . ARG A 1 55 ? 11.356  -16.405 -4.528  1.00 75.53  ? 94   ARG A CB  1 
ATOM   382  C CG  . ARG A 1 55 ? 10.718  -15.546 -3.439  1.00 78.06  ? 94   ARG A CG  1 
ATOM   383  C CD  . ARG A 1 55 ? 11.627  -15.462 -2.221  1.00 78.72  ? 94   ARG A CD  1 
ATOM   384  N NE  . ARG A 1 55 ? 12.926  -14.876 -2.543  1.00 80.49  ? 94   ARG A NE  1 
ATOM   385  C CZ  . ARG A 1 55 ? 14.097  -15.396 -2.182  1.00 84.26  ? 94   ARG A CZ  1 
ATOM   386  N NH1 . ARG A 1 55 ? 14.149  -16.523 -1.479  1.00 82.47  ? 94   ARG A NH1 1 
ATOM   387  N NH2 . ARG A 1 55 ? 15.224  -14.790 -2.526  1.00 84.56  ? 94   ARG A NH2 1 
ATOM   388  N N   . HIS A 1 56 ? 8.125   -16.491 -5.841  1.00 45.51  ? 95   HIS A N   1 
ATOM   389  C CA  . HIS A 1 56 ? 6.786   -17.036 -5.630  1.00 45.79  ? 95   HIS A CA  1 
ATOM   390  C C   . HIS A 1 56 ? 6.035   -17.270 -6.936  1.00 45.07  ? 95   HIS A C   1 
ATOM   391  O O   . HIS A 1 56 ? 4.850   -17.616 -6.919  1.00 43.55  ? 95   HIS A O   1 
ATOM   392  C CB  . HIS A 1 56 ? 5.977   -16.102 -4.734  1.00 82.66  ? 95   HIS A CB  1 
ATOM   393  C CG  . HIS A 1 56 ? 6.457   -16.066 -3.319  1.00 86.47  ? 95   HIS A CG  1 
ATOM   394  N ND1 . HIS A 1 56 ? 6.144   -17.046 -2.401  1.00 87.25  ? 95   HIS A ND1 1 
ATOM   395  C CD2 . HIS A 1 56 ? 7.249   -15.180 -2.668  1.00 88.01  ? 95   HIS A CD2 1 
ATOM   396  C CE1 . HIS A 1 56 ? 6.721   -16.765 -1.247  1.00 89.64  ? 95   HIS A CE1 1 
ATOM   397  N NE2 . HIS A 1 56 ? 7.398   -15.638 -1.383  1.00 90.50  ? 95   HIS A NE2 1 
ATOM   398  N N   . GLY A 1 57 ? 6.718   -17.067 -8.062  1.00 61.06  ? 96   GLY A N   1 
ATOM   399  C CA  . GLY A 1 57 ? 6.095   -17.301 -9.355  1.00 61.01  ? 96   GLY A CA  1 
ATOM   400  C C   . GLY A 1 57 ? 5.749   -16.095 -10.207 1.00 61.40  ? 96   GLY A C   1 
ATOM   401  O O   . GLY A 1 57 ? 5.138   -16.246 -11.269 1.00 62.34  ? 96   GLY A O   1 
ATOM   402  N N   . ALA A 1 58 ? 6.114   -14.898 -9.757  1.00 56.97  ? 97   ALA A N   1 
ATOM   403  C CA  . ALA A 1 58 ? 5.822   -13.699 -10.528 1.00 57.07  ? 97   ALA A CA  1 
ATOM   404  C C   . ALA A 1 58 ? 7.054   -13.334 -11.343 1.00 57.65  ? 97   ALA A C   1 
ATOM   405  O O   . ALA A 1 58 ? 8.118   -13.057 -10.784 1.00 56.68  ? 97   ALA A O   1 
ATOM   406  C CB  . ALA A 1 58 ? 5.430   -12.537 -9.599  1.00 41.11  ? 97   ALA A CB  1 
ATOM   407  N N   . SER A 1 59 ? 6.916   -13.348 -12.664 1.00 59.49  ? 98   SER A N   1 
ATOM   408  C CA  . SER A 1 59 ? 8.034   -13.012 -13.529 1.00 60.54  ? 98   SER A CA  1 
ATOM   409  C C   . SER A 1 59 ? 8.291   -11.519 -13.416 1.00 60.68  ? 98   SER A C   1 
ATOM   410  O O   . SER A 1 59 ? 7.423   -10.769 -12.963 1.00 62.32  ? 98   SER A O   1 
ATOM   411  C CB  . SER A 1 59 ? 7.714   -13.361 -14.985 1.00 46.81  ? 98   SER A CB  1 
ATOM   412  O OG  . SER A 1 59 ? 6.669   -12.544 -15.489 1.00 46.76  ? 98   SER A OG  1 
ATOM   413  N N   . LYS A 1 60 ? 9.483   -11.092 -13.818 1.00 45.56  ? 99   LYS A N   1 
ATOM   414  C CA  . LYS A 1 60 ? 9.823   -9.680  -13.771 1.00 44.70  ? 99   LYS A CA  1 
ATOM   415  C C   . LYS A 1 60 ? 8.809   -8.963  -14.665 1.00 44.53  ? 99   LYS A C   1 
ATOM   416  O O   . LYS A 1 60 ? 8.324   -7.880  -14.338 1.00 43.66  ? 99   LYS A O   1 
ATOM   417  C CB  . LYS A 1 60 ? 11.251  -9.468  -14.290 1.00 55.93  ? 99   LYS A CB  1 
ATOM   418  C CG  . LYS A 1 60 ? 11.848  -8.099  -13.978 1.00 56.68  ? 99   LYS A CG  1 
ATOM   419  C CD  . LYS A 1 60 ? 13.315  -8.052  -14.386 1.00 58.71  ? 99   LYS A CD  1 
ATOM   420  C CE  . LYS A 1 60 ? 13.965  -6.686  -14.132 1.00 60.24  ? 99   LYS A CE  1 
ATOM   421  N NZ  . LYS A 1 60 ? 14.139  -6.366  -12.685 1.00 60.32  ? 99   LYS A NZ  1 
ATOM   422  N N   . LYS A 1 61 ? 8.475   -9.608  -15.781 1.00 55.38  ? 100  LYS A N   1 
ATOM   423  C CA  . LYS A 1 61 ? 7.521   -9.077  -16.750 1.00 54.80  ? 100  LYS A CA  1 
ATOM   424  C C   . LYS A 1 61 ? 6.135   -8.828  -16.161 1.00 53.37  ? 100  LYS A C   1 
ATOM   425  O O   . LYS A 1 61 ? 5.494   -7.819  -16.479 1.00 52.47  ? 100  LYS A O   1 
ATOM   426  C CB  . LYS A 1 61 ? 7.399   -10.028 -17.950 1.00 70.06  ? 100  LYS A CB  1 
ATOM   427  C CG  . LYS A 1 61 ? 8.677   -10.178 -18.766 1.00 73.74  ? 100  LYS A CG  1 
ATOM   428  C CD  . LYS A 1 61 ? 8.489   -11.092 -19.977 1.00 76.64  ? 100  LYS A CD  1 
ATOM   429  C CE  . LYS A 1 61 ? 8.257   -12.544 -19.572 1.00 78.17  ? 100  LYS A CE  1 
ATOM   430  N NZ  . LYS A 1 61 ? 8.235   -13.459 -20.753 1.00 79.20  ? 100  LYS A NZ  1 
ATOM   431  N N   . SER A 1 62 ? 5.658   -9.739  -15.313 1.00 43.16  ? 101  SER A N   1 
ATOM   432  C CA  . SER A 1 62 ? 4.334   -9.547  -14.723 1.00 40.93  ? 101  SER A CA  1 
ATOM   433  C C   . SER A 1 62 ? 4.347   -8.297  -13.844 1.00 40.33  ? 101  SER A C   1 
ATOM   434  O O   . SER A 1 62 ? 3.418   -7.488  -13.885 1.00 39.45  ? 101  SER A O   1 
ATOM   435  C CB  . SER A 1 62 ? 3.906   -10.776 -13.905 1.00 38.14  ? 101  SER A CB  1 
ATOM   436  O OG  . SER A 1 62 ? 4.784   -11.027 -12.826 1.00 35.50  ? 101  SER A OG  1 
ATOM   437  N N   . ILE A 1 63 ? 5.418   -8.137  -13.070 1.00 38.82  ? 102  ILE A N   1 
ATOM   438  C CA  . ILE A 1 63 ? 5.578   -6.981  -12.188 1.00 38.73  ? 102  ILE A CA  1 
ATOM   439  C C   . ILE A 1 63 ? 5.713   -5.710  -13.023 1.00 40.47  ? 102  ILE A C   1 
ATOM   440  O O   . ILE A 1 63 ? 5.132   -4.667  -12.694 1.00 39.60  ? 102  ILE A O   1 
ATOM   441  C CB  . ILE A 1 63 ? 6.829   -7.134  -11.313 1.00 46.44  ? 102  ILE A CB  1 
ATOM   442  C CG1 . ILE A 1 63 ? 6.673   -8.354  -10.397 1.00 46.90  ? 102  ILE A CG1 1 
ATOM   443  C CG2 . ILE A 1 63 ? 7.062   -5.866  -10.508 1.00 45.88  ? 102  ILE A CG2 1 
ATOM   444  C CD1 . ILE A 1 63 ? 7.949   -8.736  -9.678  1.00 57.95  ? 102  ILE A CD1 1 
ATOM   445  N N   . THR A 1 64 ? 6.481   -5.811  -14.105 1.00 43.14  ? 103  THR A N   1 
ATOM   446  C CA  . THR A 1 64 ? 6.695   -4.685  -14.999 1.00 44.09  ? 103  THR A CA  1 
ATOM   447  C C   . THR A 1 64 ? 5.394   -4.298  -15.679 1.00 44.10  ? 103  THR A C   1 
ATOM   448  O O   . THR A 1 64 ? 5.138   -3.117  -15.913 1.00 43.55  ? 103  THR A O   1 
ATOM   449  C CB  . THR A 1 64 ? 7.756   -5.007  -16.073 1.00 55.12  ? 103  THR A CB  1 
ATOM   450  O OG1 . THR A 1 64 ? 9.056   -5.010  -15.472 1.00 57.77  ? 103  THR A OG1 1 
ATOM   451  C CG2 . THR A 1 64 ? 7.730   -3.969  -17.189 1.00 55.07  ? 103  THR A CG2 1 
ATOM   452  N N   . ARG A 1 65 ? 4.567   -5.287  -15.993 1.00 51.72  ? 104  ARG A N   1 
ATOM   453  C CA  . ARG A 1 65 ? 3.296   -5.000  -16.638 1.00 52.97  ? 104  ARG A CA  1 
ATOM   454  C C   . ARG A 1 65 ? 2.410   -4.222  -15.677 1.00 52.60  ? 104  ARG A C   1 
ATOM   455  O O   . ARG A 1 65 ? 1.798   -3.235  -16.061 1.00 53.86  ? 104  ARG A O   1 
ATOM   456  C CB  . ARG A 1 65 ? 2.603   -6.293  -17.074 1.00 66.07  ? 104  ARG A CB  1 
ATOM   457  C CG  . ARG A 1 65 ? 1.310   -6.066  -17.844 1.00 69.22  ? 104  ARG A CG  1 
ATOM   458  C CD  . ARG A 1 65 ? 0.788   -7.340  -18.508 1.00 71.45  ? 104  ARG A CD  1 
ATOM   459  N NE  . ARG A 1 65 ? 1.644   -7.832  -19.590 1.00 73.36  ? 104  ARG A NE  1 
ATOM   460  C CZ  . ARG A 1 65 ? 1.290   -8.800  -20.433 1.00 74.67  ? 104  ARG A CZ  1 
ATOM   461  N NH1 . ARG A 1 65 ? 0.098   -9.375  -20.318 1.00 73.38  ? 104  ARG A NH1 1 
ATOM   462  N NH2 . ARG A 1 65 ? 2.122   -9.200  -21.384 1.00 73.77  ? 104  ARG A NH2 1 
ATOM   463  N N   . ALA A 1 66 ? 2.351   -4.653  -14.422 1.00 38.91  ? 105  ALA A N   1 
ATOM   464  C CA  . ALA A 1 66 ? 1.523   -3.961  -13.443 1.00 37.68  ? 105  ALA A CA  1 
ATOM   465  C C   . ALA A 1 66 ? 2.028   -2.547  -13.126 1.00 36.83  ? 105  ALA A C   1 
ATOM   466  O O   . ALA A 1 66 ? 1.263   -1.591  -13.189 1.00 35.84  ? 105  ALA A O   1 
ATOM   467  C CB  . ALA A 1 66 ? 1.434   -4.780  -12.154 1.00 45.34  ? 105  ALA A CB  1 
ATOM   468  N N   . PHE A 1 67 ? 3.312   -2.418  -12.806 1.00 45.42  ? 106  PHE A N   1 
ATOM   469  C CA  . PHE A 1 67 ? 3.893   -1.119  -12.439 1.00 45.10  ? 106  PHE A CA  1 
ATOM   470  C C   . PHE A 1 67 ? 4.198   -0.096  -13.535 1.00 46.65  ? 106  PHE A C   1 
ATOM   471  O O   . PHE A 1 67 ? 4.026   1.098   -13.317 1.00 46.99  ? 106  PHE A O   1 
ATOM   472  C CB  . PHE A 1 67 ? 5.164   -1.319  -11.613 1.00 38.35  ? 106  PHE A CB  1 
ATOM   473  C CG  . PHE A 1 67 ? 4.909   -1.663  -10.174 1.00 35.88  ? 106  PHE A CG  1 
ATOM   474  C CD1 . PHE A 1 67 ? 4.885   -2.994  -9.752  1.00 33.53  ? 106  PHE A CD1 1 
ATOM   475  C CD2 . PHE A 1 67 ? 4.723   -0.648  -9.224  1.00 34.22  ? 106  PHE A CD2 1 
ATOM   476  C CE1 . PHE A 1 67 ? 4.684   -3.317  -8.408  1.00 32.02  ? 106  PHE A CE1 1 
ATOM   477  C CE2 . PHE A 1 67 ? 4.521   -0.958  -7.876  1.00 32.28  ? 106  PHE A CE2 1 
ATOM   478  C CZ  . PHE A 1 67 ? 4.504   -2.294  -7.467  1.00 33.17  ? 106  PHE A CZ  1 
ATOM   479  N N   . ASP A 1 68 ? 4.676   -0.541  -14.693 1.00 56.17  ? 107  ASP A N   1 
ATOM   480  C CA  . ASP A 1 68 ? 4.982   0.390   -15.774 1.00 57.69  ? 107  ASP A CA  1 
ATOM   481  C C   . ASP A 1 68 ? 3.836   0.527   -16.782 1.00 59.33  ? 107  ASP A C   1 
ATOM   482  O O   . ASP A 1 68 ? 3.669   1.587   -17.388 1.00 59.61  ? 107  ASP A O   1 
ATOM   483  C CB  . ASP A 1 68 ? 6.259   -0.031  -16.534 1.00 51.25  ? 107  ASP A CB  1 
ATOM   484  C CG  . ASP A 1 68 ? 7.520   -0.001  -15.662 1.00 51.88  ? 107  ASP A CG  1 
ATOM   485  O OD1 . ASP A 1 68 ? 7.584   0.807   -14.705 1.00 51.39  ? 107  ASP A OD1 1 
ATOM   486  O OD2 . ASP A 1 68 ? 8.458   -0.782  -15.948 1.00 49.82  ? 107  ASP A OD2 1 
ATOM   487  N N   . ASP A 1 69 ? 3.035   -0.526  -16.940 1.00 54.93  ? 108  ASP A N   1 
ATOM   488  C CA  . ASP A 1 69 ? 1.958   -0.511  -17.933 1.00 56.82  ? 108  ASP A CA  1 
ATOM   489  C C   . ASP A 1 69 ? 0.511   -0.439  -17.462 1.00 56.55  ? 108  ASP A C   1 
ATOM   490  O O   . ASP A 1 69 ? -0.286  0.275   -18.067 1.00 57.34  ? 108  ASP A O   1 
ATOM   491  C CB  . ASP A 1 69 ? 2.087   -1.727  -18.859 1.00 58.71  ? 108  ASP A CB  1 
ATOM   492  C CG  . ASP A 1 69 ? 3.416   -1.771  -19.601 1.00 61.11  ? 108  ASP A CG  1 
ATOM   493  O OD1 . ASP A 1 69 ? 3.688   -2.799  -20.258 1.00 63.13  ? 108  ASP A OD1 1 
ATOM   494  O OD2 . ASP A 1 69 ? 4.185   -0.786  -19.537 1.00 63.82  ? 108  ASP A OD2 1 
ATOM   495  N N   . ASP A 1 70 ? 0.154   -1.186  -16.417 1.00 47.34  ? 109  ASP A N   1 
ATOM   496  C CA  . ASP A 1 70 ? -1.227  -1.181  -15.939 1.00 47.23  ? 109  ASP A CA  1 
ATOM   497  C C   . ASP A 1 70 ? -1.584  0.137   -15.266 1.00 48.24  ? 109  ASP A C   1 
ATOM   498  O O   . ASP A 1 70 ? -1.043  0.487   -14.212 1.00 47.25  ? 109  ASP A O   1 
ATOM   499  C CB  . ASP A 1 70 ? -1.485  -2.359  -14.989 1.00 43.14  ? 109  ASP A CB  1 
ATOM   500  C CG  . ASP A 1 70 ? -2.918  -2.393  -14.477 1.00 42.69  ? 109  ASP A CG  1 
ATOM   501  O OD1 . ASP A 1 70 ? -3.371  -3.463  -14.031 1.00 42.10  ? 109  ASP A OD1 1 
ATOM   502  O OD2 . ASP A 1 70 ? -3.593  -1.339  -14.507 1.00 44.94  ? 109  ASP A OD2 1 
ATOM   503  N N   . VAL A 1 71 ? -2.516  0.846   -15.893 1.00 53.19  ? 110  VAL A N   1 
ATOM   504  C CA  . VAL A 1 71 ? -2.976  2.152   -15.442 1.00 55.21  ? 110  VAL A CA  1 
ATOM   505  C C   . VAL A 1 71 ? -3.724  2.191   -14.115 1.00 56.34  ? 110  VAL A C   1 
ATOM   506  O O   . VAL A 1 71 ? -3.429  3.037   -13.276 1.00 56.43  ? 110  VAL A O   1 
ATOM   507  C CB  . VAL A 1 71 ? -3.867  2.818   -16.522 1.00 67.76  ? 110  VAL A CB  1 
ATOM   508  C CG1 . VAL A 1 71 ? -4.367  4.175   -16.038 1.00 67.76  ? 110  VAL A CG1 1 
ATOM   509  C CG2 . VAL A 1 71 ? -3.078  2.974   -17.809 1.00 67.01  ? 110  VAL A CG2 1 
ATOM   510  N N   . GLU A 1 72 ? -4.695  1.304   -13.917 1.00 65.13  ? 111  GLU A N   1 
ATOM   511  C CA  . GLU A 1 72 ? -5.440  1.323   -12.662 1.00 65.38  ? 111  GLU A CA  1 
ATOM   512  C C   . GLU A 1 72 ? -4.522  0.962   -11.493 1.00 64.05  ? 111  GLU A C   1 
ATOM   513  O O   . GLU A 1 72 ? -4.465  1.665   -10.477 1.00 64.43  ? 111  GLU A O   1 
ATOM   514  C CB  . GLU A 1 72 ? -6.620  0.353   -12.707 1.00 74.85  ? 111  GLU A CB  1 
ATOM   515  C CG  . GLU A 1 72 ? -7.557  0.520   -11.516 1.00 80.54  ? 111  GLU A CG  1 
ATOM   516  C CD  . GLU A 1 72 ? -8.616  -0.563  -11.426 1.00 83.19  ? 111  GLU A CD  1 
ATOM   517  O OE1 . GLU A 1 72 ? -9.484  -0.470  -10.529 1.00 85.06  ? 111  GLU A OE1 1 
ATOM   518  O OE2 . GLU A 1 72 ? -8.578  -1.506  -12.243 1.00 85.24  ? 111  GLU A OE2 1 
ATOM   519  N N   . PHE A 1 73 ? -3.804  -0.144  -11.645 1.00 49.90  ? 112  PHE A N   1 
ATOM   520  C CA  . PHE A 1 73 ? -2.888  -0.596  -10.616 1.00 45.78  ? 112  PHE A CA  1 
ATOM   521  C C   . PHE A 1 73 ? -2.027  0.566   -10.128 1.00 44.62  ? 112  PHE A C   1 
ATOM   522  O O   . PHE A 1 73 ? -1.834  0.731   -8.926  1.00 42.77  ? 112  PHE A O   1 
ATOM   523  C CB  . PHE A 1 73 ? -1.990  -1.692  -11.170 1.00 48.24  ? 112  PHE A CB  1 
ATOM   524  C CG  . PHE A 1 73 ? -0.955  -2.176  -10.200 1.00 45.14  ? 112  PHE A CG  1 
ATOM   525  C CD1 . PHE A 1 73 ? -1.225  -3.239  -9.349  1.00 44.39  ? 112  PHE A CD1 1 
ATOM   526  C CD2 . PHE A 1 73 ? 0.304   -1.586  -10.157 1.00 43.02  ? 112  PHE A CD2 1 
ATOM   527  C CE1 . PHE A 1 73 ? -0.253  -3.714  -8.469  1.00 44.83  ? 112  PHE A CE1 1 
ATOM   528  C CE2 . PHE A 1 73 ? 1.289   -2.051  -9.278  1.00 41.77  ? 112  PHE A CE2 1 
ATOM   529  C CZ  . PHE A 1 73 ? 1.008   -3.117  -8.435  1.00 41.73  ? 112  PHE A CZ  1 
ATOM   530  N N   . GLN A 1 74 ? -1.513  1.362   -11.061 1.00 41.64  ? 113  GLN A N   1 
ATOM   531  C CA  . GLN A 1 74 ? -0.667  2.503   -10.719 1.00 43.56  ? 113  GLN A CA  1 
ATOM   532  C C   . GLN A 1 74 ? -1.448  3.568   -9.952  1.00 44.03  ? 113  GLN A C   1 
ATOM   533  O O   . GLN A 1 74 ? -0.895  4.281   -9.104  1.00 41.82  ? 113  GLN A O   1 
ATOM   534  C CB  . GLN A 1 74 ? -0.043  3.098   -11.982 1.00 55.37  ? 113  GLN A CB  1 
ATOM   535  C CG  . GLN A 1 74 ? 0.873   2.118   -12.725 1.00 61.23  ? 113  GLN A CG  1 
ATOM   536  C CD  . GLN A 1 74 ? 1.492   2.706   -13.986 1.00 63.61  ? 113  GLN A CD  1 
ATOM   537  O OE1 . GLN A 1 74 ? 2.257   3.669   -13.933 1.00 62.34  ? 113  GLN A OE1 1 
ATOM   538  N NE2 . GLN A 1 74 ? 1.162   2.122   -15.125 1.00 66.40  ? 113  GLN A NE2 1 
ATOM   539  N N   . GLU A 1 75 ? -2.740  3.656   -10.233 1.00 48.19  ? 114  GLU A N   1 
ATOM   540  C CA  . GLU A 1 75 ? -3.584  4.622   -9.558  1.00 49.08  ? 114  GLU A CA  1 
ATOM   541  C C   . GLU A 1 75 ? -3.988  4.111   -8.180  1.00 47.60  ? 114  GLU A C   1 
ATOM   542  O O   . GLU A 1 75 ? -3.972  4.863   -7.201  1.00 48.03  ? 114  GLU A O   1 
ATOM   543  C CB  . GLU A 1 75 ? -4.818  4.921   -10.414 1.00 81.82  ? 114  GLU A CB  1 
ATOM   544  C CG  . GLU A 1 75 ? -4.474  5.707   -11.671 1.00 86.53  ? 114  GLU A CG  1 
ATOM   545  C CD  . GLU A 1 75 ? -5.654  5.901   -12.601 1.00 90.40  ? 114  GLU A CD  1 
ATOM   546  O OE1 . GLU A 1 75 ? -5.497  6.634   -13.600 1.00 91.85  ? 114  GLU A OE1 1 
ATOM   547  O OE2 . GLU A 1 75 ? -6.732  5.321   -12.343 1.00 91.83  ? 114  GLU A OE2 1 
ATOM   548  N N   . ARG A 1 76 ? -4.343  2.834   -8.096  1.00 48.99  ? 115  ARG A N   1 
ATOM   549  C CA  . ARG A 1 76 ? -4.715  2.270   -6.809  1.00 49.21  ? 115  ARG A CA  1 
ATOM   550  C C   . ARG A 1 76 ? -3.488  2.189   -5.911  1.00 47.39  ? 115  ARG A C   1 
ATOM   551  O O   . ARG A 1 76 ? -3.598  2.125   -4.691  1.00 47.54  ? 115  ARG A O   1 
ATOM   552  C CB  . ARG A 1 76 ? -5.367  0.897   -6.987  1.00 77.28  ? 115  ARG A CB  1 
ATOM   553  C CG  . ARG A 1 76 ? -6.800  1.009   -7.481  1.00 83.43  ? 115  ARG A CG  1 
ATOM   554  C CD  . ARG A 1 76 ? -7.552  -0.301  -7.375  1.00 87.53  ? 115  ARG A CD  1 
ATOM   555  N NE  . ARG A 1 76 ? -7.622  -0.800  -6.002  1.00 92.71  ? 115  ARG A NE  1 
ATOM   556  C CZ  . ARG A 1 76 ? -8.309  -1.881  -5.641  1.00 92.92  ? 115  ARG A CZ  1 
ATOM   557  N NH1 . ARG A 1 76 ? -8.986  -2.571  -6.551  1.00 92.43  ? 115  ARG A NH1 1 
ATOM   558  N NH2 . ARG A 1 76 ? -8.311  -2.282  -4.375  1.00 93.37  ? 115  ARG A NH2 1 
ATOM   559  N N   . MET A 1 77 ? -2.316  2.231   -6.536  1.00 43.70  ? 116  MET A N   1 
ATOM   560  C CA  . MET A 1 77 ? -1.041  2.182   -5.835  1.00 41.24  ? 116  MET A CA  1 
ATOM   561  C C   . MET A 1 77 ? -0.737  3.573   -5.279  1.00 38.97  ? 116  MET A C   1 
ATOM   562  O O   . MET A 1 77 ? -0.366  3.728   -4.115  1.00 37.30  ? 116  MET A O   1 
ATOM   563  C CB  . MET A 1 77 ? 0.044   1.751   -6.817  1.00 42.59  ? 116  MET A CB  1 
ATOM   564  C CG  . MET A 1 77 ? 1.395   1.483   -6.214  1.00 45.58  ? 116  MET A CG  1 
ATOM   565  S SD  . MET A 1 77 ? 1.431   0.054   -5.116  1.00 42.34  ? 116  MET A SD  1 
ATOM   566  C CE  . MET A 1 77 ? 2.178   0.807   -3.749  1.00 40.27  ? 116  MET A CE  1 
ATOM   567  N N   . ALA A 1 78 ? -0.908  4.589   -6.118  1.00 47.63  ? 117  ALA A N   1 
ATOM   568  C CA  . ALA A 1 78 ? -0.668  5.972   -5.712  1.00 47.18  ? 117  ALA A CA  1 
ATOM   569  C C   . ALA A 1 78 ? -1.663  6.347   -4.615  1.00 47.48  ? 117  ALA A C   1 
ATOM   570  O O   . ALA A 1 78 ? -1.337  7.096   -3.693  1.00 48.65  ? 117  ALA A O   1 
ATOM   571  C CB  . ALA A 1 78 ? -0.822  6.914   -6.925  1.00 34.21  ? 117  ALA A CB  1 
ATOM   572  N N   . GLU A 1 79 ? -2.874  5.814   -4.723  1.00 45.92  ? 118  GLU A N   1 
ATOM   573  C CA  . GLU A 1 79 ? -3.922  6.076   -3.738  1.00 47.64  ? 118  GLU A CA  1 
ATOM   574  C C   . GLU A 1 79 ? -3.605  5.465   -2.376  1.00 46.48  ? 118  GLU A C   1 
ATOM   575  O O   . GLU A 1 79 ? -3.872  6.081   -1.345  1.00 47.17  ? 118  GLU A O   1 
ATOM   576  C CB  . GLU A 1 79 ? -5.261  5.542   -4.243  1.00 67.71  ? 118  GLU A CB  1 
ATOM   577  C CG  . GLU A 1 79 ? -5.892  6.400   -5.321  1.00 74.39  ? 118  GLU A CG  1 
ATOM   578  C CD  . GLU A 1 79 ? -6.963  5.660   -6.093  1.00 77.47  ? 118  GLU A CD  1 
ATOM   579  O OE1 . GLU A 1 79 ? -7.848  5.059   -5.451  1.00 80.04  ? 118  GLU A OE1 1 
ATOM   580  O OE2 . GLU A 1 79 ? -6.921  5.680   -7.343  1.00 80.49  ? 118  GLU A OE2 1 
ATOM   581  N N   . HIS A 1 80 ? -3.043  4.255   -2.360  1.00 38.83  ? 119  HIS A N   1 
ATOM   582  C CA  . HIS A 1 80 ? -2.701  3.637   -1.080  1.00 36.05  ? 119  HIS A CA  1 
ATOM   583  C C   . HIS A 1 80 ? -1.524  4.349   -0.422  1.00 33.17  ? 119  HIS A C   1 
ATOM   584  O O   . HIS A 1 80 ? -1.476  4.466   0.797   1.00 33.14  ? 119  HIS A O   1 
ATOM   585  C CB  . HIS A 1 80 ? -2.360  2.153   -1.238  1.00 38.96  ? 119  HIS A CB  1 
ATOM   586  C CG  . HIS A 1 80 ? -2.125  1.465   0.069   1.00 38.91  ? 119  HIS A CG  1 
ATOM   587  N ND1 . HIS A 1 80 ? -3.104  1.355   1.034   1.00 36.61  ? 119  HIS A ND1 1 
ATOM   588  C CD2 . HIS A 1 80 ? -1.012  0.902   0.597   1.00 35.79  ? 119  HIS A CD2 1 
ATOM   589  C CE1 . HIS A 1 80 ? -2.603  0.756   2.101   1.00 36.66  ? 119  HIS A CE1 1 
ATOM   590  N NE2 . HIS A 1 80 ? -1.337  0.471   1.862   1.00 39.79  ? 119  HIS A NE2 1 
ATOM   591  N N   . ILE A 1 81 ? -0.570  4.810   -1.229  1.00 40.44  ? 120  ILE A N   1 
ATOM   592  C CA  . ILE A 1 81 ? 0.590   5.535   -0.703  1.00 41.35  ? 120  ILE A CA  1 
ATOM   593  C C   . ILE A 1 81 ? 0.087   6.749   0.066   1.00 42.25  ? 120  ILE A C   1 
ATOM   594  O O   . ILE A 1 81 ? 0.577   7.069   1.152   1.00 41.29  ? 120  ILE A O   1 
ATOM   595  C CB  . ILE A 1 81 ? 1.505   6.104   -1.821  1.00 36.51  ? 120  ILE A CB  1 
ATOM   596  C CG1 . ILE A 1 81 ? 1.955   5.002   -2.775  1.00 39.95  ? 120  ILE A CG1 1 
ATOM   597  C CG2 . ILE A 1 81 ? 2.725   6.775   -1.190  1.00 34.28  ? 120  ILE A CG2 1 
ATOM   598  C CD1 . ILE A 1 81 ? 2.920   5.461   -3.818  1.00 55.02  ? 120  ILE A CD1 1 
ATOM   599  N N   . ARG A 1 82 ? -0.873  7.447   -0.533  1.00 48.44  ? 121  ARG A N   1 
ATOM   600  C CA  . ARG A 1 82 ? -1.440  8.634   0.081   1.00 50.53  ? 121  ARG A CA  1 
ATOM   601  C C   . ARG A 1 82 ? -2.083  8.245   1.407   1.00 50.42  ? 121  ARG A C   1 
ATOM   602  O O   . ARG A 1 82 ? -1.841  8.888   2.427   1.00 49.92  ? 121  ARG A O   1 
ATOM   603  C CB  . ARG A 1 82 ? -2.477  9.279   -0.855  1.00 53.57  ? 121  ARG A CB  1 
ATOM   604  C CG  . ARG A 1 82 ? -3.113  10.553  -0.304  1.00 54.89  ? 121  ARG A CG  1 
ATOM   605  C CD  . ARG A 1 82 ? -2.106  11.690  -0.184  1.00 56.30  ? 121  ARG A CD  1 
ATOM   606  N NE  . ARG A 1 82 ? -2.640  12.807  0.599   1.00 58.26  ? 121  ARG A NE  1 
ATOM   607  C CZ  . ARG A 1 82 ? -2.011  13.964  0.800   1.00 57.82  ? 121  ARG A CZ  1 
ATOM   608  N NH1 . ARG A 1 82 ? -0.812  14.182  0.279   1.00 56.22  ? 121  ARG A NH1 1 
ATOM   609  N NH2 . ARG A 1 82 ? -2.583  14.903  1.539   1.00 58.30  ? 121  ARG A NH2 1 
ATOM   610  N N   . TYR A 1 83 ? -2.886  7.185   1.398   1.00 39.67  ? 122  TYR A N   1 
ATOM   611  C CA  . TYR A 1 83 ? -3.528  6.754   2.630   1.00 39.59  ? 122  TYR A CA  1 
ATOM   612  C C   . TYR A 1 83 ? -2.504  6.450   3.714   1.00 39.98  ? 122  TYR A C   1 
ATOM   613  O O   . TYR A 1 83 ? -2.701  6.828   4.869   1.00 39.66  ? 122  TYR A O   1 
ATOM   614  C CB  . TYR A 1 83 ? -4.406  5.520   2.400   1.00 44.27  ? 122  TYR A CB  1 
ATOM   615  C CG  . TYR A 1 83 ? -4.828  4.862   3.697   1.00 45.68  ? 122  TYR A CG  1 
ATOM   616  C CD1 . TYR A 1 83 ? -5.788  5.450   4.532   1.00 45.92  ? 122  TYR A CD1 1 
ATOM   617  C CD2 . TYR A 1 83 ? -4.187  3.704   4.147   1.00 45.89  ? 122  TYR A CD2 1 
ATOM   618  C CE1 . TYR A 1 83 ? -6.090  4.903   5.785   1.00 46.62  ? 122  TYR A CE1 1 
ATOM   619  C CE2 . TYR A 1 83 ? -4.478  3.152   5.393   1.00 45.92  ? 122  TYR A CE2 1 
ATOM   620  C CZ  . TYR A 1 83 ? -5.425  3.754   6.210   1.00 48.00  ? 122  TYR A CZ  1 
ATOM   621  O OH  . TYR A 1 83 ? -5.677  3.209   7.452   1.00 47.04  ? 122  TYR A OH  1 
ATOM   622  N N   . MET A 1 84 ? -1.419  5.766   3.345   1.00 42.65  ? 123  MET A N   1 
ATOM   623  C CA  . MET A 1 84 ? -0.350  5.398   4.291   1.00 39.44  ? 123  MET A CA  1 
ATOM   624  C C   . MET A 1 84 ? 0.314   6.615   4.929   1.00 38.88  ? 123  MET A C   1 
ATOM   625  O O   . MET A 1 84 ? 0.566   6.656   6.128   1.00 35.75  ? 123  MET A O   1 
ATOM   626  C CB  . MET A 1 84 ? 0.746   4.581   3.584   1.00 35.63  ? 123  MET A CB  1 
ATOM   627  C CG  . MET A 1 84 ? 0.322   3.195   3.098   1.00 32.36  ? 123  MET A CG  1 
ATOM   628  S SD  . MET A 1 84 ? 1.668   2.322   2.247   1.00 32.82  ? 123  MET A SD  1 
ATOM   629  C CE  . MET A 1 84 ? 2.877   2.130   3.596   1.00 22.14  ? 123  MET A CE  1 
ATOM   630  N N   . VAL A 1 85 ? 0.624   7.596   4.098   1.00 35.66  ? 124  VAL A N   1 
ATOM   631  C CA  . VAL A 1 85 ? 1.285   8.811   4.545   1.00 38.41  ? 124  VAL A CA  1 
ATOM   632  C C   . VAL A 1 85 ? 0.340   9.727   5.343   1.00 38.00  ? 124  VAL A C   1 
ATOM   633  O O   . VAL A 1 85 ? 0.767   10.381  6.292   1.00 36.26  ? 124  VAL A O   1 
ATOM   634  C CB  . VAL A 1 85 ? 1.894   9.559   3.327   1.00 46.85  ? 124  VAL A CB  1 
ATOM   635  C CG1 . VAL A 1 85 ? 2.401   10.907  3.743   1.00 50.92  ? 124  VAL A CG1 1 
ATOM   636  C CG2 . VAL A 1 85 ? 3.045   8.744   2.744   1.00 49.54  ? 124  VAL A CG2 1 
ATOM   637  N N   . GLU A 1 86 ? -0.936  9.776   4.967   1.00 46.60  ? 125  GLU A N   1 
ATOM   638  C CA  . GLU A 1 86 ? -1.885  10.602  5.716   1.00 48.89  ? 125  GLU A CA  1 
ATOM   639  C C   . GLU A 1 86 ? -2.006  9.999   7.107   1.00 48.30  ? 125  GLU A C   1 
ATOM   640  O O   . GLU A 1 86 ? -1.997  10.712  8.112   1.00 49.04  ? 125  GLU A O   1 
ATOM   641  C CB  . GLU A 1 86 ? -3.262  10.621  5.041   1.00 49.96  ? 125  GLU A CB  1 
ATOM   642  C CG  . GLU A 1 86 ? -3.276  11.320  3.683   1.00 51.04  ? 125  GLU A CG  1 
ATOM   643  C CD  . GLU A 1 86 ? -4.650  11.333  3.034   1.00 51.95  ? 125  GLU A CD  1 
ATOM   644  O OE1 . GLU A 1 86 ? -5.391  10.331  3.165   1.00 53.00  ? 125  GLU A OE1 1 
ATOM   645  O OE2 . GLU A 1 86 ? -4.985  12.342  2.378   1.00 53.84  ? 125  GLU A OE2 1 
ATOM   646  N N   . THR A 1 87 ? -2.076  8.669   7.151   1.00 39.58  ? 126  THR A N   1 
ATOM   647  C CA  . THR A 1 87 ? -2.196  7.949   8.405   1.00 37.85  ? 126  THR A CA  1 
ATOM   648  C C   . THR A 1 87 ? -0.975  8.117   9.300   1.00 38.45  ? 126  THR A C   1 
ATOM   649  O O   . THR A 1 87 ? -1.110  8.370   10.505  1.00 36.92  ? 126  THR A O   1 
ATOM   650  C CB  . THR A 1 87 ? -2.424  6.464   8.151   1.00 35.37  ? 126  THR A CB  1 
ATOM   651  O OG1 . THR A 1 87 ? -3.485  6.314   7.205   1.00 34.67  ? 126  THR A OG1 1 
ATOM   652  C CG2 . THR A 1 87 ? -2.814  5.762   9.445   1.00 34.84  ? 126  THR A CG2 1 
ATOM   653  N N   . ILE A 1 88 ? 0.217   7.971   8.729   1.00 34.61  ? 127  ILE A N   1 
ATOM   654  C CA  . ILE A 1 88 ? 1.409   8.130   9.544   1.00 35.13  ? 127  ILE A CA  1 
ATOM   655  C C   . ILE A 1 88 ? 1.538   9.589   9.946   1.00 35.61  ? 127  ILE A C   1 
ATOM   656  O O   . ILE A 1 88 ? 2.119   9.894   10.979  1.00 33.48  ? 127  ILE A O   1 
ATOM   657  C CB  . ILE A 1 88 ? 2.698   7.648   8.816   1.00 33.92  ? 127  ILE A CB  1 
ATOM   658  C CG1 . ILE A 1 88 ? 2.617   6.139   8.564   1.00 35.52  ? 127  ILE A CG1 1 
ATOM   659  C CG2 . ILE A 1 88 ? 3.932   7.933   9.676   1.00 29.34  ? 127  ILE A CG2 1 
ATOM   660  C CD1 . ILE A 1 88 ? 3.833   5.541   7.917   1.00 44.04  ? 127  ILE A CD1 1 
ATOM   661  N N   . ALA A 1 89 ? 0.984   10.490  9.139   1.00 46.61  ? 128  ALA A N   1 
ATOM   662  C CA  . ALA A 1 89 ? 1.039   11.918  9.458   1.00 49.04  ? 128  ALA A CA  1 
ATOM   663  C C   . ALA A 1 89 ? 0.188   12.149  10.697  1.00 48.78  ? 128  ALA A C   1 
ATOM   664  O O   . ALA A 1 89 ? 0.572   12.878  11.609  1.00 49.40  ? 128  ALA A O   1 
ATOM   665  C CB  . ALA A 1 89 ? 0.499   12.753  8.299   1.00 37.04  ? 128  ALA A CB  1 
ATOM   666  N N   . HIS A 1 90 ? -0.979  11.518  10.707  1.00 54.00  ? 129  HIS A N   1 
ATOM   667  C CA  . HIS A 1 90 ? -1.912  11.621  11.820  1.00 54.22  ? 129  HIS A CA  1 
ATOM   668  C C   . HIS A 1 90 ? -1.209  11.261  13.119  1.00 54.34  ? 129  HIS A C   1 
ATOM   669  O O   . HIS A 1 90 ? -1.218  12.035  14.071  1.00 53.14  ? 129  HIS A O   1 
ATOM   670  C CB  . HIS A 1 90 ? -3.107  10.691  11.581  1.00 50.92  ? 129  HIS A CB  1 
ATOM   671  C CG  . HIS A 1 90 ? -4.023  10.562  12.756  1.00 54.42  ? 129  HIS A CG  1 
ATOM   672  N ND1 . HIS A 1 90 ? -4.510  11.652  13.445  1.00 56.96  ? 129  HIS A ND1 1 
ATOM   673  C CD2 . HIS A 1 90 ? -4.554  9.470   13.354  1.00 54.31  ? 129  HIS A CD2 1 
ATOM   674  C CE1 . HIS A 1 90 ? -5.300  11.235  14.420  1.00 56.32  ? 129  HIS A CE1 1 
ATOM   675  N NE2 . HIS A 1 90 ? -5.344  9.915   14.385  1.00 55.62  ? 129  HIS A NE2 1 
ATOM   676  N N   . HIS A 1 91 ? -0.574  10.094  13.150  1.00 48.32  ? 130  HIS A N   1 
ATOM   677  C CA  . HIS A 1 91 ? 0.112   9.668   14.359  1.00 49.45  ? 130  HIS A CA  1 
ATOM   678  C C   . HIS A 1 91 ? 1.310   10.534  14.702  1.00 50.71  ? 130  HIS A C   1 
ATOM   679  O O   . HIS A 1 91 ? 1.666   10.673  15.872  1.00 51.61  ? 130  HIS A O   1 
ATOM   680  C CB  . HIS A 1 91 ? 0.537   8.208   14.245  1.00 45.67  ? 130  HIS A CB  1 
ATOM   681  C CG  . HIS A 1 91 ? -0.610  7.275   14.033  1.00 46.81  ? 130  HIS A CG  1 
ATOM   682  N ND1 . HIS A 1 91 ? -0.936  6.768   12.795  1.00 49.97  ? 130  HIS A ND1 1 
ATOM   683  C CD2 . HIS A 1 91 ? -1.537  6.795   14.893  1.00 47.64  ? 130  HIS A CD2 1 
ATOM   684  C CE1 . HIS A 1 91 ? -2.016  6.014   12.900  1.00 49.51  ? 130  HIS A CE1 1 
ATOM   685  N NE2 . HIS A 1 91 ? -2.401  6.015   14.163  1.00 49.81  ? 130  HIS A NE2 1 
ATOM   686  N N   . GLN A 1 92 ? 1.938   11.119  13.693  1.00 43.48  ? 131  GLN A N   1 
ATOM   687  C CA  . GLN A 1 92 ? 3.083   11.974  13.961  1.00 45.32  ? 131  GLN A CA  1 
ATOM   688  C C   . GLN A 1 92 ? 2.607   13.219  14.706  1.00 46.40  ? 131  GLN A C   1 
ATOM   689  O O   . GLN A 1 92 ? 3.290   13.723  15.598  1.00 43.86  ? 131  GLN A O   1 
ATOM   690  C CB  . GLN A 1 92 ? 3.760   12.383  12.658  1.00 45.71  ? 131  GLN A CB  1 
ATOM   691  C CG  . GLN A 1 92 ? 4.968   13.281  12.860  1.00 46.01  ? 131  GLN A CG  1 
ATOM   692  C CD  . GLN A 1 92 ? 5.858   12.808  13.991  1.00 45.26  ? 131  GLN A CD  1 
ATOM   693  O OE1 . GLN A 1 92 ? 5.800   13.339  15.102  1.00 48.09  ? 131  GLN A OE1 1 
ATOM   694  N NE2 . GLN A 1 92 ? 6.675   11.799  13.722  1.00 44.19  ? 131  GLN A NE2 1 
ATOM   695  N N   . VAL A 1 93 ? 1.432   13.709  14.323  1.00 71.78  ? 132  VAL A N   1 
ATOM   696  C CA  . VAL A 1 93 ? 0.853   14.889  14.947  1.00 74.88  ? 132  VAL A CA  1 
ATOM   697  C C   . VAL A 1 93 ? 0.481   14.560  16.392  1.00 75.76  ? 132  VAL A C   1 
ATOM   698  O O   . VAL A 1 93 ? 0.866   15.284  17.313  1.00 76.67  ? 132  VAL A O   1 
ATOM   699  C CB  . VAL A 1 93 ? -0.400  15.371  14.177  1.00 65.87  ? 132  VAL A CB  1 
ATOM   700  C CG1 . VAL A 1 93 ? -0.994  16.598  14.857  1.00 66.18  ? 132  VAL A CG1 1 
ATOM   701  C CG2 . VAL A 1 93 ? -0.028  15.694  12.743  1.00 65.55  ? 132  VAL A CG2 1 
ATOM   702  N N   . ASP A 1 94 ? -0.262  13.469  16.583  1.00 65.31  ? 133  ASP A N   1 
ATOM   703  C CA  . ASP A 1 94 ? -0.655  13.035  17.924  1.00 65.46  ? 133  ASP A CA  1 
ATOM   704  C C   . ASP A 1 94 ? 0.579   13.094  18.796  1.00 66.62  ? 133  ASP A C   1 
ATOM   705  O O   . ASP A 1 94 ? 0.565   13.669  19.881  1.00 68.17  ? 133  ASP A O   1 
ATOM   706  C CB  . ASP A 1 94 ? -1.149  11.586  17.916  1.00 56.31  ? 133  ASP A CB  1 
ATOM   707  C CG  . ASP A 1 94 ? -2.560  11.446  17.410  1.00 56.87  ? 133  ASP A CG  1 
ATOM   708  O OD1 . ASP A 1 94 ? -3.013  10.297  17.210  1.00 57.40  ? 133  ASP A OD1 1 
ATOM   709  O OD2 . ASP A 1 94 ? -3.225  12.480  17.218  1.00 59.18  ? 133  ASP A OD2 1 
ATOM   710  N N   . ILE A 1 95 ? 1.651   12.490  18.294  1.00 49.97  ? 134  ILE A N   1 
ATOM   711  C CA  . ILE A 1 95 ? 2.922   12.430  19.003  1.00 51.15  ? 134  ILE A CA  1 
ATOM   712  C C   . ILE A 1 95 ? 3.439   13.810  19.380  1.00 52.08  ? 134  ILE A C   1 
ATOM   713  O O   . ILE A 1 95 ? 3.915   14.002  20.500  1.00 52.25  ? 134  ILE A O   1 
ATOM   714  C CB  . ILE A 1 95 ? 3.980   11.667  18.169  1.00 76.18  ? 134  ILE A CB  1 
ATOM   715  C CG1 . ILE A 1 95 ? 3.548   10.202  18.022  1.00 76.24  ? 134  ILE A CG1 1 
ATOM   716  C CG2 . ILE A 1 95 ? 5.345   11.752  18.842  1.00 75.77  ? 134  ILE A CG2 1 
ATOM   717  C CD1 . ILE A 1 95 ? 4.466   9.347   17.162  1.00 68.49  ? 134  ILE A CD1 1 
ATOM   718  N N   . ASP A 1 96 ? 3.350   14.768  18.459  1.00 91.04  ? 135  ASP A N   1 
ATOM   719  C CA  . ASP A 1 96 ? 3.804   16.123  18.759  1.00 92.69  ? 135  ASP A CA  1 
ATOM   720  C C   . ASP A 1 96 ? 2.944   16.667  19.897  1.00 93.91  ? 135  ASP A C   1 
ATOM   721  O O   . ASP A 1 96 ? 3.450   17.301  20.819  1.00 94.38  ? 135  ASP A O   1 
ATOM   722  C CB  . ASP A 1 96 ? 3.660   17.054  17.546  1.00 65.76  ? 135  ASP A CB  1 
ATOM   723  C CG  . ASP A 1 96 ? 4.506   16.626  16.356  1.00 63.67  ? 135  ASP A CG  1 
ATOM   724  O OD1 . ASP A 1 96 ? 5.593   16.041  16.551  1.00 61.21  ? 135  ASP A OD1 1 
ATOM   725  O OD2 . ASP A 1 96 ? 4.084   16.899  15.211  1.00 61.03  ? 135  ASP A OD2 1 
ATOM   726  N N   . SER A 1 97 ? 1.643   16.396  19.821  1.00 85.37  ? 136  SER A N   1 
ATOM   727  C CA  . SER A 1 97 ? 0.671   16.846  20.817  1.00 88.31  ? 136  SER A CA  1 
ATOM   728  C C   . SER A 1 97 ? 0.767   16.119  22.165  1.00 90.31  ? 136  SER A C   1 
ATOM   729  O O   . SER A 1 97 ? -0.031  16.373  23.070  1.00 91.30  ? 136  SER A O   1 
ATOM   730  C CB  . SER A 1 97 ? -0.750  16.680  20.266  1.00 69.95  ? 136  SER A CB  1 
ATOM   731  O OG  . SER A 1 97 ? -0.902  17.330  19.017  1.00 72.11  ? 136  SER A OG  1 
ATOM   732  N N   . GLU A 1 98 ? 1.734   15.218  22.292  1.00 92.22  ? 137  GLU A N   1 
ATOM   733  C CA  . GLU A 1 98 ? 1.917   14.464  23.529  1.00 92.35  ? 137  GLU A CA  1 
ATOM   734  C C   . GLU A 1 98 ? 3.234   14.845  24.196  1.00 92.21  ? 137  GLU A C   1 
ATOM   735  O O   . GLU A 1 98 ? 3.919   15.734  23.652  1.00 161.48 ? 137  GLU A O   1 
ATOM   736  C CB  . GLU A 1 98 ? 1.913   12.962  23.234  1.00 68.63  ? 137  GLU A CB  1 
ATOM   737  C CG  . GLU A 1 98 ? 0.627   12.441  22.617  1.00 66.44  ? 137  GLU A CG  1 
ATOM   738  C CD  . GLU A 1 98 ? 0.771   11.017  22.093  1.00 66.13  ? 137  GLU A CD  1 
ATOM   739  O OE1 . GLU A 1 98 ? -0.217  10.477  21.548  1.00 63.38  ? 137  GLU A OE1 1 
ATOM   740  O OE2 . GLU A 1 98 ? 1.874   10.444  22.227  1.00 65.37  ? 137  GLU A OE2 1 
ATOM   741  N N   . VAL A 1 99 ? 3.564   14.249  25.248  1.00 72.20  ? 138  VAL A N   1 
ATOM   742  N N   . GLN B 1 14 ? -19.844 -24.322 -26.161 1.00 78.50  ? 53   GLN B N   1 
ATOM   743  C CA  . GLN B 1 14 ? -18.529 -24.362 -25.457 1.00 78.94  ? 53   GLN B CA  1 
ATOM   744  C C   . GLN B 1 14 ? -18.092 -25.799 -25.179 1.00 75.38  ? 53   GLN B C   1 
ATOM   745  O O   . GLN B 1 14 ? -18.881 -26.613 -24.702 1.00 76.43  ? 53   GLN B O   1 
ATOM   746  C CB  . GLN B 1 14 ? -18.615 -23.601 -24.132 1.00 200.00 ? 53   GLN B CB  1 
ATOM   747  C CG  . GLN B 1 14 ? -17.312 -23.574 -23.345 1.00 200.00 ? 53   GLN B CG  1 
ATOM   748  C CD  . GLN B 1 14 ? -17.484 -23.026 -21.934 1.00 130.62 ? 53   GLN B CD  1 
ATOM   749  O OE1 . GLN B 1 14 ? -16.510 -22.862 -21.200 1.00 130.52 ? 53   GLN B OE1 1 
ATOM   750  N NE2 . GLN B 1 14 ? -18.726 -22.748 -21.550 1.00 130.68 ? 53   GLN B NE2 1 
ATOM   751  N N   . SER B 1 15 ? -16.832 -26.104 -25.472 1.00 53.35  ? 54   SER B N   1 
ATOM   752  C CA  . SER B 1 15 ? -16.303 -27.439 -25.242 1.00 49.42  ? 54   SER B CA  1 
ATOM   753  C C   . SER B 1 15 ? -15.869 -27.619 -23.790 1.00 47.40  ? 54   SER B C   1 
ATOM   754  O O   . SER B 1 15 ? -15.573 -26.649 -23.074 1.00 47.64  ? 54   SER B O   1 
ATOM   755  C CB  . SER B 1 15 ? -15.103 -27.703 -26.140 1.00 41.83  ? 54   SER B CB  1 
ATOM   756  O OG  . SER B 1 15 ? -13.998 -26.941 -25.699 1.00 38.30  ? 54   SER B OG  1 
ATOM   757  N N   . TRP B 1 16 ? -15.823 -28.873 -23.364 1.00 45.24  ? 55   TRP B N   1 
ATOM   758  C CA  . TRP B 1 16 ? -15.424 -29.203 -22.012 1.00 43.02  ? 55   TRP B CA  1 
ATOM   759  C C   . TRP B 1 16 ? -13.976 -28.828 -21.797 1.00 42.05  ? 55   TRP B C   1 
ATOM   760  O O   . TRP B 1 16 ? -13.603 -28.381 -20.718 1.00 40.09  ? 55   TRP B O   1 
ATOM   761  C CB  . TRP B 1 16 ? -15.632 -30.686 -21.766 1.00 38.49  ? 55   TRP B CB  1 
ATOM   762  C CG  . TRP B 1 16 ? -17.065 -31.073 -21.856 1.00 38.06  ? 55   TRP B CG  1 
ATOM   763  C CD1 . TRP B 1 16 ? -18.126 -30.260 -22.185 1.00 39.50  ? 55   TRP B CD1 1 
ATOM   764  C CD2 . TRP B 1 16 ? -17.615 -32.363 -21.608 1.00 34.15  ? 55   TRP B CD2 1 
ATOM   765  N NE1 . TRP B 1 16 ? -19.299 -30.974 -22.152 1.00 35.59  ? 55   TRP B NE1 1 
ATOM   766  C CE2 . TRP B 1 16 ? -19.015 -32.268 -21.801 1.00 35.49  ? 55   TRP B CE2 1 
ATOM   767  C CE3 . TRP B 1 16 ? -17.065 -33.594 -21.236 1.00 35.18  ? 55   TRP B CE3 1 
ATOM   768  C CZ2 . TRP B 1 16 ? -19.865 -33.358 -21.639 1.00 33.24  ? 55   TRP B CZ2 1 
ATOM   769  C CZ3 . TRP B 1 16 ? -17.916 -34.679 -21.072 1.00 32.70  ? 55   TRP B CZ3 1 
ATOM   770  C CH2 . TRP B 1 16 ? -19.299 -34.552 -21.274 1.00 35.03  ? 55   TRP B CH2 1 
ATOM   771  N N   . ALA B 1 17 ? -13.176 -28.994 -22.840 1.00 38.00  ? 56   ALA B N   1 
ATOM   772  C CA  . ALA B 1 17 ? -11.762 -28.670 -22.787 1.00 38.01  ? 56   ALA B CA  1 
ATOM   773  C C   . ALA B 1 17 ? -11.567 -27.196 -22.459 1.00 37.83  ? 56   ALA B C   1 
ATOM   774  O O   . ALA B 1 17 ? -10.770 -26.851 -21.579 1.00 35.02  ? 56   ALA B O   1 
ATOM   775  C CB  . ALA B 1 17 ? -11.090 -29.005 -24.129 1.00 22.57  ? 56   ALA B CB  1 
ATOM   776  N N   . ARG B 1 18 ? -12.294 -26.326 -23.158 1.00 36.35  ? 57   ARG B N   1 
ATOM   777  C CA  . ARG B 1 18 ? -12.176 -24.895 -22.912 1.00 38.53  ? 57   ARG B CA  1 
ATOM   778  C C   . ARG B 1 18 ? -12.739 -24.488 -21.547 1.00 37.20  ? 57   ARG B C   1 
ATOM   779  O O   . ARG B 1 18 ? -12.159 -23.647 -20.858 1.00 34.56  ? 57   ARG B O   1 
ATOM   780  C CB  . ARG B 1 18 ? -12.858 -24.090 -24.023 1.00 82.12  ? 57   ARG B CB  1 
ATOM   781  C CG  . ARG B 1 18 ? -12.630 -22.595 -23.873 1.00 91.50  ? 57   ARG B CG  1 
ATOM   782  C CD  . ARG B 1 18 ? -12.767 -21.831 -25.181 1.00 98.06  ? 57   ARG B CD  1 
ATOM   783  N NE  . ARG B 1 18 ? -14.150 -21.725 -25.634 1.00 104.09 ? 57   ARG B NE  1 
ATOM   784  C CZ  . ARG B 1 18 ? -14.551 -20.918 -26.613 1.00 106.76 ? 57   ARG B CZ  1 
ATOM   785  N NH1 . ARG B 1 18 ? -13.673 -20.143 -27.238 1.00 107.64 ? 57   ARG B NH1 1 
ATOM   786  N NH2 . ARG B 1 18 ? -15.829 -20.882 -26.965 1.00 107.35 ? 57   ARG B NH2 1 
ATOM   787  N N   . HIS B 1 19 ? -13.855 -25.093 -21.149 1.00 39.06  ? 58   HIS B N   1 
ATOM   788  C CA  . HIS B 1 19 ? -14.460 -24.770 -19.861 1.00 38.08  ? 58   HIS B CA  1 
ATOM   789  C C   . HIS B 1 19 ? -13.456 -25.053 -18.742 1.00 38.30  ? 58   HIS B C   1 
ATOM   790  O O   . HIS B 1 19 ? -13.169 -24.180 -17.926 1.00 37.65  ? 58   HIS B O   1 
ATOM   791  C CB  . HIS B 1 19 ? -15.726 -25.611 -19.633 1.00 39.04  ? 58   HIS B CB  1 
ATOM   792  C CG  . HIS B 1 19 ? -16.444 -25.297 -18.356 1.00 35.73  ? 58   HIS B CG  1 
ATOM   793  N ND1 . HIS B 1 19 ? -17.298 -26.192 -17.743 1.00 37.15  ? 58   HIS B ND1 1 
ATOM   794  C CD2 . HIS B 1 19 ? -16.478 -24.171 -17.605 1.00 32.95  ? 58   HIS B CD2 1 
ATOM   795  C CE1 . HIS B 1 19 ? -17.826 -25.629 -16.670 1.00 34.16  ? 58   HIS B CE1 1 
ATOM   796  N NE2 . HIS B 1 19 ? -17.345 -24.403 -16.565 1.00 33.81  ? 58   HIS B NE2 1 
ATOM   797  N N   . TYR B 1 20 ? -12.918 -26.271 -18.707 1.00 40.83  ? 59   TYR B N   1 
ATOM   798  C CA  . TYR B 1 20 ? -11.949 -26.629 -17.674 1.00 41.93  ? 59   TYR B CA  1 
ATOM   799  C C   . TYR B 1 20 ? -10.699 -25.761 -17.743 1.00 42.75  ? 59   TYR B C   1 
ATOM   800  O O   . TYR B 1 20 ? -10.175 -25.349 -16.715 1.00 42.51  ? 59   TYR B O   1 
ATOM   801  C CB  . TYR B 1 20 ? -11.551 -28.100 -17.780 1.00 44.74  ? 59   TYR B CB  1 
ATOM   802  C CG  . TYR B 1 20 ? -10.399 -28.485 -16.878 1.00 48.59  ? 59   TYR B CG  1 
ATOM   803  C CD1 . TYR B 1 20 ? -9.072  -28.311 -17.289 1.00 53.23  ? 59   TYR B CD1 1 
ATOM   804  C CD2 . TYR B 1 20 ? -10.629 -29.046 -15.625 1.00 48.44  ? 59   TYR B CD2 1 
ATOM   805  C CE1 . TYR B 1 20 ? -8.003  -28.701 -16.466 1.00 54.57  ? 59   TYR B CE1 1 
ATOM   806  C CE2 . TYR B 1 20 ? -9.578  -29.440 -14.797 1.00 50.56  ? 59   TYR B CE2 1 
ATOM   807  C CZ  . TYR B 1 20 ? -8.274  -29.271 -15.222 1.00 54.26  ? 59   TYR B CZ  1 
ATOM   808  O OH  . TYR B 1 20 ? -7.242  -29.709 -14.431 1.00 56.14  ? 59   TYR B OH  1 
ATOM   809  N N   . GLN B 1 21 ? -10.218 -25.491 -18.949 1.00 47.18  ? 60   GLN B N   1 
ATOM   810  C CA  . GLN B 1 21 ? -9.030  -24.665 -19.118 1.00 49.12  ? 60   GLN B CA  1 
ATOM   811  C C   . GLN B 1 21 ? -9.242  -23.338 -18.390 1.00 49.94  ? 60   GLN B C   1 
ATOM   812  O O   . GLN B 1 21 ? -8.404  -22.909 -17.591 1.00 47.93  ? 60   GLN B O   1 
ATOM   813  C CB  . GLN B 1 21 ? -8.778  -24.417 -20.604 1.00 72.93  ? 60   GLN B CB  1 
ATOM   814  C CG  . GLN B 1 21 ? -7.482  -23.702 -20.906 1.00 77.88  ? 60   GLN B CG  1 
ATOM   815  C CD  . GLN B 1 21 ? -7.234  -23.568 -22.396 1.00 83.01  ? 60   GLN B CD  1 
ATOM   816  O OE1 . GLN B 1 21 ? -6.156  -23.157 -22.821 1.00 85.41  ? 60   GLN B OE1 1 
ATOM   817  N NE2 . GLN B 1 21 ? -8.236  -23.912 -23.197 1.00 84.14  ? 60   GLN B NE2 1 
ATOM   818  N N   . GLN B 1 22 ? -10.369 -22.697 -18.671 1.00 47.80  ? 61   GLN B N   1 
ATOM   819  C CA  . GLN B 1 22 ? -10.719 -21.434 -18.037 1.00 49.63  ? 61   GLN B CA  1 
ATOM   820  C C   . GLN B 1 22 ? -10.736 -21.615 -16.518 1.00 49.69  ? 61   GLN B C   1 
ATOM   821  O O   . GLN B 1 22 ? -10.059 -20.891 -15.784 1.00 49.91  ? 61   GLN B O   1 
ATOM   822  C CB  . GLN B 1 22 ? -12.101 -20.981 -18.517 1.00 84.47  ? 61   GLN B CB  1 
ATOM   823  C CG  . GLN B 1 22 ? -12.717 -19.856 -17.707 1.00 91.27  ? 61   GLN B CG  1 
ATOM   824  C CD  . GLN B 1 22 ? -14.168 -19.601 -18.081 1.00 95.63  ? 61   GLN B CD  1 
ATOM   825  O OE1 . GLN B 1 22 ? -15.023 -20.487 -17.966 1.00 96.48  ? 61   GLN B OE1 1 
ATOM   826  N NE2 . GLN B 1 22 ? -14.454 -18.385 -18.529 1.00 96.20  ? 61   GLN B NE2 1 
ATOM   827  N N   . LEU B 1 23 ? -11.511 -22.591 -16.055 1.00 49.63  ? 62   LEU B N   1 
ATOM   828  C CA  . LEU B 1 23 ? -11.628 -22.868 -14.629 1.00 48.14  ? 62   LEU B CA  1 
ATOM   829  C C   . LEU B 1 23 ? -10.283 -23.093 -13.947 1.00 47.44  ? 62   LEU B C   1 
ATOM   830  O O   . LEU B 1 23 ? -10.008 -22.494 -12.911 1.00 44.82  ? 62   LEU B O   1 
ATOM   831  C CB  . LEU B 1 23 ? -12.533 -24.080 -14.408 1.00 47.76  ? 62   LEU B CB  1 
ATOM   832  C CG  . LEU B 1 23 ? -13.998 -23.817 -14.055 1.00 48.27  ? 62   LEU B CG  1 
ATOM   833  C CD1 . LEU B 1 23 ? -14.548 -22.627 -14.833 1.00 48.71  ? 62   LEU B CD1 1 
ATOM   834  C CD2 . LEU B 1 23 ? -14.797 -25.077 -14.337 1.00 47.80  ? 62   LEU B CD2 1 
ATOM   835  N N   . ALA B 1 24 ? -9.455  -23.956 -14.535 1.00 45.32  ? 63   ALA B N   1 
ATOM   836  C CA  . ALA B 1 24 ? -8.141  -24.275 -13.991 1.00 46.19  ? 63   ALA B CA  1 
ATOM   837  C C   . ALA B 1 24 ? -7.275  -23.037 -13.893 1.00 47.69  ? 63   ALA B C   1 
ATOM   838  O O   . ALA B 1 24 ? -6.601  -22.825 -12.890 1.00 48.33  ? 63   ALA B O   1 
ATOM   839  C CB  . ALA B 1 24 ? -7.448  -25.312 -14.856 1.00 43.72  ? 63   ALA B CB  1 
ATOM   840  N N   . ARG B 1 25 ? -7.294  -22.230 -14.947 1.00 49.85  ? 64   ARG B N   1 
ATOM   841  C CA  . ARG B 1 25 ? -6.519  -21.001 -15.003 1.00 51.42  ? 64   ARG B CA  1 
ATOM   842  C C   . ARG B 1 25 ? -6.887  -20.078 -13.840 1.00 51.54  ? 64   ARG B C   1 
ATOM   843  O O   . ARG B 1 25 ? -6.016  -19.442 -13.239 1.00 50.41  ? 64   ARG B O   1 
ATOM   844  C CB  . ARG B 1 25 ? -6.763  -20.311 -16.351 1.00 81.68  ? 64   ARG B CB  1 
ATOM   845  C CG  . ARG B 1 25 ? -6.079  -18.969 -16.532 1.00 88.41  ? 64   ARG B CG  1 
ATOM   846  C CD  . ARG B 1 25 ? -7.090  -17.830 -16.455 1.00 94.79  ? 64   ARG B CD  1 
ATOM   847  N NE  . ARG B 1 25 ? -6.493  -16.514 -16.680 1.00 99.04  ? 64   ARG B NE  1 
ATOM   848  C CZ  . ARG B 1 25 ? -5.866  -16.152 -17.796 1.00 102.07 ? 64   ARG B CZ  1 
ATOM   849  N NH1 . ARG B 1 25 ? -5.743  -17.008 -18.802 1.00 103.71 ? 64   ARG B NH1 1 
ATOM   850  N NH2 . ARG B 1 25 ? -5.362  -14.929 -17.906 1.00 103.03 ? 64   ARG B NH2 1 
ATOM   851  N N   . GLU B 1 26 ? -8.173  -20.027 -13.509 1.00 43.36  ? 65   GLU B N   1 
ATOM   852  C CA  . GLU B 1 26 ? -8.634  -19.182 -12.420 1.00 43.07  ? 65   GLU B CA  1 
ATOM   853  C C   . GLU B 1 26 ? -8.133  -19.674 -11.070 1.00 42.26  ? 65   GLU B C   1 
ATOM   854  O O   . GLU B 1 26 ? -7.796  -18.875 -10.197 1.00 42.38  ? 65   GLU B O   1 
ATOM   855  C CB  . GLU B 1 26 ? -10.161 -19.097 -12.423 1.00 70.89  ? 65   GLU B CB  1 
ATOM   856  C CG  . GLU B 1 26 ? -10.706 -18.078 -13.422 1.00 73.08  ? 65   GLU B CG  1 
ATOM   857  C CD  . GLU B 1 26 ? -12.197 -18.229 -13.668 1.00 73.59  ? 65   GLU B CD  1 
ATOM   858  O OE1 . GLU B 1 26 ? -12.945 -18.490 -12.699 1.00 72.85  ? 65   GLU B OE1 1 
ATOM   859  O OE2 . GLU B 1 26 ? -12.620 -18.076 -14.833 1.00 74.78  ? 65   GLU B OE2 1 
ATOM   860  N N   . GLU B 1 27 ? -8.077  -20.986 -10.896 1.00 48.82  ? 66   GLU B N   1 
ATOM   861  C CA  . GLU B 1 27 ? -7.595  -21.545 -9.643  1.00 50.10  ? 66   GLU B CA  1 
ATOM   862  C C   . GLU B 1 27 ? -6.091  -21.289 -9.531  1.00 50.81  ? 66   GLU B C   1 
ATOM   863  O O   . GLU B 1 27 ? -5.601  -20.890 -8.470  1.00 52.14  ? 66   GLU B O   1 
ATOM   864  C CB  . GLU B 1 27 ? -7.880  -23.051 -9.579  1.00 48.60  ? 66   GLU B CB  1 
ATOM   865  C CG  . GLU B 1 27 ? -7.416  -23.718 -8.291  1.00 47.39  ? 66   GLU B CG  1 
ATOM   866  C CD  . GLU B 1 27 ? -7.591  -25.229 -8.308  1.00 47.37  ? 66   GLU B CD  1 
ATOM   867  O OE1 . GLU B 1 27 ? -6.996  -25.875 -9.195  1.00 45.18  ? 66   GLU B OE1 1 
ATOM   868  O OE2 . GLU B 1 27 ? -8.316  -25.768 -7.435  1.00 47.45  ? 66   GLU B OE2 1 
ATOM   869  N N   . LYS B 1 28 ? -5.368  -21.509 -10.630 1.00 48.70  ? 67   LYS B N   1 
ATOM   870  C CA  . LYS B 1 28 ? -3.920  -21.305 -10.652 1.00 50.41  ? 67   LYS B CA  1 
ATOM   871  C C   . LYS B 1 28 ? -3.611  -19.857 -10.298 1.00 50.37  ? 67   LYS B C   1 
ATOM   872  O O   . LYS B 1 28 ? -2.741  -19.570 -9.479  1.00 49.54  ? 67   LYS B O   1 
ATOM   873  C CB  . LYS B 1 28 ? -3.351  -21.623 -12.037 1.00 129.77 ? 67   LYS B CB  1 
ATOM   874  C CG  . LYS B 1 28 ? -3.727  -22.999 -12.559 1.00 129.92 ? 67   LYS B CG  1 
ATOM   875  C CD  . LYS B 1 28 ? -3.171  -23.247 -13.956 1.00 130.46 ? 67   LYS B CD  1 
ATOM   876  C CE  . LYS B 1 28 ? -3.866  -24.427 -14.626 1.00 130.74 ? 67   LYS B CE  1 
ATOM   877  N NZ  . LYS B 1 28 ? -3.830  -25.662 -13.792 1.00 130.51 ? 67   LYS B NZ  1 
ATOM   878  N N   . GLU B 1 29 ? -4.337  -18.945 -10.926 1.00 53.83  ? 68   GLU B N   1 
ATOM   879  C CA  . GLU B 1 29 ? -4.142  -17.534 -10.676 1.00 53.34  ? 68   GLU B CA  1 
ATOM   880  C C   . GLU B 1 29 ? -4.360  -17.198 -9.201  1.00 52.21  ? 68   GLU B C   1 
ATOM   881  O O   . GLU B 1 29 ? -3.588  -16.435 -8.619  1.00 50.29  ? 68   GLU B O   1 
ATOM   882  C CB  . GLU B 1 29 ? -5.096  -16.732 -11.554 1.00 61.45  ? 68   GLU B CB  1 
ATOM   883  C CG  . GLU B 1 29 ? -5.093  -15.253 -11.276 1.00 65.70  ? 68   GLU B CG  1 
ATOM   884  C CD  . GLU B 1 29 ? -5.778  -14.467 -12.369 1.00 68.00  ? 68   GLU B CD  1 
ATOM   885  O OE1 . GLU B 1 29 ? -6.230  -13.336 -12.090 1.00 70.16  ? 68   GLU B OE1 1 
ATOM   886  O OE2 . GLU B 1 29 ? -5.851  -14.976 -13.508 1.00 69.85  ? 68   GLU B OE2 1 
ATOM   887  N N   . ALA B 1 30 ? -5.397  -17.787 -8.600  1.00 44.68  ? 69   ALA B N   1 
ATOM   888  C CA  . ALA B 1 30 ? -5.718  -17.541 -7.200  1.00 44.48  ? 69   ALA B CA  1 
ATOM   889  C C   . ALA B 1 30 ? -4.729  -18.195 -6.231  1.00 44.96  ? 69   ALA B C   1 
ATOM   890  O O   . ALA B 1 30 ? -4.542  -17.707 -5.118  1.00 43.19  ? 69   ALA B O   1 
ATOM   891  C CB  . ALA B 1 30 ? -7.138  -18.005 -6.896  1.00 22.83  ? 69   ALA B CB  1 
ATOM   892  N N   . GLU B 1 31 ? -4.112  -19.299 -6.646  1.00 53.57  ? 70   GLU B N   1 
ATOM   893  C CA  . GLU B 1 31 ? -3.130  -19.984 -5.804  1.00 55.40  ? 70   GLU B CA  1 
ATOM   894  C C   . GLU B 1 31 ? -1.793  -19.273 -5.963  1.00 55.44  ? 70   GLU B C   1 
ATOM   895  O O   . GLU B 1 31 ? -0.937  -19.317 -5.074  1.00 53.94  ? 70   GLU B O   1 
ATOM   896  C CB  . GLU B 1 31 ? -2.980  -21.456 -6.205  1.00 70.17  ? 70   GLU B CB  1 
ATOM   897  C CG  . GLU B 1 31 ? -4.144  -22.340 -5.787  1.00 76.67  ? 70   GLU B CG  1 
ATOM   898  C CD  . GLU B 1 31 ? -3.891  -23.807 -6.074  1.00 80.80  ? 70   GLU B CD  1 
ATOM   899  O OE1 . GLU B 1 31 ? -4.776  -24.638 -5.763  1.00 80.96  ? 70   GLU B OE1 1 
ATOM   900  O OE2 . GLU B 1 31 ? -2.806  -24.125 -6.610  1.00 81.27  ? 70   GLU B OE2 1 
ATOM   901  N N   . LEU B 1 32 ? -1.615  -18.634 -7.115  1.00 50.62  ? 71   LEU B N   1 
ATOM   902  C CA  . LEU B 1 32 ? -0.399  -17.888 -7.381  1.00 50.31  ? 71   LEU B CA  1 
ATOM   903  C C   . LEU B 1 32 ? -0.452  -16.653 -6.499  1.00 48.47  ? 71   LEU B C   1 
ATOM   904  O O   . LEU B 1 32 ? 0.515   -16.315 -5.825  1.00 47.68  ? 71   LEU B O   1 
ATOM   905  C CB  . LEU B 1 32 ? -0.329  -17.472 -8.848  1.00 59.18  ? 71   LEU B CB  1 
ATOM   906  C CG  . LEU B 1 32 ? 0.860   -16.584 -9.195  1.00 59.87  ? 71   LEU B CG  1 
ATOM   907  C CD1 . LEU B 1 32 ? 2.146   -17.305 -8.824  1.00 60.38  ? 71   LEU B CD1 1 
ATOM   908  C CD2 . LEU B 1 32 ? 0.838   -16.247 -10.679 1.00 61.48  ? 71   LEU B CD2 1 
ATOM   909  N N   . ALA B 1 33 ? -1.603  -15.992 -6.496  1.00 50.38  ? 72   ALA B N   1 
ATOM   910  C CA  . ALA B 1 33 ? -1.785  -14.803 -5.688  1.00 49.79  ? 72   ALA B CA  1 
ATOM   911  C C   . ALA B 1 33 ? -1.590  -15.159 -4.215  1.00 51.65  ? 72   ALA B C   1 
ATOM   912  O O   . ALA B 1 33 ? -1.000  -14.387 -3.460  1.00 52.24  ? 72   ALA B O   1 
ATOM   913  C CB  . ALA B 1 33 ? -3.170  -14.230 -5.916  1.00 32.88  ? 72   ALA B CB  1 
ATOM   914  N N   . ASP B 1 34 ? -2.080  -16.329 -3.806  1.00 51.53  ? 73   ASP B N   1 
ATOM   915  C CA  . ASP B 1 34 ? -1.930  -16.758 -2.420  1.00 51.53  ? 73   ASP B CA  1 
ATOM   916  C C   . ASP B 1 34 ? -0.460  -16.927 -2.068  1.00 51.77  ? 73   ASP B C   1 
ATOM   917  O O   . ASP B 1 34 ? -0.033  -16.564 -0.976  1.00 52.33  ? 73   ASP B O   1 
ATOM   918  C CB  . ASP B 1 34 ? -2.654  -18.082 -2.160  1.00 57.25  ? 73   ASP B CB  1 
ATOM   919  C CG  . ASP B 1 34 ? -4.156  -17.926 -2.092  1.00 58.98  ? 73   ASP B CG  1 
ATOM   920  O OD1 . ASP B 1 34 ? -4.641  -16.821 -1.774  1.00 57.80  ? 73   ASP B OD1 1 
ATOM   921  O OD2 . ASP B 1 34 ? -4.855  -18.925 -2.338  1.00 61.36  ? 73   ASP B OD2 1 
ATOM   922  N N   . ASP B 1 35 ? 0.307   -17.497 -2.989  1.00 58.70  ? 74   ASP B N   1 
ATOM   923  C CA  . ASP B 1 35 ? 1.732   -17.705 -2.766  1.00 61.00  ? 74   ASP B CA  1 
ATOM   924  C C   . ASP B 1 35 ? 2.452   -16.370 -2.650  1.00 62.69  ? 74   ASP B C   1 
ATOM   925  O O   . ASP B 1 35 ? 3.337   -16.206 -1.815  1.00 64.52  ? 74   ASP B O   1 
ATOM   926  C CB  . ASP B 1 35 ? 2.350   -18.503 -3.915  1.00 56.35  ? 74   ASP B CB  1 
ATOM   927  C CG  . ASP B 1 35 ? 2.054   -19.986 -3.827  1.00 58.30  ? 74   ASP B CG  1 
ATOM   928  O OD1 . ASP B 1 35 ? 2.402   -20.715 -4.779  1.00 60.31  ? 74   ASP B OD1 1 
ATOM   929  O OD2 . ASP B 1 35 ? 1.478   -20.420 -2.807  1.00 58.38  ? 74   ASP B OD2 1 
ATOM   930  N N   . MET B 1 36 ? 2.067   -15.421 -3.495  1.00 60.45  ? 75   MET B N   1 
ATOM   931  C CA  . MET B 1 36 ? 2.688   -14.108 -3.495  1.00 59.20  ? 75   MET B CA  1 
ATOM   932  C C   . MET B 1 36 ? 2.382   -13.285 -2.258  1.00 59.47  ? 75   MET B C   1 
ATOM   933  O O   . MET B 1 36 ? 3.213   -12.493 -1.826  1.00 60.70  ? 75   MET B O   1 
ATOM   934  C CB  . MET B 1 36 ? 2.269   -13.331 -4.739  1.00 50.50  ? 75   MET B CB  1 
ATOM   935  C CG  . MET B 1 36 ? 2.850   -13.890 -6.022  1.00 49.07  ? 75   MET B CG  1 
ATOM   936  S SD  . MET B 1 36 ? 2.453   -12.854 -7.424  1.00 50.90  ? 75   MET B SD  1 
ATOM   937  C CE  . MET B 1 36 ? 0.757   -13.190 -7.547  1.00 52.38  ? 75   MET B CE  1 
ATOM   938  N N   . GLU B 1 37 ? 1.199   -13.465 -1.683  1.00 60.57  ? 76   GLU B N   1 
ATOM   939  C CA  . GLU B 1 37 ? 0.831   -12.709 -0.491  1.00 60.70  ? 76   GLU B CA  1 
ATOM   940  C C   . GLU B 1 37 ? 1.772   -12.990 0.683   1.00 62.47  ? 76   GLU B C   1 
ATOM   941  O O   . GLU B 1 37 ? 2.013   -12.117 1.517   1.00 63.37  ? 76   GLU B O   1 
ATOM   942  C CB  . GLU B 1 37 ? -0.597  -13.035 -0.071  1.00 48.48  ? 76   GLU B CB  1 
ATOM   943  C CG  . GLU B 1 37 ? -1.226  -11.978 0.809   1.00 49.07  ? 76   GLU B CG  1 
ATOM   944  C CD  . GLU B 1 37 ? -2.637  -12.337 1.235   1.00 47.76  ? 76   GLU B CD  1 
ATOM   945  O OE1 . GLU B 1 37 ? -3.384  -11.424 1.648   1.00 47.11  ? 76   GLU B OE1 1 
ATOM   946  O OE2 . GLU B 1 37 ? -2.994  -13.534 1.160   1.00 47.98  ? 76   GLU B OE2 1 
ATOM   947  N N   . LYS B 1 38 ? 2.297   -14.210 0.742   1.00 64.65  ? 77   LYS B N   1 
ATOM   948  C CA  . LYS B 1 38 ? 3.206   -14.603 1.810   1.00 63.85  ? 77   LYS B CA  1 
ATOM   949  C C   . LYS B 1 38 ? 4.597   -14.068 1.537   1.00 62.52  ? 77   LYS B C   1 
ATOM   950  O O   . LYS B 1 38 ? 5.457   -14.065 2.421   1.00 62.21  ? 77   LYS B O   1 
ATOM   951  C CB  . LYS B 1 38 ? 3.258   -16.130 1.938   1.00 77.63  ? 77   LYS B CB  1 
ATOM   952  C CG  . LYS B 1 38 ? 1.972   -16.754 2.461   1.00 80.18  ? 77   LYS B CG  1 
ATOM   953  C CD  . LYS B 1 38 ? 2.158   -18.226 2.768   1.00 83.81  ? 77   LYS B CD  1 
ATOM   954  C CE  . LYS B 1 38 ? 0.929   -18.803 3.447   1.00 84.57  ? 77   LYS B CE  1 
ATOM   955  N NZ  . LYS B 1 38 ? 1.163   -20.200 3.910   1.00 85.65  ? 77   LYS B NZ  1 
ATOM   956  N N   . GLY B 1 39 ? 4.817   -13.627 0.303   1.00 46.02  ? 78   GLY B N   1 
ATOM   957  C CA  . GLY B 1 39 ? 6.108   -13.077 -0.059  1.00 42.04  ? 78   GLY B CA  1 
ATOM   958  C C   . GLY B 1 39 ? 6.216   -11.596 0.282   1.00 41.27  ? 78   GLY B C   1 
ATOM   959  O O   . GLY B 1 39 ? 7.272   -10.986 0.062   1.00 39.81  ? 78   GLY B O   1 
ATOM   960  N N   . ILE B 1 40 ? 5.136   -11.001 0.791   1.00 35.81  ? 79   ILE B N   1 
ATOM   961  C CA  . ILE B 1 40 ? 5.178   -9.587  1.149   1.00 35.79  ? 79   ILE B CA  1 
ATOM   962  C C   . ILE B 1 40 ? 4.481   -9.239  2.461   1.00 33.87  ? 79   ILE B C   1 
ATOM   963  O O   . ILE B 1 40 ? 3.411   -8.627  2.470   1.00 32.09  ? 79   ILE B O   1 
ATOM   964  C CB  . ILE B 1 40 ? 4.647   -8.643  0.002   1.00 64.38  ? 79   ILE B CB  1 
ATOM   965  C CG1 . ILE B 1 40 ? 5.448   -8.815  -1.274  1.00 66.38  ? 79   ILE B CG1 1 
ATOM   966  C CG2 . ILE B 1 40 ? 4.769   -7.187  0.418   1.00 63.17  ? 79   ILE B CG2 1 
ATOM   967  C CD1 . ILE B 1 40 ? 4.673   -8.512  -2.514  1.00 67.73  ? 79   ILE B CD1 1 
ATOM   968  N N   . PRO B 1 41 ? 5.081   -9.652  3.592   1.00 36.90  ? 80   PRO B N   1 
ATOM   969  C CA  . PRO B 1 41 ? 4.547   -9.387  4.930   1.00 36.82  ? 80   PRO B CA  1 
ATOM   970  C C   . PRO B 1 41 ? 4.687   -7.893  5.221   1.00 36.87  ? 80   PRO B C   1 
ATOM   971  O O   . PRO B 1 41 ? 5.593   -7.230  4.693   1.00 34.16  ? 80   PRO B O   1 
ATOM   972  C CB  . PRO B 1 41 ? 5.429   -10.247 5.836   1.00 41.14  ? 80   PRO B CB  1 
ATOM   973  C CG  . PRO B 1 41 ? 6.729   -10.340 5.062   1.00 40.11  ? 80   PRO B CG  1 
ATOM   974  C CD  . PRO B 1 41 ? 6.226   -10.576 3.664   1.00 38.28  ? 80   PRO B CD  1 
ATOM   975  N N   . GLN B 1 42 ? 3.793   -7.370  6.050   1.00 30.98  ? 81   GLN B N   1 
ATOM   976  C CA  . GLN B 1 42 ? 3.794   -5.956  6.379   1.00 33.94  ? 81   GLN B CA  1 
ATOM   977  C C   . GLN B 1 42 ? 5.087   -5.386  6.941   1.00 32.30  ? 81   GLN B C   1 
ATOM   978  O O   . GLN B 1 42 ? 5.388   -4.211  6.726   1.00 34.59  ? 81   GLN B O   1 
ATOM   979  C CB  . GLN B 1 42 ? 2.622   -5.642  7.321   1.00 31.62  ? 81   GLN B CB  1 
ATOM   980  C CG  . GLN B 1 42 ? 1.271   -5.942  6.662   1.00 41.34  ? 81   GLN B CG  1 
ATOM   981  C CD  . GLN B 1 42 ? 0.080   -5.368  7.410   1.00 42.42  ? 81   GLN B CD  1 
ATOM   982  O OE1 . GLN B 1 42 ? -1.014  -5.936  7.375   1.00 44.67  ? 81   GLN B OE1 1 
ATOM   983  N NE2 . GLN B 1 42 ? 0.275   -4.236  8.077   1.00 41.41  ? 81   GLN B NE2 1 
ATOM   984  N N   . HIS B 1 43 ? 5.868   -6.187  7.650   1.00 26.36  ? 82   HIS B N   1 
ATOM   985  C CA  . HIS B 1 43 ? 7.099   -5.645  8.206   1.00 26.84  ? 82   HIS B CA  1 
ATOM   986  C C   . HIS B 1 43 ? 8.072   -5.149  7.133   1.00 27.90  ? 82   HIS B C   1 
ATOM   987  O O   . HIS B 1 43 ? 8.955   -4.344  7.424   1.00 28.24  ? 82   HIS B O   1 
ATOM   988  C CB  . HIS B 1 43 ? 7.761   -6.659  9.171   1.00 36.95  ? 82   HIS B CB  1 
ATOM   989  C CG  . HIS B 1 43 ? 8.405   -7.839  8.510   1.00 38.17  ? 82   HIS B CG  1 
ATOM   990  N ND1 . HIS B 1 43 ? 9.569   -7.741  7.777   1.00 37.38  ? 82   HIS B ND1 1 
ATOM   991  C CD2 . HIS B 1 43 ? 8.093   -9.156  8.539   1.00 36.88  ? 82   HIS B CD2 1 
ATOM   992  C CE1 . HIS B 1 43 ? 9.950   -8.947  7.387   1.00 36.63  ? 82   HIS B CE1 1 
ATOM   993  N NE2 . HIS B 1 43 ? 9.071   -9.824  7.838   1.00 38.13  ? 82   HIS B NE2 1 
ATOM   994  N N   . LEU B 1 44 ? 7.888   -5.586  5.886   1.00 32.93  ? 83   LEU B N   1 
ATOM   995  C CA  . LEU B 1 44 ? 8.756   -5.135  4.790   1.00 33.11  ? 83   LEU B CA  1 
ATOM   996  C C   . LEU B 1 44 ? 8.338   -3.729  4.405   1.00 32.89  ? 83   LEU B C   1 
ATOM   997  O O   . LEU B 1 44 ? 9.168   -2.915  4.004   1.00 31.43  ? 83   LEU B O   1 
ATOM   998  C CB  . LEU B 1 44 ? 8.639   -6.057  3.556   1.00 32.83  ? 83   LEU B CB  1 
ATOM   999  C CG  . LEU B 1 44 ? 9.234   -7.471  3.664   1.00 34.35  ? 83   LEU B CG  1 
ATOM   1000 C CD1 . LEU B 1 44 ? 8.984   -8.247  2.362   1.00 34.92  ? 83   LEU B CD1 1 
ATOM   1001 C CD2 . LEU B 1 44 ? 10.742  -7.384  3.952   1.00 30.47  ? 83   LEU B CD2 1 
ATOM   1002 N N   . PHE B 1 45 ? 7.045   -3.449  4.529   1.00 32.00  ? 84   PHE B N   1 
ATOM   1003 C CA  . PHE B 1 45 ? 6.517   -2.131  4.198   1.00 32.77  ? 84   PHE B CA  1 
ATOM   1004 C C   . PHE B 1 45 ? 6.907   -1.154  5.306   1.00 34.60  ? 84   PHE B C   1 
ATOM   1005 O O   . PHE B 1 45 ? 7.184   0.015   5.056   1.00 34.13  ? 84   PHE B O   1 
ATOM   1006 C CB  . PHE B 1 45 ? 4.991   -2.208  4.019   1.00 33.59  ? 84   PHE B CB  1 
ATOM   1007 C CG  . PHE B 1 45 ? 4.562   -2.971  2.772   1.00 32.32  ? 84   PHE B CG  1 
ATOM   1008 C CD1 . PHE B 1 45 ? 4.490   -2.333  1.540   1.00 31.65  ? 84   PHE B CD1 1 
ATOM   1009 C CD2 . PHE B 1 45 ? 4.287   -4.335  2.833   1.00 30.64  ? 84   PHE B CD2 1 
ATOM   1010 C CE1 . PHE B 1 45 ? 4.151   -3.032  0.386   1.00 30.15  ? 84   PHE B CE1 1 
ATOM   1011 C CE2 . PHE B 1 45 ? 3.951   -5.054  1.691   1.00 31.14  ? 84   PHE B CE2 1 
ATOM   1012 C CZ  . PHE B 1 45 ? 3.880   -4.404  0.460   1.00 30.78  ? 84   PHE B CZ  1 
ATOM   1013 N N   . GLU B 1 46 ? 6.942   -1.642  6.536   1.00 40.43  ? 85   GLU B N   1 
ATOM   1014 C CA  . GLU B 1 46 ? 7.334   -0.794  7.650   1.00 42.14  ? 85   GLU B CA  1 
ATOM   1015 C C   . GLU B 1 46 ? 8.800   -0.377  7.441   1.00 42.46  ? 85   GLU B C   1 
ATOM   1016 O O   . GLU B 1 46 ? 9.112   0.810   7.461   1.00 43.11  ? 85   GLU B O   1 
ATOM   1017 C CB  . GLU B 1 46 ? 7.150   -1.547  8.974   1.00 40.63  ? 85   GLU B CB  1 
ATOM   1018 C CG  . GLU B 1 46 ? 7.605   -0.797  10.210  1.00 44.15  ? 85   GLU B CG  1 
ATOM   1019 C CD  . GLU B 1 46 ? 7.184   -1.490  11.503  1.00 45.63  ? 85   GLU B CD  1 
ATOM   1020 O OE1 . GLU B 1 46 ? 7.194   -2.738  11.560  1.00 48.91  ? 85   GLU B OE1 1 
ATOM   1021 O OE2 . GLU B 1 46 ? 6.848   -0.785  12.473  1.00 49.16  ? 85   GLU B OE2 1 
ATOM   1022 N N   . SER B 1 47 ? 9.683   -1.349  7.218   1.00 40.42  ? 86   SER B N   1 
ATOM   1023 C CA  . SER B 1 47 ? 11.105  -1.067  6.976   1.00 39.01  ? 86   SER B CA  1 
ATOM   1024 C C   . SER B 1 47 ? 11.231  -0.002  5.890   1.00 38.44  ? 86   SER B C   1 
ATOM   1025 O O   . SER B 1 47 ? 12.001  0.951   6.002   1.00 39.67  ? 86   SER B O   1 
ATOM   1026 C CB  . SER B 1 47 ? 11.845  -2.341  6.519   1.00 32.48  ? 86   SER B CB  1 
ATOM   1027 O OG  . SER B 1 47 ? 12.012  -3.252  7.592   1.00 33.52  ? 86   SER B OG  1 
ATOM   1028 N N   . LEU B 1 48 ? 10.469  -0.179  4.825   1.00 38.39  ? 87   LEU B N   1 
ATOM   1029 C CA  . LEU B 1 48 ? 10.483  0.772   3.732   1.00 38.44  ? 87   LEU B CA  1 
ATOM   1030 C C   . LEU B 1 48 ? 10.186  2.184   4.279   1.00 38.72  ? 87   LEU B C   1 
ATOM   1031 O O   . LEU B 1 48 ? 10.888  3.152   3.968   1.00 35.95  ? 87   LEU B O   1 
ATOM   1032 C CB  . LEU B 1 48 ? 9.426   0.366   2.715   1.00 32.66  ? 87   LEU B CB  1 
ATOM   1033 C CG  . LEU B 1 48 ? 9.547   0.937   1.311   1.00 36.60  ? 87   LEU B CG  1 
ATOM   1034 C CD1 . LEU B 1 48 ? 10.930  0.567   0.734   1.00 37.59  ? 87   LEU B CD1 1 
ATOM   1035 C CD2 . LEU B 1 48 ? 8.428   0.368   0.443   1.00 37.06  ? 87   LEU B CD2 1 
ATOM   1036 N N   . CYS B 1 49 ? 9.140   2.287   5.093   1.00 40.16  ? 88   CYS B N   1 
ATOM   1037 C CA  . CYS B 1 49 ? 8.754   3.564   5.679   1.00 42.84  ? 88   CYS B CA  1 
ATOM   1038 C C   . CYS B 1 49 ? 9.867   4.113   6.565   1.00 42.85  ? 88   CYS B C   1 
ATOM   1039 O O   . CYS B 1 49 ? 10.186  5.293   6.501   1.00 44.17  ? 88   CYS B O   1 
ATOM   1040 C CB  . CYS B 1 49 ? 7.453   3.405   6.477   1.00 32.70  ? 88   CYS B CB  1 
ATOM   1041 S SG  . CYS B 1 49 ? 6.008   3.210   5.414   1.00 34.88  ? 88   CYS B SG  1 
ATOM   1042 N N   . ILE B 1 50 ? 10.461  3.246   7.376   1.00 47.77  ? 89   ILE B N   1 
ATOM   1043 C CA  . ILE B 1 50 ? 11.546  3.638   8.264   1.00 50.94  ? 89   ILE B CA  1 
ATOM   1044 C C   . ILE B 1 50 ? 12.792  4.099   7.488   1.00 54.22  ? 89   ILE B C   1 
ATOM   1045 O O   . ILE B 1 50 ? 13.541  4.963   7.955   1.00 55.29  ? 89   ILE B O   1 
ATOM   1046 C CB  . ILE B 1 50 ? 11.914  2.460   9.208   1.00 45.25  ? 89   ILE B CB  1 
ATOM   1047 C CG1 . ILE B 1 50 ? 10.850  2.336   10.307  1.00 44.84  ? 89   ILE B CG1 1 
ATOM   1048 C CG2 . ILE B 1 50 ? 13.290  2.666   9.813   1.00 42.65  ? 89   ILE B CG2 1 
ATOM   1049 C CD1 . ILE B 1 50 ? 11.006  1.128   11.183  1.00 58.63  ? 89   ILE B CD1 1 
ATOM   1050 N N   . ASP B 1 51 ? 13.001  3.538   6.300   1.00 49.22  ? 90   ASP B N   1 
ATOM   1051 C CA  . ASP B 1 51 ? 14.157  3.893   5.489   1.00 50.49  ? 90   ASP B CA  1 
ATOM   1052 C C   . ASP B 1 51 ? 13.959  5.132   4.629   1.00 49.78  ? 90   ASP B C   1 
ATOM   1053 O O   . ASP B 1 51 ? 14.933  5.691   4.132   1.00 50.35  ? 90   ASP B O   1 
ATOM   1054 C CB  . ASP B 1 51 ? 14.559  2.719   4.585   1.00 79.15  ? 90   ASP B CB  1 
ATOM   1055 C CG  . ASP B 1 51 ? 15.218  1.583   5.351   1.00 84.01  ? 90   ASP B CG  1 
ATOM   1056 O OD1 . ASP B 1 51 ? 15.446  0.506   4.752   1.00 86.87  ? 90   ASP B OD1 1 
ATOM   1057 O OD2 . ASP B 1 51 ? 15.515  1.767   6.550   1.00 87.82  ? 90   ASP B OD2 1 
ATOM   1058 N N   . HIS B 1 52 ? 12.720  5.577   4.457   1.00 48.20  ? 91   HIS B N   1 
ATOM   1059 C CA  . HIS B 1 52 ? 12.484  6.739   3.606   1.00 47.84  ? 91   HIS B CA  1 
ATOM   1060 C C   . HIS B 1 52 ? 11.615  7.864   4.143   1.00 48.72  ? 91   HIS B C   1 
ATOM   1061 O O   . HIS B 1 52 ? 11.456  8.899   3.478   1.00 49.76  ? 91   HIS B O   1 
ATOM   1062 C CB  . HIS B 1 52 ? 11.892  6.285   2.274   1.00 48.96  ? 91   HIS B CB  1 
ATOM   1063 C CG  . HIS B 1 52 ? 12.762  5.333   1.520   1.00 50.72  ? 91   HIS B CG  1 
ATOM   1064 N ND1 . HIS B 1 52 ? 12.929  4.019   1.899   1.00 50.32  ? 91   HIS B ND1 1 
ATOM   1065 C CD2 . HIS B 1 52 ? 13.526  5.507   0.417   1.00 50.19  ? 91   HIS B CD2 1 
ATOM   1066 C CE1 . HIS B 1 52 ? 13.757  3.423   1.061   1.00 51.56  ? 91   HIS B CE1 1 
ATOM   1067 N NE2 . HIS B 1 52 ? 14.134  4.305   0.153   1.00 51.99  ? 91   HIS B NE2 1 
ATOM   1068 N N   . LEU B 1 53 ? 11.044  7.684   5.325   1.00 50.13  ? 92   LEU B N   1 
ATOM   1069 C CA  . LEU B 1 53 ? 10.179  8.716   5.863   1.00 50.58  ? 92   LEU B CA  1 
ATOM   1070 C C   . LEU B 1 53 ? 10.758  9.502   7.029   1.00 52.93  ? 92   LEU B C   1 
ATOM   1071 O O   . LEU B 1 53 ? 10.323  10.620  7.297   1.00 54.34  ? 92   LEU B O   1 
ATOM   1072 C CB  . LEU B 1 53 ? 8.831   8.101   6.238   1.00 32.62  ? 92   LEU B CB  1 
ATOM   1073 C CG  . LEU B 1 53 ? 8.027   7.645   5.021   1.00 30.64  ? 92   LEU B CG  1 
ATOM   1074 C CD1 . LEU B 1 53 ? 6.730   6.982   5.443   1.00 27.79  ? 92   LEU B CD1 1 
ATOM   1075 C CD2 . LEU B 1 53 ? 7.762   8.848   4.141   1.00 30.03  ? 92   LEU B CD2 1 
ATOM   1076 N N   . GLN B 1 54 ? 11.740  8.939   7.725   1.00 60.92  ? 93   GLN B N   1 
ATOM   1077 C CA  . GLN B 1 54 ? 12.332  9.656   8.847   1.00 63.95  ? 93   GLN B CA  1 
ATOM   1078 C C   . GLN B 1 54 ? 12.870  10.990  8.358   1.00 65.37  ? 93   GLN B C   1 
ATOM   1079 O O   . GLN B 1 54 ? 12.923  11.967  9.103   1.00 66.21  ? 93   GLN B O   1 
ATOM   1080 C CB  . GLN B 1 54 ? 13.471  8.851   9.475   1.00 58.57  ? 93   GLN B CB  1 
ATOM   1081 C CG  . GLN B 1 54 ? 13.036  7.543   10.106  1.00 62.14  ? 93   GLN B CG  1 
ATOM   1082 C CD  . GLN B 1 54 ? 14.131  6.920   10.938  1.00 64.44  ? 93   GLN B CD  1 
ATOM   1083 O OE1 . GLN B 1 54 ? 13.980  5.821   11.468  1.00 64.81  ? 93   GLN B OE1 1 
ATOM   1084 N NE2 . GLN B 1 54 ? 15.247  7.628   11.063  1.00 66.90  ? 93   GLN B NE2 1 
ATOM   1085 N N   . ARG B 1 55 ? 13.255  11.022  7.090   1.00 59.64  ? 94   ARG B N   1 
ATOM   1086 C CA  . ARG B 1 55 ? 13.797  12.223  6.483   1.00 60.74  ? 94   ARG B CA  1 
ATOM   1087 C C   . ARG B 1 55 ? 12.728  13.250  6.099   1.00 60.52  ? 94   ARG B C   1 
ATOM   1088 O O   . ARG B 1 55 ? 13.038  14.421  5.910   1.00 60.83  ? 94   ARG B O   1 
ATOM   1089 C CB  . ARG B 1 55 ? 14.621  11.844  5.251   1.00 78.34  ? 94   ARG B CB  1 
ATOM   1090 C CG  . ARG B 1 55 ? 15.175  13.027  4.497   1.00 80.74  ? 94   ARG B CG  1 
ATOM   1091 C CD  . ARG B 1 55 ? 16.026  12.592  3.322   1.00 83.18  ? 94   ARG B CD  1 
ATOM   1092 N NE  . ARG B 1 55 ? 16.427  13.741  2.519   1.00 85.01  ? 94   ARG B NE  1 
ATOM   1093 C CZ  . ARG B 1 55 ? 15.576  14.514  1.852   1.00 86.24  ? 94   ARG B CZ  1 
ATOM   1094 N NH1 . ARG B 1 55 ? 14.274  14.258  1.888   1.00 86.67  ? 94   ARG B NH1 1 
ATOM   1095 N NH2 . ARG B 1 55 ? 16.023  15.551  1.161   1.00 86.81  ? 94   ARG B NH2 1 
ATOM   1096 N N   . HIS B 1 56 ? 11.475  12.819  5.983   1.00 56.73  ? 95   HIS B N   1 
ATOM   1097 C CA  . HIS B 1 56 ? 10.401  13.745  5.623   1.00 54.76  ? 95   HIS B CA  1 
ATOM   1098 C C   . HIS B 1 56 ? 9.479   14.109  6.786   1.00 54.77  ? 95   HIS B C   1 
ATOM   1099 O O   . HIS B 1 56 ? 8.351   14.563  6.572   1.00 54.99  ? 95   HIS B O   1 
ATOM   1100 C CB  . HIS B 1 56 ? 9.561   13.180  4.481   1.00 55.87  ? 95   HIS B CB  1 
ATOM   1101 C CG  . HIS B 1 56 ? 10.325  12.990  3.212   1.00 56.63  ? 95   HIS B CG  1 
ATOM   1102 N ND1 . HIS B 1 56 ? 11.204  11.945  3.021   1.00 55.28  ? 95   HIS B ND1 1 
ATOM   1103 C CD2 . HIS B 1 56 ? 10.358  13.724  2.075   1.00 55.93  ? 95   HIS B CD2 1 
ATOM   1104 C CE1 . HIS B 1 56 ? 11.744  12.045  1.821   1.00 55.22  ? 95   HIS B CE1 1 
ATOM   1105 N NE2 . HIS B 1 56 ? 11.248  13.114  1.226   1.00 54.88  ? 95   HIS B NE2 1 
ATOM   1106 N N   . GLY B 1 57 ? 9.953   13.903  8.011   1.00 58.86  ? 96   GLY B N   1 
ATOM   1107 C CA  . GLY B 1 57 ? 9.147   14.255  9.166   1.00 60.31  ? 96   GLY B CA  1 
ATOM   1108 C C   . GLY B 1 57 ? 8.407   13.121  9.846   1.00 60.76  ? 96   GLY B C   1 
ATOM   1109 O O   . GLY B 1 57 ? 7.597   13.355  10.743  1.00 60.65  ? 96   GLY B O   1 
ATOM   1110 N N   . ALA B 1 58 ? 8.672   11.893  9.421   1.00 74.16  ? 97   ALA B N   1 
ATOM   1111 C CA  . ALA B 1 58 ? 8.025   10.742  10.022  1.00 72.08  ? 97   ALA B CA  1 
ATOM   1112 C C   . ALA B 1 58 ? 8.966   10.146  11.051  1.00 71.64  ? 97   ALA B C   1 
ATOM   1113 O O   . ALA B 1 58 ? 10.068  9.715   10.716  1.00 72.69  ? 97   ALA B O   1 
ATOM   1114 C CB  . ALA B 1 58 ? 7.690   9.712   8.958   1.00 61.86  ? 97   ALA B CB  1 
ATOM   1115 N N   . SER B 1 59 ? 8.538   10.128  12.307  1.00 60.94  ? 98   SER B N   1 
ATOM   1116 C CA  . SER B 1 59 ? 9.364   9.566   13.367  1.00 58.15  ? 98   SER B CA  1 
ATOM   1117 C C   . SER B 1 59 ? 9.157   8.055   13.430  1.00 57.81  ? 98   SER B C   1 
ATOM   1118 O O   . SER B 1 59 ? 8.141   7.546   12.959  1.00 59.53  ? 98   SER B O   1 
ATOM   1119 C CB  . SER B 1 59 ? 9.000   10.199  14.712  1.00 47.50  ? 98   SER B CB  1 
ATOM   1120 O OG  . SER B 1 59 ? 7.659   9.902   15.056  1.00 44.02  ? 98   SER B OG  1 
ATOM   1121 N N   . LYS B 1 60 ? 10.124  7.343   14.002  1.00 48.38  ? 99   LYS B N   1 
ATOM   1122 C CA  . LYS B 1 60 ? 10.035  5.890   14.125  1.00 49.76  ? 99   LYS B CA  1 
ATOM   1123 C C   . LYS B 1 60 ? 8.770   5.498   14.874  1.00 49.46  ? 99   LYS B C   1 
ATOM   1124 O O   . LYS B 1 60 ? 8.129   4.489   14.559  1.00 51.46  ? 99   LYS B O   1 
ATOM   1125 C CB  . LYS B 1 60 ? 11.237  5.331   14.892  1.00 61.22  ? 99   LYS B CB  1 
ATOM   1126 C CG  . LYS B 1 60 ? 12.442  4.949   14.049  1.00 63.66  ? 99   LYS B CG  1 
ATOM   1127 C CD  . LYS B 1 60 ? 13.548  4.404   14.949  1.00 68.27  ? 99   LYS B CD  1 
ATOM   1128 C CE  . LYS B 1 60 ? 14.764  3.922   14.167  1.00 69.78  ? 99   LYS B CE  1 
ATOM   1129 N NZ  . LYS B 1 60 ? 14.522  2.642   13.437  1.00 72.63  ? 99   LYS B NZ  1 
ATOM   1130 N N   . LYS B 1 61 ? 8.418   6.307   15.869  1.00 54.71  ? 100  LYS B N   1 
ATOM   1131 C CA  . LYS B 1 61 ? 7.252   6.049   16.698  1.00 51.93  ? 100  LYS B CA  1 
ATOM   1132 C C   . LYS B 1 61 ? 5.942   6.179   15.938  1.00 49.09  ? 100  LYS B C   1 
ATOM   1133 O O   . LYS B 1 61 ? 5.008   5.420   16.185  1.00 50.06  ? 100  LYS B O   1 
ATOM   1134 C CB  . LYS B 1 61 ? 7.247   6.986   17.911  1.00 70.17  ? 100  LYS B CB  1 
ATOM   1135 C CG  . LYS B 1 61 ? 8.345   6.701   18.940  1.00 73.67  ? 100  LYS B CG  1 
ATOM   1136 C CD  . LYS B 1 61 ? 9.751   6.729   18.320  1.00 75.28  ? 100  LYS B CD  1 
ATOM   1137 C CE  . LYS B 1 61 ? 10.063  8.079   17.673  1.00 73.56  ? 100  LYS B CE  1 
ATOM   1138 N NZ  . LYS B 1 61 ? 11.329  8.063   16.890  1.00 73.49  ? 100  LYS B NZ  1 
ATOM   1139 N N   . SER B 1 62 ? 5.868   7.140   15.022  1.00 44.33  ? 101  SER B N   1 
ATOM   1140 C CA  . SER B 1 62 ? 4.644   7.336   14.258  1.00 43.56  ? 101  SER B CA  1 
ATOM   1141 C C   . SER B 1 62 ? 4.422   6.158   13.315  1.00 42.70  ? 101  SER B C   1 
ATOM   1142 O O   . SER B 1 62 ? 3.293   5.720   13.100  1.00 41.39  ? 101  SER B O   1 
ATOM   1143 C CB  . SER B 1 62 ? 4.717   8.641   13.459  1.00 48.49  ? 101  SER B CB  1 
ATOM   1144 O OG  . SER B 1 62 ? 5.835   8.652   12.587  1.00 52.08  ? 101  SER B OG  1 
ATOM   1145 N N   . ILE B 1 63 ? 5.509   5.646   12.752  1.00 36.45  ? 102  ILE B N   1 
ATOM   1146 C CA  . ILE B 1 63 ? 5.430   4.520   11.846  1.00 33.84  ? 102  ILE B CA  1 
ATOM   1147 C C   . ILE B 1 63 ? 5.016   3.281   12.628  1.00 33.79  ? 102  ILE B C   1 
ATOM   1148 O O   . ILE B 1 63 ? 4.128   2.529   12.211  1.00 33.01  ? 102  ILE B O   1 
ATOM   1149 C CB  . ILE B 1 63 ? 6.795   4.297   11.163  1.00 40.82  ? 102  ILE B CB  1 
ATOM   1150 C CG1 . ILE B 1 63 ? 7.156   5.551   10.354  1.00 38.94  ? 102  ILE B CG1 1 
ATOM   1151 C CG2 . ILE B 1 63 ? 6.752   3.059   10.268  1.00 41.54  ? 102  ILE B CG2 1 
ATOM   1152 C CD1 . ILE B 1 63 ? 8.512   5.488   9.673   1.00 56.62  ? 102  ILE B CD1 1 
ATOM   1153 N N   . THR B 1 64 ? 5.652   3.085   13.777  1.00 42.91  ? 103  THR B N   1 
ATOM   1154 C CA  . THR B 1 64 ? 5.362   1.946   14.638  1.00 44.98  ? 103  THR B CA  1 
ATOM   1155 C C   . THR B 1 64 ? 3.910   1.953   15.087  1.00 46.29  ? 103  THR B C   1 
ATOM   1156 O O   . THR B 1 64 ? 3.229   0.924   15.065  1.00 45.47  ? 103  THR B O   1 
ATOM   1157 C CB  . THR B 1 64 ? 6.247   1.974   15.892  1.00 44.47  ? 103  THR B CB  1 
ATOM   1158 O OG1 . THR B 1 64 ? 7.602   1.712   15.516  1.00 47.91  ? 103  THR B OG1 1 
ATOM   1159 C CG2 . THR B 1 64 ? 5.777   0.939   16.910  1.00 44.57  ? 103  THR B CG2 1 
ATOM   1160 N N   . ARG B 1 65 ? 3.443   3.119   15.505  1.00 42.47  ? 104  ARG B N   1 
ATOM   1161 C CA  . ARG B 1 65 ? 2.068   3.247   15.964  1.00 45.25  ? 104  ARG B CA  1 
ATOM   1162 C C   . ARG B 1 65 ? 1.126   2.788   14.855  1.00 43.24  ? 104  ARG B C   1 
ATOM   1163 O O   . ARG B 1 65 ? 0.180   2.029   15.090  1.00 43.31  ? 104  ARG B O   1 
ATOM   1164 C CB  . ARG B 1 65 ? 1.769   4.706   16.312  1.00 65.83  ? 104  ARG B CB  1 
ATOM   1165 C CG  . ARG B 1 65 ? 0.666   4.878   17.325  1.00 70.58  ? 104  ARG B CG  1 
ATOM   1166 C CD  . ARG B 1 65 ? 1.222   5.472   18.612  1.00 73.19  ? 104  ARG B CD  1 
ATOM   1167 N NE  . ARG B 1 65 ? 0.985   6.910   18.694  1.00 75.38  ? 104  ARG B NE  1 
ATOM   1168 C CZ  . ARG B 1 65 ? 1.449   7.692   19.660  1.00 74.03  ? 104  ARG B CZ  1 
ATOM   1169 N NH1 . ARG B 1 65 ? 2.186   7.183   20.635  1.00 73.94  ? 104  ARG B NH1 1 
ATOM   1170 N NH2 . ARG B 1 65 ? 1.155   8.982   19.660  1.00 76.14  ? 104  ARG B NH2 1 
ATOM   1171 N N   . ALA B 1 66 ? 1.402   3.249   13.642  1.00 38.60  ? 105  ALA B N   1 
ATOM   1172 C CA  . ALA B 1 66 ? 0.569   2.919   12.505  1.00 37.64  ? 105  ALA B CA  1 
ATOM   1173 C C   . ALA B 1 66 ? 0.605   1.443   12.181  1.00 38.01  ? 105  ALA B C   1 
ATOM   1174 O O   . ALA B 1 66 ? -0.438  0.818   11.974  1.00 36.09  ? 105  ALA B O   1 
ATOM   1175 C CB  . ALA B 1 66 ? 1.004   3.732   11.295  1.00 32.01  ? 105  ALA B CB  1 
ATOM   1176 N N   . PHE B 1 67 ? 1.808   0.881   12.154  1.00 44.12  ? 106  PHE B N   1 
ATOM   1177 C CA  . PHE B 1 67 ? 1.962   -0.528  11.826  1.00 44.66  ? 106  PHE B CA  1 
ATOM   1178 C C   . PHE B 1 67 ? 1.614   -1.524  12.921  1.00 45.65  ? 106  PHE B C   1 
ATOM   1179 O O   . PHE B 1 67 ? 1.238   -2.654  12.621  1.00 47.37  ? 106  PHE B O   1 
ATOM   1180 C CB  . PHE B 1 67 ? 3.384   -0.807  11.328  1.00 42.26  ? 106  PHE B CB  1 
ATOM   1181 C CG  . PHE B 1 67 ? 3.585   -0.503  9.869   1.00 40.06  ? 106  PHE B CG  1 
ATOM   1182 C CD1 . PHE B 1 67 ? 4.066   0.732   9.459   1.00 39.75  ? 106  PHE B CD1 1 
ATOM   1183 C CD2 . PHE B 1 67 ? 3.275   -1.461  8.900   1.00 41.75  ? 106  PHE B CD2 1 
ATOM   1184 C CE1 . PHE B 1 67 ? 4.238   1.012   8.110   1.00 40.06  ? 106  PHE B CE1 1 
ATOM   1185 C CE2 . PHE B 1 67 ? 3.443   -1.192  7.549   1.00 39.14  ? 106  PHE B CE2 1 
ATOM   1186 C CZ  . PHE B 1 67 ? 3.924   0.043   7.149   1.00 39.50  ? 106  PHE B CZ  1 
ATOM   1187 N N   . ASP B 1 68 ? 1.732   -1.119  14.181  1.00 43.49  ? 107  ASP B N   1 
ATOM   1188 C CA  . ASP B 1 68 ? 1.445   -2.030  15.293  1.00 45.08  ? 107  ASP B CA  1 
ATOM   1189 C C   . ASP B 1 68 ? 0.175   -1.726  16.075  1.00 46.13  ? 107  ASP B C   1 
ATOM   1190 O O   . ASP B 1 68 ? -0.487  -2.638  16.569  1.00 45.55  ? 107  ASP B O   1 
ATOM   1191 C CB  . ASP B 1 68 ? 2.607   -2.050  16.295  1.00 56.48  ? 107  ASP B CB  1 
ATOM   1192 C CG  . ASP B 1 68 ? 3.901   -2.561  15.692  1.00 59.43  ? 107  ASP B CG  1 
ATOM   1193 O OD1 . ASP B 1 68 ? 3.843   -3.368  14.739  1.00 63.51  ? 107  ASP B OD1 1 
ATOM   1194 O OD2 . ASP B 1 68 ? 4.981   -2.166  16.186  1.00 59.87  ? 107  ASP B OD2 1 
ATOM   1195 N N   . ASP B 1 69 ? -0.174  -0.450  16.183  1.00 57.53  ? 108  ASP B N   1 
ATOM   1196 C CA  . ASP B 1 69 ? -1.334  -0.070  16.970  1.00 58.79  ? 108  ASP B CA  1 
ATOM   1197 C C   . ASP B 1 69 ? -2.570  0.355   16.208  1.00 58.58  ? 108  ASP B C   1 
ATOM   1198 O O   . ASP B 1 69 ? -3.670  0.325   16.751  1.00 60.36  ? 108  ASP B O   1 
ATOM   1199 C CB  . ASP B 1 69 ? -0.916  1.025   17.945  1.00 64.13  ? 108  ASP B CB  1 
ATOM   1200 C CG  . ASP B 1 69 ? 0.235   0.592   18.828  1.00 66.00  ? 108  ASP B CG  1 
ATOM   1201 O OD1 . ASP B 1 69 ? 0.969   1.461   19.338  1.00 67.88  ? 108  ASP B OD1 1 
ATOM   1202 O OD2 . ASP B 1 69 ? 0.401   -0.632  19.011  1.00 68.80  ? 108  ASP B OD2 1 
ATOM   1203 N N   . ASP B 1 70 ? -2.404  0.741   14.952  1.00 50.12  ? 109  ASP B N   1 
ATOM   1204 C CA  . ASP B 1 70 ? -3.542  1.175   14.163  1.00 48.58  ? 109  ASP B CA  1 
ATOM   1205 C C   . ASP B 1 70 ? -4.181  0.009   13.402  1.00 48.87  ? 109  ASP B C   1 
ATOM   1206 O O   . ASP B 1 70 ? -3.678  -0.446  12.367  1.00 47.41  ? 109  ASP B O   1 
ATOM   1207 C CB  . ASP B 1 70 ? -3.102  2.280   13.213  1.00 42.54  ? 109  ASP B CB  1 
ATOM   1208 C CG  . ASP B 1 70 ? -4.263  2.965   12.545  1.00 43.56  ? 109  ASP B CG  1 
ATOM   1209 O OD1 . ASP B 1 70 ? -4.180  4.198   12.354  1.00 45.38  ? 109  ASP B OD1 1 
ATOM   1210 O OD2 . ASP B 1 70 ? -5.253  2.279   12.200  1.00 41.58  ? 109  ASP B OD2 1 
ATOM   1211 N N   . VAL B 1 71 ? -5.303  -0.465  13.929  1.00 47.46  ? 110  VAL B N   1 
ATOM   1212 C CA  . VAL B 1 71 ? -6.025  -1.586  13.353  1.00 47.32  ? 110  VAL B CA  1 
ATOM   1213 C C   . VAL B 1 71 ? -6.476  -1.362  11.921  1.00 47.05  ? 110  VAL B C   1 
ATOM   1214 O O   . VAL B 1 71 ? -6.281  -2.229  11.065  1.00 45.30  ? 110  VAL B O   1 
ATOM   1215 C CB  . VAL B 1 71 ? -7.260  -1.932  14.197  1.00 52.62  ? 110  VAL B CB  1 
ATOM   1216 C CG1 . VAL B 1 71 ? -7.942  -3.174  13.637  1.00 52.44  ? 110  VAL B CG1 1 
ATOM   1217 C CG2 . VAL B 1 71 ? -6.847  -2.151  15.644  1.00 51.88  ? 110  VAL B CG2 1 
ATOM   1218 N N   . GLU B 1 72 ? -7.090  -0.213  11.648  1.00 45.52  ? 111  GLU B N   1 
ATOM   1219 C CA  . GLU B 1 72 ? -7.552  0.052   10.291  1.00 46.41  ? 111  GLU B CA  1 
ATOM   1220 C C   . GLU B 1 72 ? -6.363  0.079   9.339   1.00 44.01  ? 111  GLU B C   1 
ATOM   1221 O O   . GLU B 1 72 ? -6.394  -0.542  8.278   1.00 42.25  ? 111  GLU B O   1 
ATOM   1222 C CB  . GLU B 1 72 ? -8.300  1.385   10.203  1.00 63.99  ? 111  GLU B CB  1 
ATOM   1223 C CG  . GLU B 1 72 ? -8.832  1.650   8.800   1.00 71.19  ? 111  GLU B CG  1 
ATOM   1224 C CD  . GLU B 1 72 ? -9.569  2.965   8.667   1.00 76.24  ? 111  GLU B CD  1 
ATOM   1225 O OE1 . GLU B 1 72 ? -9.965  3.301   7.529   1.00 79.03  ? 111  GLU B OE1 1 
ATOM   1226 O OE2 . GLU B 1 72 ? -9.755  3.658   9.691   1.00 79.77  ? 111  GLU B OE2 1 
ATOM   1227 N N   . PHE B 1 73 ? -5.321  0.810   9.724   1.00 44.05  ? 112  PHE B N   1 
ATOM   1228 C CA  . PHE B 1 73 ? -4.115  0.904   8.909   1.00 43.15  ? 112  PHE B CA  1 
ATOM   1229 C C   . PHE B 1 73 ? -3.668  -0.494  8.486   1.00 42.79  ? 112  PHE B C   1 
ATOM   1230 O O   . PHE B 1 73 ? -3.465  -0.755  7.304   1.00 41.59  ? 112  PHE B O   1 
ATOM   1231 C CB  . PHE B 1 73 ? -2.988  1.568   9.699   1.00 49.36  ? 112  PHE B CB  1 
ATOM   1232 C CG  . PHE B 1 73 ? -1.736  1.765   8.907   1.00 50.90  ? 112  PHE B CG  1 
ATOM   1233 C CD1 . PHE B 1 73 ? -1.552  2.915   8.146   1.00 50.54  ? 112  PHE B CD1 1 
ATOM   1234 C CD2 . PHE B 1 73 ? -0.732  0.798   8.920   1.00 49.17  ? 112  PHE B CD2 1 
ATOM   1235 C CE1 . PHE B 1 73 ? -0.379  3.103   7.407   1.00 51.01  ? 112  PHE B CE1 1 
ATOM   1236 C CE2 . PHE B 1 73 ? 0.449   0.973   8.184   1.00 47.94  ? 112  PHE B CE2 1 
ATOM   1237 C CZ  . PHE B 1 73 ? 0.628   2.125   7.429   1.00 47.92  ? 112  PHE B CZ  1 
ATOM   1238 N N   . GLN B 1 74 ? -3.532  -1.393  9.457   1.00 38.65  ? 113  GLN B N   1 
ATOM   1239 C CA  . GLN B 1 74 ? -3.101  -2.759  9.173   1.00 41.93  ? 113  GLN B CA  1 
ATOM   1240 C C   . GLN B 1 74 ? -4.020  -3.474  8.196   1.00 43.18  ? 113  GLN B C   1 
ATOM   1241 O O   . GLN B 1 74 ? -3.558  -4.159  7.282   1.00 42.67  ? 113  GLN B O   1 
ATOM   1242 C CB  . GLN B 1 74 ? -3.016  -3.576  10.461  1.00 53.73  ? 113  GLN B CB  1 
ATOM   1243 C CG  . GLN B 1 74 ? -2.166  -2.942  11.545  1.00 60.22  ? 113  GLN B CG  1 
ATOM   1244 C CD  . GLN B 1 74 ? -2.012  -3.839  12.756  1.00 62.96  ? 113  GLN B CD  1 
ATOM   1245 O OE1 . GLN B 1 74 ? -2.939  -4.561  13.127  1.00 65.26  ? 113  GLN B OE1 1 
ATOM   1246 N NE2 . GLN B 1 74 ? -0.845  -3.788  13.391  1.00 64.95  ? 113  GLN B NE2 1 
ATOM   1247 N N   . GLU B 1 75 ? -5.323  -3.316  8.389   1.00 50.16  ? 114  GLU B N   1 
ATOM   1248 C CA  . GLU B 1 75 ? -6.297  -3.965  7.525   1.00 51.33  ? 114  GLU B CA  1 
ATOM   1249 C C   . GLU B 1 75 ? -6.289  -3.410  6.111   1.00 50.58  ? 114  GLU B C   1 
ATOM   1250 O O   . GLU B 1 75 ? -6.347  -4.174  5.151   1.00 50.72  ? 114  GLU B O   1 
ATOM   1251 C CB  . GLU B 1 75 ? -7.693  -3.870  8.147   1.00 70.58  ? 114  GLU B CB  1 
ATOM   1252 C CG  . GLU B 1 75 ? -7.792  -4.710  9.411   1.00 75.88  ? 114  GLU B CG  1 
ATOM   1253 C CD  . GLU B 1 75 ? -9.131  -4.619  10.118  1.00 77.90  ? 114  GLU B CD  1 
ATOM   1254 O OE1 . GLU B 1 75 ? -9.321  -5.379  11.091  1.00 75.51  ? 114  GLU B OE1 1 
ATOM   1255 O OE2 . GLU B 1 75 ? -9.984  -3.798  9.715   1.00 81.03  ? 114  GLU B OE2 1 
ATOM   1256 N N   . ARG B 1 76 ? -6.207  -2.092  5.967   1.00 40.77  ? 115  ARG B N   1 
ATOM   1257 C CA  . ARG B 1 76 ? -6.181  -1.521  4.629   1.00 42.44  ? 115  ARG B CA  1 
ATOM   1258 C C   . ARG B 1 76 ? -4.843  -1.860  3.952   1.00 40.40  ? 115  ARG B C   1 
ATOM   1259 O O   . ARG B 1 76 ? -4.741  -1.917  2.724   1.00 39.04  ? 115  ARG B O   1 
ATOM   1260 C CB  . ARG B 1 76 ? -6.401  -0.010  4.693   1.00 62.08  ? 115  ARG B CB  1 
ATOM   1261 C CG  . ARG B 1 76 ? -7.792  0.367   5.182   1.00 66.56  ? 115  ARG B CG  1 
ATOM   1262 C CD  . ARG B 1 76 ? -8.104  1.809   4.863   1.00 70.11  ? 115  ARG B CD  1 
ATOM   1263 N NE  . ARG B 1 76 ? -7.966  2.075   3.432   1.00 72.49  ? 115  ARG B NE  1 
ATOM   1264 C CZ  . ARG B 1 76 ? -8.151  3.264   2.868   1.00 74.31  ? 115  ARG B CZ  1 
ATOM   1265 N NH1 . ARG B 1 76 ? -8.490  4.311   3.611   1.00 74.07  ? 115  ARG B NH1 1 
ATOM   1266 N NH2 . ARG B 1 76 ? -7.988  3.409   1.558   1.00 73.60  ? 115  ARG B NH2 1 
ATOM   1267 N N   . MET B 1 77 ? -3.832  -2.098  4.781   1.00 47.16  ? 116  MET B N   1 
ATOM   1268 C CA  . MET B 1 77 ? -2.492  -2.459  4.338   1.00 45.87  ? 116  MET B CA  1 
ATOM   1269 C C   . MET B 1 77 ? -2.609  -3.872  3.755   1.00 44.73  ? 116  MET B C   1 
ATOM   1270 O O   . MET B 1 77 ? -2.135  -4.151  2.650   1.00 45.22  ? 116  MET B O   1 
ATOM   1271 C CB  . MET B 1 77 ? -1.554  -2.438  5.551   1.00 44.07  ? 116  MET B CB  1 
ATOM   1272 C CG  . MET B 1 77 ? -0.082  -2.262  5.268   1.00 47.96  ? 116  MET B CG  1 
ATOM   1273 S SD  . MET B 1 77 ? 0.382   -0.741  4.391   1.00 45.26  ? 116  MET B SD  1 
ATOM   1274 C CE  . MET B 1 77 ? 1.447   -1.465  3.220   1.00 42.86  ? 116  MET B CE  1 
ATOM   1275 N N   . ALA B 1 78 ? -3.272  -4.756  4.495   1.00 41.87  ? 117  ALA B N   1 
ATOM   1276 C CA  . ALA B 1 78 ? -3.467  -6.129  4.042   1.00 40.95  ? 117  ALA B CA  1 
ATOM   1277 C C   . ALA B 1 78 ? -4.333  -6.159  2.786   1.00 39.88  ? 117  ALA B C   1 
ATOM   1278 O O   . ALA B 1 78 ? -4.134  -7.000  1.907   1.00 39.42  ? 117  ALA B O   1 
ATOM   1279 C CB  . ALA B 1 78 ? -4.115  -6.955  5.135   1.00 28.82  ? 117  ALA B CB  1 
ATOM   1280 N N   . GLU B 1 79 ? -5.293  -5.242  2.702   1.00 40.95  ? 118  GLU B N   1 
ATOM   1281 C CA  . GLU B 1 79 ? -6.176  -5.171  1.538   1.00 43.49  ? 118  GLU B CA  1 
ATOM   1282 C C   . GLU B 1 79 ? -5.389  -4.789  0.296   1.00 41.24  ? 118  GLU B C   1 
ATOM   1283 O O   . GLU B 1 79 ? -5.462  -5.469  -0.730  1.00 41.19  ? 118  GLU B O   1 
ATOM   1284 C CB  . GLU B 1 79 ? -7.282  -4.135  1.747   1.00 78.82  ? 118  GLU B CB  1 
ATOM   1285 C CG  . GLU B 1 79 ? -8.507  -4.633  2.491   1.00 87.10  ? 118  GLU B CG  1 
ATOM   1286 C CD  . GLU B 1 79 ? -9.525  -3.526  2.720   1.00 91.61  ? 118  GLU B CD  1 
ATOM   1287 O OE1 . GLU B 1 79 ? -9.873  -2.819  1.746   1.00 92.01  ? 118  GLU B OE1 1 
ATOM   1288 O OE2 . GLU B 1 79 ? -9.977  -3.365  3.874   1.00 92.53  ? 118  GLU B OE2 1 
ATOM   1289 N N   . HIS B 1 80 ? -4.625  -3.705  0.383   1.00 35.57  ? 119  HIS B N   1 
ATOM   1290 C CA  . HIS B 1 80 ? -3.861  -3.285  -0.783  1.00 35.09  ? 119  HIS B CA  1 
ATOM   1291 C C   . HIS B 1 80 ? -2.858  -4.342  -1.225  1.00 32.65  ? 119  HIS B C   1 
ATOM   1292 O O   . HIS B 1 80 ? -2.700  -4.601  -2.412  1.00 33.01  ? 119  HIS B O   1 
ATOM   1293 C CB  . HIS B 1 80 ? -3.145  -1.968  -0.540  1.00 43.22  ? 119  HIS B CB  1 
ATOM   1294 C CG  . HIS B 1 80 ? -2.511  -1.425  -1.777  1.00 44.86  ? 119  HIS B CG  1 
ATOM   1295 N ND1 . HIS B 1 80 ? -3.250  -1.048  -2.878  1.00 45.33  ? 119  HIS B ND1 1 
ATOM   1296 C CD2 . HIS B 1 80 ? -1.211  -1.279  -2.128  1.00 41.95  ? 119  HIS B CD2 1 
ATOM   1297 C CE1 . HIS B 1 80 ? -2.434  -0.697  -3.856  1.00 44.93  ? 119  HIS B CE1 1 
ATOM   1298 N NE2 . HIS B 1 80 ? -1.192  -0.828  -3.428  1.00 44.15  ? 119  HIS B NE2 1 
ATOM   1299 N N   . ILE B 1 81 ? -2.190  -4.963  -0.265  1.00 39.13  ? 120  ILE B N   1 
ATOM   1300 C CA  . ILE B 1 81 ? -1.225  -6.007  -0.577  1.00 38.66  ? 120  ILE B CA  1 
ATOM   1301 C C   . ILE B 1 81 ? -1.917  -7.137  -1.347  1.00 39.29  ? 120  ILE B C   1 
ATOM   1302 O O   . ILE B 1 81 ? -1.377  -7.663  -2.320  1.00 38.55  ? 120  ILE B O   1 
ATOM   1303 C CB  . ILE B 1 81 ? -0.588  -6.553  0.721   1.00 32.74  ? 120  ILE B CB  1 
ATOM   1304 C CG1 . ILE B 1 81 ? 0.275   -5.456  1.366   1.00 36.19  ? 120  ILE B CG1 1 
ATOM   1305 C CG2 . ILE B 1 81 ? 0.228   -7.788  0.430   1.00 31.78  ? 120  ILE B CG2 1 
ATOM   1306 C CD1 . ILE B 1 81 ? 0.820   -5.804  2.747   1.00 52.24  ? 120  ILE B CD1 1 
ATOM   1307 N N   . ARG B 1 82 ? -3.118  -7.502  -0.915  1.00 37.31  ? 121  ARG B N   1 
ATOM   1308 C CA  . ARG B 1 82 ? -3.866  -8.564  -1.580  1.00 38.48  ? 121  ARG B CA  1 
ATOM   1309 C C   . ARG B 1 82 ? -4.158  -8.141  -3.019  1.00 38.05  ? 121  ARG B C   1 
ATOM   1310 O O   . ARG B 1 82 ? -3.953  -8.913  -3.961  1.00 39.73  ? 121  ARG B O   1 
ATOM   1311 C CB  . ARG B 1 82 ? -5.181  -8.847  -0.835  1.00 41.93  ? 121  ARG B CB  1 
ATOM   1312 C CG  . ARG B 1 82 ? -5.979  -10.008 -1.426  1.00 43.64  ? 121  ARG B CG  1 
ATOM   1313 C CD  . ARG B 1 82 ? -5.209  -11.324 -1.340  1.00 42.54  ? 121  ARG B CD  1 
ATOM   1314 N NE  . ARG B 1 82 ? -5.766  -12.304 -2.264  1.00 47.54  ? 121  ARG B NE  1 
ATOM   1315 C CZ  . ARG B 1 82 ? -5.458  -13.599 -2.272  1.00 50.76  ? 121  ARG B CZ  1 
ATOM   1316 N NH1 . ARG B 1 82 ? -4.586  -14.088 -1.392  1.00 50.61  ? 121  ARG B NH1 1 
ATOM   1317 N NH2 . ARG B 1 82 ? -6.020  -14.406 -3.168  1.00 50.32  ? 121  ARG B NH2 1 
ATOM   1318 N N   . TYR B 1 83 ? -4.626  -6.909  -3.188  1.00 35.39  ? 122  TYR B N   1 
ATOM   1319 C CA  . TYR B 1 83 ? -4.920  -6.411  -4.518  1.00 36.08  ? 122  TYR B CA  1 
ATOM   1320 C C   . TYR B 1 83 ? -3.666  -6.452  -5.387  1.00 38.33  ? 122  TYR B C   1 
ATOM   1321 O O   . TYR B 1 83 ? -3.730  -6.825  -6.564  1.00 41.03  ? 122  TYR B O   1 
ATOM   1322 C CB  . TYR B 1 83 ? -5.446  -4.981  -4.455  1.00 45.03  ? 122  TYR B CB  1 
ATOM   1323 C CG  . TYR B 1 83 ? -5.387  -4.294  -5.793  1.00 50.11  ? 122  TYR B CG  1 
ATOM   1324 C CD1 . TYR B 1 83 ? -6.277  -4.631  -6.816  1.00 52.86  ? 122  TYR B CD1 1 
ATOM   1325 C CD2 . TYR B 1 83 ? -4.403  -3.351  -6.062  1.00 49.87  ? 122  TYR B CD2 1 
ATOM   1326 C CE1 . TYR B 1 83 ? -6.181  -4.036  -8.085  1.00 53.19  ? 122  TYR B CE1 1 
ATOM   1327 C CE2 . TYR B 1 83 ? -4.295  -2.754  -7.319  1.00 50.10  ? 122  TYR B CE2 1 
ATOM   1328 C CZ  . TYR B 1 83 ? -5.184  -3.099  -8.327  1.00 52.80  ? 122  TYR B CZ  1 
ATOM   1329 O OH  . TYR B 1 83 ? -5.065  -2.512  -9.568  1.00 56.11  ? 122  TYR B OH  1 
ATOM   1330 N N   . MET B 1 84 ? -2.530  -6.070  -4.809  1.00 43.48  ? 123  MET B N   1 
ATOM   1331 C CA  . MET B 1 84 ? -1.271  -6.070  -5.547  1.00 41.90  ? 123  MET B CA  1 
ATOM   1332 C C   . MET B 1 84 ? -0.919  -7.435  -6.106  1.00 41.92  ? 123  MET B C   1 
ATOM   1333 O O   . MET B 1 84 ? -0.595  -7.558  -7.292  1.00 42.49  ? 123  MET B O   1 
ATOM   1334 C CB  . MET B 1 84 ? -0.110  -5.583  -4.671  1.00 33.86  ? 123  MET B CB  1 
ATOM   1335 C CG  . MET B 1 84 ? -0.008  -4.073  -4.549  1.00 31.42  ? 123  MET B CG  1 
ATOM   1336 S SD  . MET B 1 84 ? 1.290   -3.620  -3.392  1.00 31.78  ? 123  MET B SD  1 
ATOM   1337 C CE  . MET B 1 84 ? 2.793   -3.812  -4.438  1.00 30.75  ? 123  MET B CE  1 
ATOM   1338 N N   . VAL B 1 85 ? -0.970  -8.462  -5.264  1.00 33.54  ? 124  VAL B N   1 
ATOM   1339 C CA  . VAL B 1 85 ? -0.622  -9.794  -5.735  1.00 36.08  ? 124  VAL B CA  1 
ATOM   1340 C C   . VAL B 1 85 ? -1.663  -10.414 -6.671  1.00 36.78  ? 124  VAL B C   1 
ATOM   1341 O O   . VAL B 1 85 ? -1.315  -11.191 -7.560  1.00 35.99  ? 124  VAL B O   1 
ATOM   1342 C CB  . VAL B 1 85 ? -0.318  -10.751 -4.555  1.00 35.66  ? 124  VAL B CB  1 
ATOM   1343 C CG1 . VAL B 1 85 ? 1.003   -10.343 -3.907  1.00 37.16  ? 124  VAL B CG1 1 
ATOM   1344 C CG2 . VAL B 1 85 ? -1.443  -10.733 -3.534  1.00 34.00  ? 124  VAL B CG2 1 
ATOM   1345 N N   . GLU B 1 86 ? -2.933  -10.067 -6.494  1.00 54.40  ? 125  GLU B N   1 
ATOM   1346 C CA  . GLU B 1 86 ? -3.959  -10.611 -7.375  1.00 56.21  ? 125  GLU B CA  1 
ATOM   1347 C C   . GLU B 1 86 ? -3.797  -10.000 -8.756  1.00 56.30  ? 125  GLU B C   1 
ATOM   1348 O O   . GLU B 1 86 ? -3.976  -10.680 -9.767  1.00 57.36  ? 125  GLU B O   1 
ATOM   1349 C CB  . GLU B 1 86 ? -5.360  -10.308 -6.846  1.00 55.12  ? 125  GLU B CB  1 
ATOM   1350 C CG  . GLU B 1 86 ? -5.626  -10.884 -5.480  1.00 56.14  ? 125  GLU B CG  1 
ATOM   1351 C CD  . GLU B 1 86 ? -7.079  -10.797 -5.081  1.00 58.65  ? 125  GLU B CD  1 
ATOM   1352 O OE1 . GLU B 1 86 ? -7.720  -9.759  -5.361  1.00 59.42  ? 125  GLU B OE1 1 
ATOM   1353 O OE2 . GLU B 1 86 ? -7.575  -11.767 -4.472  1.00 59.61  ? 125  GLU B OE2 1 
ATOM   1354 N N   . THR B 1 87 ? -3.451  -8.716  -8.799  1.00 44.17  ? 126  THR B N   1 
ATOM   1355 C CA  . THR B 1 87 ? -3.269  -8.039  -10.072 1.00 42.71  ? 126  THR B CA  1 
ATOM   1356 C C   . THR B 1 87 ? -2.033  -8.547  -10.780 1.00 42.94  ? 126  THR B C   1 
ATOM   1357 O O   . THR B 1 87 ? -2.048  -8.780  -11.992 1.00 44.54  ? 126  THR B O   1 
ATOM   1358 C CB  . THR B 1 87 ? -3.132  -6.539  -9.891  1.00 44.24  ? 126  THR B CB  1 
ATOM   1359 O OG1 . THR B 1 87 ? -4.212  -6.066  -9.084  1.00 44.23  ? 126  THR B OG1 1 
ATOM   1360 C CG2 . THR B 1 87 ? -3.185  -5.835  -11.247 1.00 45.60  ? 126  THR B CG2 1 
ATOM   1361 N N   . ILE B 1 88 ? -0.953  -8.716  -10.026 1.00 37.74  ? 127  ILE B N   1 
ATOM   1362 C CA  . ILE B 1 88 ? 0.283   -9.210  -10.610 1.00 36.76  ? 127  ILE B CA  1 
ATOM   1363 C C   . ILE B 1 88 ? 0.095   -10.673 -11.017 1.00 37.67  ? 127  ILE B C   1 
ATOM   1364 O O   . ILE B 1 88 ? 0.662   -11.124 -12.014 1.00 36.87  ? 127  ILE B O   1 
ATOM   1365 C CB  . ILE B 1 88 ? 1.458   -9.087  -9.617  1.00 32.68  ? 127  ILE B CB  1 
ATOM   1366 C CG1 . ILE B 1 88 ? 1.805   -7.602  -9.411  1.00 33.26  ? 127  ILE B CG1 1 
ATOM   1367 C CG2 . ILE B 1 88 ? 2.662   -9.861  -10.135 1.00 29.85  ? 127  ILE B CG2 1 
ATOM   1368 C CD1 . ILE B 1 88 ? 2.798   -7.331  -8.303  1.00 46.08  ? 127  ILE B CD1 1 
ATOM   1369 N N   . ALA B 1 89 ? -0.698  -11.415 -10.252 1.00 37.20  ? 128  ALA B N   1 
ATOM   1370 C CA  . ALA B 1 89 ? -0.944  -12.811 -10.599 1.00 40.45  ? 128  ALA B CA  1 
ATOM   1371 C C   . ALA B 1 89 ? -1.734  -12.825 -11.907 1.00 41.27  ? 128  ALA B C   1 
ATOM   1372 O O   . ALA B 1 89 ? -1.456  -13.620 -12.807 1.00 39.20  ? 128  ALA B O   1 
ATOM   1373 C CB  . ALA B 1 89 ? -1.730  -13.516 -9.494  1.00 30.36  ? 128  ALA B CB  1 
ATOM   1374 N N   . HIS B 1 90 ? -2.709  -11.927 -12.007 1.00 49.53  ? 129  HIS B N   1 
ATOM   1375 C CA  . HIS B 1 90 ? -3.536  -11.820 -13.201 1.00 52.91  ? 129  HIS B CA  1 
ATOM   1376 C C   . HIS B 1 90 ? -2.691  -11.607 -14.452 1.00 54.05  ? 129  HIS B C   1 
ATOM   1377 O O   . HIS B 1 90 ? -2.934  -12.231 -15.486 1.00 55.15  ? 129  HIS B O   1 
ATOM   1378 C CB  . HIS B 1 90 ? -4.525  -10.665 -13.063 1.00 79.51  ? 129  HIS B CB  1 
ATOM   1379 C CG  . HIS B 1 90 ? -5.390  -10.469 -14.269 1.00 85.53  ? 129  HIS B CG  1 
ATOM   1380 N ND1 . HIS B 1 90 ? -6.283  -11.425 -14.707 1.00 87.80  ? 129  HIS B ND1 1 
ATOM   1381 C CD2 . HIS B 1 90 ? -5.489  -9.435  -15.136 1.00 87.50  ? 129  HIS B CD2 1 
ATOM   1382 C CE1 . HIS B 1 90 ? -6.896  -10.986 -15.791 1.00 89.98  ? 129  HIS B CE1 1 
ATOM   1383 N NE2 . HIS B 1 90 ? -6.432  -9.782  -16.074 1.00 90.60  ? 129  HIS B NE2 1 
ATOM   1384 N N   . HIS B 1 91 ? -1.709  -10.715 -14.363 1.00 53.00  ? 130  HIS B N   1 
ATOM   1385 C CA  . HIS B 1 91 ? -0.839  -10.439 -15.501 1.00 52.50  ? 130  HIS B CA  1 
ATOM   1386 C C   . HIS B 1 91 ? 0.112   -11.590 -15.765 1.00 52.75  ? 130  HIS B C   1 
ATOM   1387 O O   . HIS B 1 91 ? 0.532   -11.799 -16.900 1.00 53.67  ? 130  HIS B O   1 
ATOM   1388 C CB  . HIS B 1 91 ? -0.010  -9.178  -15.258 1.00 49.95  ? 130  HIS B CB  1 
ATOM   1389 C CG  . HIS B 1 91 ? -0.797  -7.911  -15.338 1.00 48.19  ? 130  HIS B CG  1 
ATOM   1390 N ND1 . HIS B 1 91 ? -0.785  -6.966  -14.336 1.00 48.99  ? 130  HIS B ND1 1 
ATOM   1391 C CD2 . HIS B 1 91 ? -1.616  -7.431  -16.298 1.00 47.05  ? 130  HIS B CD2 1 
ATOM   1392 C CE1 . HIS B 1 91 ? -1.568  -5.958  -14.674 1.00 46.80  ? 130  HIS B CE1 1 
ATOM   1393 N NE2 . HIS B 1 91 ? -2.083  -6.214  -15.861 1.00 47.47  ? 130  HIS B NE2 1 
ATOM   1394 N N   . GLN B 1 92 ? 0.474   -12.326 -14.718 1.00 47.72  ? 131  GLN B N   1 
ATOM   1395 C CA  . GLN B 1 92 ? 1.393   -13.438 -14.894 1.00 48.43  ? 131  GLN B CA  1 
ATOM   1396 C C   . GLN B 1 92 ? 0.724   -14.575 -15.639 1.00 49.72  ? 131  GLN B C   1 
ATOM   1397 O O   . GLN B 1 92 ? 1.347   -15.224 -16.478 1.00 48.35  ? 131  GLN B O   1 
ATOM   1398 C CB  . GLN B 1 92 ? 1.902   -13.948 -13.550 1.00 46.43  ? 131  GLN B CB  1 
ATOM   1399 C CG  . GLN B 1 92 ? 2.813   -15.156 -13.675 1.00 45.76  ? 131  GLN B CG  1 
ATOM   1400 C CD  . GLN B 1 92 ? 3.886   -14.970 -14.735 1.00 47.60  ? 131  GLN B CD  1 
ATOM   1401 O OE1 . GLN B 1 92 ? 3.911   -15.693 -15.734 1.00 48.81  ? 131  GLN B OE1 1 
ATOM   1402 N NE2 . GLN B 1 92 ? 4.771   -13.998 -14.529 1.00 43.46  ? 131  GLN B NE2 1 
ATOM   1403 N N   . VAL B 1 93 ? -0.544  -14.823 -15.326 1.00 57.04  ? 132  VAL B N   1 
ATOM   1404 C CA  . VAL B 1 93 ? -1.272  -15.886 -15.990 1.00 59.17  ? 132  VAL B CA  1 
ATOM   1405 C C   . VAL B 1 93 ? -1.344  -15.533 -17.474 1.00 61.42  ? 132  VAL B C   1 
ATOM   1406 O O   . VAL B 1 93 ? -1.142  -16.394 -18.338 1.00 61.34  ? 132  VAL B O   1 
ATOM   1407 C CB  . VAL B 1 93 ? -2.697  -16.039 -15.414 1.00 63.58  ? 132  VAL B CB  1 
ATOM   1408 C CG1 . VAL B 1 93 ? -3.390  -17.205 -16.072 1.00 63.61  ? 132  VAL B CG1 1 
ATOM   1409 C CG2 . VAL B 1 93 ? -2.633  -16.264 -13.916 1.00 61.01  ? 132  VAL B CG2 1 
ATOM   1410 N N   . ASP B 1 94 ? -1.620  -14.262 -17.766 1.00 63.13  ? 133  ASP B N   1 
ATOM   1411 C CA  . ASP B 1 94 ? -1.683  -13.803 -19.148 1.00 63.19  ? 133  ASP B CA  1 
ATOM   1412 C C   . ASP B 1 94 ? -0.371  -14.172 -19.820 1.00 64.96  ? 133  ASP B C   1 
ATOM   1413 O O   . ASP B 1 94 ? -0.349  -14.843 -20.849 1.00 65.38  ? 133  ASP B O   1 
ATOM   1414 C CB  . ASP B 1 94 ? -1.877  -12.286 -19.213 1.00 57.72  ? 133  ASP B CB  1 
ATOM   1415 C CG  . ASP B 1 94 ? -3.248  -11.854 -18.744 1.00 59.53  ? 133  ASP B CG  1 
ATOM   1416 O OD1 . ASP B 1 94 ? -3.561  -10.645 -18.812 1.00 58.99  ? 133  ASP B OD1 1 
ATOM   1417 O OD2 . ASP B 1 94 ? -4.015  -12.733 -18.303 1.00 60.13  ? 133  ASP B OD2 1 
ATOM   1418 N N   . ILE B 1 95 ? 0.727   -13.734 -19.219 1.00 52.19  ? 134  ILE B N   1 
ATOM   1419 C CA  . ILE B 1 95 ? 2.047   -14.015 -19.758 1.00 54.95  ? 134  ILE B CA  1 
ATOM   1420 C C   . ILE B 1 95 ? 2.267   -15.512 -19.924 1.00 57.36  ? 134  ILE B C   1 
ATOM   1421 O O   . ILE B 1 95 ? 3.063   -15.930 -20.766 1.00 58.11  ? 134  ILE B O   1 
ATOM   1422 C CB  . ILE B 1 95 ? 3.152   -13.433 -18.854 1.00 48.35  ? 134  ILE B CB  1 
ATOM   1423 C CG1 . ILE B 1 95 ? 3.000   -11.908 -18.780 1.00 48.95  ? 134  ILE B CG1 1 
ATOM   1424 C CG2 . ILE B 1 95 ? 4.531   -13.814 -19.391 1.00 47.55  ? 134  ILE B CG2 1 
ATOM   1425 C CD1 . ILE B 1 95 ? 3.907   -11.220 -17.747 1.00 47.43  ? 134  ILE B CD1 1 
ATOM   1426 N N   . ASP B 1 96 ? 1.574   -16.317 -19.120 1.00 76.50  ? 135  ASP B N   1 
ATOM   1427 C CA  . ASP B 1 96 ? 1.711   -17.766 -19.218 1.00 80.71  ? 135  ASP B CA  1 
ATOM   1428 C C   . ASP B 1 96 ? 1.045   -18.232 -20.505 1.00 84.56  ? 135  ASP B C   1 
ATOM   1429 O O   . ASP B 1 96 ? 1.268   -19.356 -20.958 1.00 85.45  ? 135  ASP B O   1 
ATOM   1430 C CB  . ASP B 1 96 ? 1.070   -18.480 -18.019 1.00 79.71  ? 135  ASP B CB  1 
ATOM   1431 C CG  . ASP B 1 96 ? 1.904   -18.369 -16.749 1.00 78.75  ? 135  ASP B CG  1 
ATOM   1432 O OD1 . ASP B 1 96 ? 3.146   -18.272 -16.851 1.00 77.19  ? 135  ASP B OD1 1 
ATOM   1433 O OD2 . ASP B 1 96 ? 1.318   -18.399 -15.646 1.00 77.40  ? 135  ASP B OD2 1 
ATOM   1434 N N   . SER B 1 97 ? 0.226   -17.363 -21.088 1.00 88.34  ? 136  SER B N   1 
ATOM   1435 C CA  . SER B 1 97 ? -0.449  -17.683 -22.338 1.00 92.59  ? 136  SER B CA  1 
ATOM   1436 C C   . SER B 1 97 ? 0.548   -17.601 -23.492 1.00 95.95  ? 136  SER B C   1 
ATOM   1437 O O   . SER B 1 97 ? 0.239   -17.958 -24.630 1.00 95.76  ? 136  SER B O   1 
ATOM   1438 C CB  . SER B 1 97 ? -1.620  -16.730 -22.579 1.00 75.96  ? 136  SER B CB  1 
ATOM   1439 O OG  . SER B 1 97 ? -2.663  -16.982 -21.652 1.00 76.27  ? 136  SER B OG  1 
ATOM   1440 N N   . GLU B 1 98 ? 1.737   -17.104 -23.161 1.00 124.10 ? 137  GLU B N   1 
ATOM   1441 C CA  . GLU B 1 98 ? 2.907   -17.076 -24.032 1.00 124.31 ? 137  GLU B CA  1 
ATOM   1442 C C   . GLU B 1 98 ? 3.924   -18.198 -23.823 1.00 124.08 ? 137  GLU B C   1 
ATOM   1443 O O   . GLU B 1 98 ? 4.060   -19.039 -24.739 1.00 196.83 ? 137  GLU B O   1 
ATOM   1444 C CB  . GLU B 1 98 ? 3.585   -15.717 -23.881 1.00 133.87 ? 137  GLU B CB  1 
ATOM   1445 C CG  . GLU B 1 98 ? 2.622   -14.555 -24.073 1.00 133.65 ? 137  GLU B CG  1 
ATOM   1446 C CD  . GLU B 1 98 ? 3.099   -13.273 -23.420 1.00 133.92 ? 137  GLU B CD  1 
ATOM   1447 O OE1 . GLU B 1 98 ? 2.373   -12.261 -23.501 1.00 134.07 ? 137  GLU B OE1 1 
ATOM   1448 O OE2 . GLU B 1 98 ? 4.193   -13.277 -22.826 1.00 134.11 ? 137  GLU B OE2 1 
ATOM   1449 N N   . VAL B 1 99 ? 4.576   -18.221 -22.757 1.00 133.89 ? 138  VAL B N   1 
HETATM 1450 O O   . HOH C 2 .  ? -18.221 22.239  20.305  1.00 82.54  ? 2001 HOH A O   1 
HETATM 1451 O O   . HOH C 2 .  ? -8.074  22.362  7.776   1.00 52.96  ? 2002 HOH A O   1 
HETATM 1452 O O   . HOH C 2 .  ? -2.077  24.238  11.055  1.00 49.78  ? 2003 HOH A O   1 
HETATM 1453 O O   . HOH C 2 .  ? -5.889  16.581  7.280   1.00 48.18  ? 2004 HOH A O   1 
HETATM 1454 O O   . HOH C 2 .  ? -2.894  25.899  4.505   1.00 30.27  ? 2005 HOH A O   1 
HETATM 1455 O O   . HOH C 2 .  ? 2.843   19.954  9.007   1.00 55.43  ? 2006 HOH A O   1 
HETATM 1456 O O   . HOH C 2 .  ? -0.964  25.848  13.666  1.00 60.34  ? 2007 HOH A O   1 
HETATM 1457 O O   . HOH C 2 .  ? -4.169  12.821  7.903   1.00 61.82  ? 2008 HOH A O   1 
HETATM 1458 O O   . HOH C 2 .  ? -4.030  14.541  5.958   1.00 59.18  ? 2009 HOH A O   1 
HETATM 1459 O O   . HOH C 2 .  ? 1.624   22.587  8.435   1.00 62.99  ? 2010 HOH A O   1 
HETATM 1460 O O   . HOH C 2 .  ? 8.196   5.049   -11.152 1.00 64.85  ? 2011 HOH A O   1 
HETATM 1461 O O   . HOH C 2 .  ? 16.462  -6.507  -9.711  1.00 30.27  ? 2012 HOH A O   1 
HETATM 1462 O O   . HOH C 2 .  ? 15.910  -3.654  0.230   1.00 76.75  ? 2013 HOH A O   1 
HETATM 1463 O O   . HOH C 2 .  ? 4.311   8.424   -4.082  1.00 54.87  ? 2014 HOH A O   1 
HETATM 1464 O O   . HOH C 2 .  ? 4.701   2.588   -10.992 1.00 50.59  ? 2015 HOH A O   1 
HETATM 1465 O O   . HOH C 2 .  ? 2.421   7.470   -7.130  1.00 58.78  ? 2016 HOH A O   1 
HETATM 1466 O O   . HOH C 2 .  ? 5.395   7.451   -7.692  1.00 64.17  ? 2017 HOH A O   1 
HETATM 1467 O O   . HOH C 2 .  ? 8.437   6.147   -8.897  1.00 43.02  ? 2018 HOH A O   1 
HETATM 1468 O O   . HOH C 2 .  ? 12.497  -1.184  -2.252  1.00 48.55  ? 2019 HOH A O   1 
HETATM 1469 O O   . HOH C 2 .  ? 7.324   2.140   -10.199 1.00 50.88  ? 2020 HOH A O   1 
HETATM 1470 O O   . HOH C 2 .  ? 13.485  1.343   -5.535  1.00 48.51  ? 2021 HOH A O   1 
HETATM 1471 O O   . HOH C 2 .  ? 15.562  -2.476  -7.073  1.00 49.04  ? 2022 HOH A O   1 
HETATM 1472 O O   . HOH C 2 .  ? 14.731  -10.630 -6.766  1.00 58.24  ? 2023 HOH A O   1 
HETATM 1473 O O   . HOH C 2 .  ? 16.577  -8.609  -6.424  1.00 72.83  ? 2024 HOH A O   1 
HETATM 1474 O O   . HOH C 2 .  ? 15.741  -4.952  -7.006  1.00 68.27  ? 2025 HOH A O   1 
HETATM 1475 O O   . HOH C 2 .  ? 15.847  -6.306  -0.661  1.00 69.02  ? 2026 HOH A O   1 
HETATM 1476 O O   . HOH C 2 .  ? 13.128  -4.064  -2.017  1.00 58.48  ? 2027 HOH A O   1 
HETATM 1477 O O   . HOH C 2 .  ? 16.063  -3.355  -3.912  1.00 56.97  ? 2028 HOH A O   1 
HETATM 1478 O O   . HOH C 2 .  ? 12.250  -12.619 -5.114  1.00 52.41  ? 2029 HOH A O   1 
HETATM 1479 O O   . HOH C 2 .  ? 10.042  -13.219 -0.992  1.00 64.00  ? 2030 HOH A O   1 
HETATM 1480 O O   . HOH C 2 .  ? 15.705  -8.705  -10.822 1.00 70.81  ? 2031 HOH A O   1 
HETATM 1481 O O   . HOH C 2 .  ? 15.849  -4.886  -11.248 1.00 63.09  ? 2032 HOH A O   1 
HETATM 1482 O O   . HOH C 2 .  ? 11.296  -12.762 -14.765 1.00 59.21  ? 2033 HOH A O   1 
HETATM 1483 O O   . HOH C 2 .  ? 10.599  -12.095 -17.231 1.00 54.02  ? 2034 HOH A O   1 
HETATM 1484 O O   . HOH C 2 .  ? 9.301   3.487   -15.086 1.00 61.56  ? 2035 HOH A O   1 
HETATM 1485 O O   . HOH C 2 .  ? 8.373   2.694   -13.027 1.00 64.45  ? 2036 HOH A O   1 
HETATM 1486 O O   . HOH C 2 .  ? 9.123   -1.219  -18.652 1.00 68.14  ? 2037 HOH A O   1 
HETATM 1487 O O   . HOH C 2 .  ? -5.627  -3.832  -13.074 1.00 63.30  ? 2038 HOH A O   1 
HETATM 1488 O O   . HOH C 2 .  ? -5.859  7.718   -0.742  1.00 61.71  ? 2039 HOH A O   1 
HETATM 1489 O O   . HOH C 2 .  ? -4.427  15.089  3.551   1.00 66.76  ? 2040 HOH A O   1 
HETATM 1490 O O   . HOH C 2 .  ? -6.823  9.062   5.380   1.00 64.85  ? 2041 HOH A O   1 
HETATM 1491 O O   . HOH C 2 .  ? -6.640  8.428   1.807   1.00 67.35  ? 2042 HOH A O   1 
HETATM 1492 O O   . HOH C 2 .  ? 7.354   15.552  18.110  1.00 61.82  ? 2043 HOH A O   1 
HETATM 1493 O O   . HOH D 2 .  ? -20.010 -25.410 -20.783 1.00 76.08  ? 2001 HOH B O   1 
HETATM 1494 O O   . HOH D 2 .  ? -14.868 -20.942 -21.251 1.00 73.40  ? 2002 HOH B O   1 
HETATM 1495 O O   . HOH D 2 .  ? -8.429  -19.737 -20.230 1.00 59.75  ? 2003 HOH B O   1 
HETATM 1496 O O   . HOH D 2 .  ? -11.722 -21.856 -11.127 1.00 63.54  ? 2004 HOH B O   1 
HETATM 1497 O O   . HOH D 2 .  ? -8.670  -16.078 -9.921  1.00 64.96  ? 2005 HOH B O   1 
HETATM 1498 O O   . HOH D 2 .  ? -10.166 -24.544 -5.824  1.00 69.12  ? 2006 HOH B O   1 
HETATM 1499 O O   . HOH D 2 .  ? -5.726  -25.689 -11.419 1.00 65.68  ? 2007 HOH B O   1 
HETATM 1500 O O   . HOH D 2 .  ? -8.167  -21.488 -5.602  1.00 62.77  ? 2008 HOH B O   1 
HETATM 1501 O O   . HOH D 2 .  ? -5.029  -26.387 -5.458  1.00 30.27  ? 2009 HOH B O   1 
HETATM 1502 O O   . HOH D 2 .  ? -6.430  -8.087  7.567   1.00 63.36  ? 2010 HOH B O   1 
HETATM 1503 O O   . HOH D 2 .  ? 2.785   -12.636 6.220   1.00 65.18  ? 2011 HOH B O   1 
HETATM 1504 O O   . HOH D 2 .  ? 2.238   -8.325  10.965  1.00 70.32  ? 2012 HOH B O   1 
HETATM 1505 O O   . HOH D 2 .  ? -5.093  -6.512  10.255  1.00 62.48  ? 2013 HOH B O   1 
HETATM 1506 O O   . HOH D 2 .  ? 12.994  -5.220  1.001   1.00 53.06  ? 2014 HOH B O   1 
HETATM 1507 O O   . HOH D 2 .  ? 18.307  5.788   5.889   1.00 69.90  ? 2015 HOH B O   1 
HETATM 1508 O O   . HOH D 2 .  ? -1.710  -15.941 1.259   1.00 62.21  ? 2016 HOH B O   1 
HETATM 1509 O O   . HOH D 2 .  ? -2.760  -9.263  2.816   1.00 56.57  ? 2017 HOH B O   1 
HETATM 1510 O O   . HOH D 2 .  ? 14.855  -0.104  -3.016  1.00 60.12  ? 2018 HOH B O   1 
HETATM 1511 O O   . HOH D 2 .  ? 1.142   -9.540  3.877   1.00 69.14  ? 2019 HOH B O   1 
HETATM 1512 O O   . HOH D 2 .  ? -2.943  -7.407  9.413   1.00 68.25  ? 2020 HOH B O   1 
HETATM 1513 O O   . HOH D 2 .  ? 1.381   -3.901  10.291  1.00 54.71  ? 2021 HOH B O   1 
HETATM 1514 O O   . HOH D 2 .  ? -0.941  -8.302  5.625   1.00 54.01  ? 2022 HOH B O   1 
HETATM 1515 O O   . HOH D 2 .  ? 1.876   -9.173  7.646   1.00 53.17  ? 2023 HOH B O   1 
HETATM 1516 O O   . HOH D 2 .  ? 4.121   -5.546  10.082  1.00 30.27  ? 2024 HOH B O   1 
HETATM 1517 O O   . HOH D 2 .  ? 11.383  -6.275  7.325   1.00 49.47  ? 2025 HOH B O   1 
HETATM 1518 O O   . HOH D 2 .  ? 4.714   -8.448  9.039   1.00 44.95  ? 2026 HOH B O   1 
HETATM 1519 O O   . HOH D 2 .  ? 11.709  -3.514  3.125   1.00 47.03  ? 2027 HOH B O   1 
HETATM 1520 O O   . HOH D 2 .  ? -11.814 8.223   9.462   1.00 78.90  ? 2028 HOH B O   1 
HETATM 1521 O O   . HOH D 2 .  ? -9.275  7.553   5.623   1.00 77.02  ? 2029 HOH B O   1 
HETATM 1522 O O   . HOH D 2 .  ? 10.735  -4.263  10.395  1.00 65.21  ? 2030 HOH B O   1 
HETATM 1523 O O   . HOH D 2 .  ? 11.352  -1.672  10.221  1.00 63.64  ? 2031 HOH B O   1 
HETATM 1524 O O   . HOH D 2 .  ? 16.078  6.449   7.068   1.00 63.95  ? 2032 HOH B O   1 
HETATM 1525 O O   . HOH D 2 .  ? 15.958  1.714   -1.326  1.00 64.44  ? 2033 HOH B O   1 
HETATM 1526 O O   . HOH D 2 .  ? 13.756  16.345  0.133   1.00 62.23  ? 2034 HOH B O   1 
HETATM 1527 O O   . HOH D 2 .  ? 14.384  8.317   6.119   1.00 51.10  ? 2035 HOH B O   1 
HETATM 1528 O O   . HOH D 2 .  ? 8.707   1.584   12.959  1.00 62.82  ? 2036 HOH B O   1 
HETATM 1529 O O   . HOH D 2 .  ? 1.981   -5.423  14.506  1.00 68.26  ? 2037 HOH B O   1 
HETATM 1530 O O   . HOH D 2 .  ? 7.418   -1.646  15.287  1.00 68.18  ? 2038 HOH B O   1 
HETATM 1531 O O   . HOH D 2 .  ? -6.069  5.169   10.956  1.00 30.27  ? 2039 HOH B O   1 
HETATM 1532 O O   . HOH D 2 .  ? -5.549  -4.619  11.774  1.00 78.40  ? 2040 HOH B O   1 
HETATM 1533 O O   . HOH D 2 .  ? -12.544 1.623   10.721  1.00 67.24  ? 2041 HOH B O   1 
HETATM 1534 O O   . HOH D 2 .  ? -10.827 5.878   10.387  1.00 74.04  ? 2042 HOH B O   1 
HETATM 1535 O O   . HOH D 2 .  ? -11.462 -0.753  10.464  1.00 62.23  ? 2043 HOH B O   1 
HETATM 1536 O O   . HOH D 2 .  ? -8.816  6.809   2.725   1.00 69.50  ? 2044 HOH B O   1 
HETATM 1537 O O   . HOH D 2 .  ? -6.639  -0.670  1.138   1.00 63.31  ? 2045 HOH B O   1 
HETATM 1538 O O   . HOH D 2 .  ? -6.625  -8.012  -12.500 1.00 69.70  ? 2046 HOH B O   1 
HETATM 1539 O O   . HOH D 2 .  ? -6.375  -11.754 -18.508 1.00 80.40  ? 2047 HOH B O   1 
HETATM 1540 O O   . HOH D 2 .  ? 3.450   -18.782 -13.195 1.00 76.56  ? 2048 HOH B O   1 
# 
